data_4OW2
#
_entry.id   4OW2
#
_cell.length_a   210.847
_cell.length_b   126.290
_cell.length_c   139.933
_cell.angle_alpha   90.00
_cell.angle_beta   118.26
_cell.angle_gamma   90.00
#
_symmetry.space_group_name_H-M   'C 1 2 1'
#
loop_
_entity.id
_entity.type
_entity.pdbx_description
1 polymer 'Yop effector YopM'
2 water water
#
_entity_poly.entity_id   1
_entity_poly.type   'polypeptide(L)'
_entity_poly.pdbx_seq_one_letter_code
;KSKTEYYNAWSEWERNAPPGNGEQREMAVSRLRDCLDRQAHELELNNLGLSSLPELPPHLERLVASCNSLTELPELPQSL
KSLEVYENNLKALPDLPPLLVDLRVFNNQLEELPELQNLPFLTEIYANNNSLKTLPDLPPSLVDLNVRENYLTALPELPQ
SLIFLDISDNILSGLSELPPNLSCLDASRNGIRSLCDLPPSLVYLDVRDNQLIELPALPSGLERLIASFNHLAELPELPP
NLYYLDASRNEISSLCDLPPSLVDLNVRKNQLIELPALPPDLERLIASFNHLAELPELPPNLSYLDASRNEISSLCDLPP
SLVDLNVRKNQLIELPALPPDLERLIASFNHLAELPELPPNLSYLDASRNEISSLCDLPPSLVELDVRDNQLIELPALPP
HLERLIASLNHLAEVPELPQNLKQLHVEHNALREFPDIPESVEDLRMD
;
_entity_poly.pdbx_strand_id   A,B,C,D
#
# COMPACT_ATOMS: atom_id res chain seq x y z
N LYS A 1 -7.14 -33.80 25.09
CA LYS A 1 -8.25 -32.92 25.58
C LYS A 1 -9.62 -33.41 25.12
N SER A 2 -10.63 -33.23 25.98
CA SER A 2 -12.02 -33.49 25.64
C SER A 2 -12.58 -32.32 24.82
N LYS A 3 -13.82 -32.45 24.37
CA LYS A 3 -14.44 -31.45 23.50
C LYS A 3 -14.65 -30.08 24.17
N THR A 4 -15.20 -30.08 25.38
CA THR A 4 -15.47 -28.82 26.08
C THR A 4 -14.21 -28.16 26.63
N GLU A 5 -13.10 -28.91 26.71
CA GLU A 5 -11.82 -28.33 27.10
C GLU A 5 -11.31 -27.38 26.01
N TYR A 6 -11.54 -27.75 24.75
CA TYR A 6 -11.22 -26.88 23.61
C TYR A 6 -12.14 -25.66 23.57
N TYR A 7 -13.43 -25.88 23.80
CA TYR A 7 -14.41 -24.79 23.81
C TYR A 7 -14.02 -23.69 24.80
N ASN A 8 -13.45 -24.09 25.94
CA ASN A 8 -12.98 -23.14 26.95
C ASN A 8 -11.77 -22.35 26.48
N ALA A 9 -10.75 -23.08 26.02
CA ALA A 9 -9.52 -22.47 25.54
C ALA A 9 -9.76 -21.46 24.42
N TRP A 10 -10.74 -21.77 23.55
CA TRP A 10 -11.07 -20.89 22.42
C TRP A 10 -11.92 -19.69 22.81
N SER A 11 -12.81 -19.86 23.79
CA SER A 11 -13.58 -18.73 24.32
C SER A 11 -12.71 -17.83 25.18
N GLU A 12 -11.67 -18.40 25.80
CA GLU A 12 -10.71 -17.61 26.56
C GLU A 12 -9.84 -16.78 25.62
N TRP A 13 -9.36 -17.41 24.55
CA TRP A 13 -8.58 -16.74 23.52
C TRP A 13 -9.40 -15.64 22.82
N GLU A 14 -10.72 -15.84 22.72
CA GLU A 14 -11.63 -14.87 22.11
C GLU A 14 -11.71 -13.57 22.91
N ARG A 15 -11.48 -13.64 24.21
CA ARG A 15 -11.46 -12.46 25.08
C ARG A 15 -10.10 -11.77 25.13
N ASN A 16 -9.01 -12.50 24.87
CA ASN A 16 -7.69 -11.88 24.90
C ASN A 16 -7.41 -10.93 23.71
N ALA A 17 -8.36 -10.84 22.77
CA ALA A 17 -8.45 -9.64 21.95
C ALA A 17 -9.14 -8.54 22.75
N PRO A 18 -8.48 -7.37 22.88
CA PRO A 18 -9.12 -6.29 23.63
C PRO A 18 -10.42 -5.84 22.93
N PRO A 19 -11.48 -5.60 23.72
CA PRO A 19 -12.79 -5.19 23.18
C PRO A 19 -12.67 -3.92 22.33
N GLY A 20 -12.91 -4.07 21.02
CA GLY A 20 -12.77 -2.98 20.05
C GLY A 20 -11.42 -3.03 19.36
N ASN A 21 -11.28 -3.88 18.36
CA ASN A 21 -10.10 -3.85 17.50
C ASN A 21 -10.50 -4.54 16.16
N GLY A 22 -9.53 -4.88 15.30
CA GLY A 22 -9.84 -5.35 13.94
C GLY A 22 -9.95 -6.86 13.78
N GLU A 23 -9.75 -7.57 14.88
CA GLU A 23 -9.65 -9.03 14.83
C GLU A 23 -11.04 -9.68 14.85
N GLN A 24 -11.27 -10.61 13.93
CA GLN A 24 -12.53 -11.32 13.87
C GLN A 24 -12.47 -12.66 14.62
N ARG A 25 -12.08 -12.62 15.89
CA ARG A 25 -11.91 -13.83 16.69
C ARG A 25 -13.22 -14.60 16.88
N GLU A 26 -14.34 -13.89 16.93
CA GLU A 26 -15.65 -14.54 17.10
C GLU A 26 -16.00 -15.40 15.88
N MET A 27 -15.65 -14.91 14.69
CA MET A 27 -15.80 -15.68 13.45
C MET A 27 -14.86 -16.89 13.41
N ALA A 28 -13.66 -16.72 13.97
CA ALA A 28 -12.64 -17.77 14.00
C ALA A 28 -13.02 -18.92 14.92
N VAL A 29 -13.50 -18.60 16.11
CA VAL A 29 -13.92 -19.61 17.09
C VAL A 29 -15.14 -20.34 16.53
N SER A 30 -15.97 -19.65 15.78
CA SER A 30 -17.11 -20.28 15.12
C SER A 30 -16.64 -21.40 14.18
N ARG A 31 -15.60 -21.12 13.42
CA ARG A 31 -15.03 -22.09 12.49
C ARG A 31 -14.26 -23.21 13.20
N LEU A 32 -13.58 -22.87 14.30
CA LEU A 32 -12.83 -23.86 15.08
C LEU A 32 -13.75 -24.91 15.65
N ARG A 33 -14.90 -24.47 16.13
CA ARG A 33 -15.91 -25.38 16.69
C ARG A 33 -16.59 -26.19 15.60
N ASP A 34 -16.98 -25.54 14.52
CA ASP A 34 -17.57 -26.23 13.37
C ASP A 34 -16.63 -27.31 12.85
N CYS A 35 -15.34 -27.00 12.85
CA CYS A 35 -14.30 -27.94 12.40
C CYS A 35 -14.17 -29.13 13.36
N LEU A 36 -14.21 -28.85 14.66
CA LEU A 36 -14.11 -29.90 15.69
C LEU A 36 -15.35 -30.77 15.74
N ASP A 37 -16.52 -30.14 15.77
CA ASP A 37 -17.82 -30.82 15.75
C ASP A 37 -17.92 -31.81 14.57
N ARG A 38 -17.59 -31.37 13.37
CA ARG A 38 -17.73 -32.21 12.17
C ARG A 38 -16.47 -33.01 11.80
N GLN A 39 -15.42 -32.94 12.62
CA GLN A 39 -14.15 -33.61 12.34
C GLN A 39 -13.65 -33.31 10.93
N ALA A 40 -13.76 -32.06 10.52
CA ALA A 40 -13.45 -31.66 9.15
C ALA A 40 -11.95 -31.72 8.90
N HIS A 41 -11.58 -31.90 7.64
CA HIS A 41 -10.17 -32.05 7.26
C HIS A 41 -9.50 -30.67 7.21
N GLU A 42 -10.20 -29.72 6.61
CA GLU A 42 -9.69 -28.36 6.43
C GLU A 42 -10.17 -27.41 7.52
N LEU A 43 -9.35 -26.41 7.81
CA LEU A 43 -9.73 -25.27 8.65
C LEU A 43 -9.13 -24.02 8.05
N GLU A 44 -9.97 -23.12 7.53
CA GLU A 44 -9.46 -21.88 6.93
C GLU A 44 -9.84 -20.67 7.79
N LEU A 45 -8.82 -19.91 8.18
CA LEU A 45 -8.95 -18.75 9.04
C LEU A 45 -8.28 -17.54 8.41
N ASN A 46 -8.23 -17.49 7.09
CA ASN A 46 -7.50 -16.42 6.41
C ASN A 46 -8.33 -15.15 6.28
N ASN A 47 -7.65 -14.01 6.24
CA ASN A 47 -8.28 -12.67 6.17
C ASN A 47 -9.20 -12.36 7.35
N LEU A 48 -8.77 -12.74 8.54
CA LEU A 48 -9.52 -12.40 9.76
C LEU A 48 -8.72 -11.49 10.69
N GLY A 49 -7.49 -11.12 10.31
CA GLY A 49 -6.67 -10.19 11.08
C GLY A 49 -6.26 -10.67 12.46
N LEU A 50 -5.83 -11.92 12.55
CA LEU A 50 -5.49 -12.51 13.84
C LEU A 50 -4.04 -12.20 14.17
N SER A 51 -3.77 -11.93 15.45
CA SER A 51 -2.41 -11.74 15.94
C SER A 51 -1.81 -13.05 16.45
N SER A 52 -2.68 -14.00 16.79
CA SER A 52 -2.25 -15.31 17.28
C SER A 52 -3.33 -16.35 17.00
N LEU A 53 -2.99 -17.62 17.19
CA LEU A 53 -3.97 -18.72 17.10
C LEU A 53 -3.97 -19.52 18.40
N PRO A 54 -5.13 -20.07 18.79
CA PRO A 54 -5.19 -20.91 19.98
C PRO A 54 -4.82 -22.33 19.65
N GLU A 55 -4.86 -23.23 20.64
CA GLU A 55 -4.66 -24.66 20.39
C GLU A 55 -5.55 -25.09 19.23
N LEU A 56 -4.96 -25.80 18.27
CA LEU A 56 -5.67 -26.22 17.08
C LEU A 56 -6.39 -27.54 17.30
N PRO A 57 -7.52 -27.76 16.60
CA PRO A 57 -8.21 -29.04 16.73
C PRO A 57 -7.35 -30.17 16.17
N PRO A 58 -7.14 -31.24 16.95
CA PRO A 58 -6.35 -32.33 16.41
C PRO A 58 -7.15 -33.06 15.34
N HIS A 59 -6.51 -33.99 14.66
CA HIS A 59 -7.15 -34.71 13.55
C HIS A 59 -7.52 -33.80 12.38
N LEU A 60 -6.81 -32.70 12.16
CA LEU A 60 -7.01 -31.96 10.91
C LEU A 60 -5.80 -32.05 10.00
N GLU A 61 -6.08 -32.06 8.70
CA GLU A 61 -5.06 -32.29 7.69
C GLU A 61 -4.56 -31.00 7.05
N ARG A 62 -5.41 -29.98 7.01
CA ARG A 62 -5.08 -28.76 6.29
C ARG A 62 -5.41 -27.54 7.14
N LEU A 63 -4.39 -26.71 7.39
CA LEU A 63 -4.58 -25.45 8.09
C LEU A 63 -4.21 -24.30 7.17
N VAL A 64 -5.21 -23.51 6.77
CA VAL A 64 -5.00 -22.28 6.03
C VAL A 64 -5.24 -21.08 6.96
N ALA A 65 -4.21 -20.29 7.20
CA ALA A 65 -4.33 -19.10 8.04
C ALA A 65 -3.51 -17.95 7.44
N SER A 66 -3.56 -17.85 6.12
CA SER A 66 -2.79 -16.83 5.41
C SER A 66 -3.47 -15.47 5.52
N CYS A 67 -2.74 -14.41 5.15
CA CYS A 67 -3.25 -13.04 5.17
C CYS A 67 -3.80 -12.64 6.54
N ASN A 68 -3.00 -12.86 7.57
CA ASN A 68 -3.30 -12.39 8.92
C ASN A 68 -2.06 -11.68 9.44
N SER A 69 -2.00 -11.42 10.75
CA SER A 69 -0.87 -10.73 11.36
C SER A 69 -0.21 -11.60 12.43
N LEU A 70 -0.08 -12.91 12.16
CA LEU A 70 0.43 -13.86 13.14
C LEU A 70 1.91 -13.65 13.40
N THR A 71 2.31 -13.77 14.66
CA THR A 71 3.73 -13.61 15.04
C THR A 71 4.41 -14.98 15.25
N GLU A 72 3.67 -15.94 15.79
CA GLU A 72 4.12 -17.33 15.87
C GLU A 72 2.91 -18.26 15.71
N LEU A 73 3.15 -19.57 15.70
CA LEU A 73 2.07 -20.54 15.62
C LEU A 73 2.02 -21.44 16.85
N PRO A 74 0.85 -22.03 17.12
CA PRO A 74 0.76 -23.06 18.17
C PRO A 74 1.33 -24.35 17.63
N GLU A 75 1.60 -25.31 18.51
CA GLU A 75 2.11 -26.60 18.04
C GLU A 75 1.10 -27.20 17.08
N LEU A 76 1.61 -27.84 16.04
CA LEU A 76 0.79 -28.32 14.95
C LEU A 76 0.38 -29.76 15.25
N PRO A 77 -0.88 -30.11 14.95
CA PRO A 77 -1.33 -31.49 15.17
C PRO A 77 -0.60 -32.48 14.26
N GLN A 78 -0.42 -33.70 14.76
CA GLN A 78 0.34 -34.72 14.07
C GLN A 78 -0.29 -35.23 12.77
N SER A 79 -1.61 -35.07 12.65
CA SER A 79 -2.32 -35.48 11.44
C SER A 79 -2.15 -34.52 10.25
N LEU A 80 -1.45 -33.40 10.47
CA LEU A 80 -1.42 -32.29 9.52
C LEU A 80 -0.61 -32.60 8.26
N LYS A 81 -1.25 -32.43 7.11
CA LYS A 81 -0.67 -32.72 5.81
C LYS A 81 -0.23 -31.47 5.05
N SER A 82 -0.92 -30.34 5.26
CA SER A 82 -0.54 -29.08 4.60
C SER A 82 -0.67 -27.85 5.52
N LEU A 83 0.14 -26.83 5.25
CA LEU A 83 0.20 -25.61 6.05
C LEU A 83 0.31 -24.41 5.12
N GLU A 84 -0.68 -23.53 5.17
CA GLU A 84 -0.69 -22.27 4.40
C GLU A 84 -0.78 -21.09 5.36
N VAL A 85 0.36 -20.48 5.64
CA VAL A 85 0.40 -19.33 6.55
C VAL A 85 1.23 -18.21 5.94
N TYR A 86 1.03 -17.96 4.66
CA TYR A 86 1.75 -16.89 3.98
C TYR A 86 1.11 -15.55 4.28
N GLU A 87 1.85 -14.48 3.99
CA GLU A 87 1.38 -13.12 4.27
C GLU A 87 1.04 -12.97 5.75
N ASN A 88 2.05 -13.18 6.58
CA ASN A 88 1.94 -13.03 8.01
C ASN A 88 3.20 -12.36 8.54
N ASN A 89 3.38 -12.34 9.86
CA ASN A 89 4.59 -11.77 10.47
C ASN A 89 5.37 -12.82 11.26
N LEU A 90 5.40 -14.05 10.75
CA LEU A 90 6.07 -15.15 11.45
C LEU A 90 7.56 -14.96 11.44
N LYS A 91 8.16 -14.97 12.63
CA LYS A 91 9.61 -14.88 12.79
C LYS A 91 10.24 -16.28 12.82
N ALA A 92 9.44 -17.27 13.20
CA ALA A 92 9.88 -18.67 13.22
C ALA A 92 8.66 -19.61 13.16
N LEU A 93 8.91 -20.87 12.80
CA LEU A 93 7.85 -21.89 12.77
C LEU A 93 7.99 -22.85 13.93
N PRO A 94 6.90 -23.54 14.28
CA PRO A 94 7.02 -24.63 15.25
C PRO A 94 7.66 -25.84 14.58
N ASP A 95 7.91 -26.90 15.34
CA ASP A 95 8.37 -28.14 14.75
C ASP A 95 7.23 -28.70 13.89
N LEU A 96 7.60 -29.31 12.77
CA LEU A 96 6.60 -29.74 11.79
C LEU A 96 6.28 -31.23 11.91
N PRO A 97 4.99 -31.60 11.79
CA PRO A 97 4.58 -32.99 11.92
C PRO A 97 5.05 -33.88 10.76
N PRO A 98 5.14 -35.20 11.00
CA PRO A 98 5.76 -36.15 10.06
C PRO A 98 5.04 -36.33 8.72
N LEU A 99 3.72 -36.17 8.71
CA LEU A 99 2.91 -36.45 7.52
C LEU A 99 2.83 -35.29 6.53
N LEU A 100 3.57 -34.22 6.79
CA LEU A 100 3.45 -32.96 6.04
C LEU A 100 3.85 -33.10 4.58
N VAL A 101 3.13 -32.40 3.71
CA VAL A 101 3.27 -32.50 2.25
C VAL A 101 3.52 -31.14 1.59
N ASP A 102 2.70 -30.14 1.95
CA ASP A 102 2.87 -28.75 1.48
C ASP A 102 3.35 -27.86 2.59
N LEU A 103 4.26 -26.95 2.28
CA LEU A 103 4.62 -25.90 3.22
C LEU A 103 4.63 -24.56 2.48
N ARG A 104 3.64 -23.71 2.77
CA ARG A 104 3.55 -22.37 2.18
C ARG A 104 3.66 -21.33 3.28
N VAL A 105 4.84 -20.76 3.40
CA VAL A 105 5.15 -19.78 4.43
C VAL A 105 5.80 -18.53 3.84
N PHE A 106 5.54 -18.26 2.56
CA PHE A 106 6.13 -17.11 1.90
C PHE A 106 5.56 -15.82 2.45
N ASN A 107 6.28 -14.71 2.23
CA ASN A 107 5.92 -13.40 2.77
C ASN A 107 5.74 -13.43 4.28
N ASN A 108 6.86 -13.60 4.97
CA ASN A 108 6.92 -13.58 6.44
C ASN A 108 8.28 -13.01 6.84
N GLN A 109 8.62 -13.02 8.13
CA GLN A 109 9.96 -12.59 8.57
C GLN A 109 10.79 -13.77 9.09
N LEU A 110 10.62 -14.95 8.51
CA LEU A 110 11.29 -16.16 9.02
C LEU A 110 12.80 -16.03 8.92
N GLU A 111 13.47 -16.19 10.05
CA GLU A 111 14.93 -16.11 10.11
C GLU A 111 15.57 -17.50 9.96
N GLU A 112 14.82 -18.54 10.32
CA GLU A 112 15.28 -19.91 10.15
C GLU A 112 14.08 -20.81 9.81
N LEU A 113 14.34 -21.98 9.23
CA LEU A 113 13.31 -23.00 9.10
C LEU A 113 13.60 -24.15 10.08
N PRO A 114 12.55 -24.84 10.54
CA PRO A 114 12.76 -26.00 11.42
C PRO A 114 13.42 -27.17 10.67
N GLU A 115 13.78 -28.22 11.39
CA GLU A 115 14.42 -29.39 10.78
C GLU A 115 13.51 -30.04 9.73
N LEU A 116 13.98 -30.08 8.48
CA LEU A 116 13.19 -30.60 7.37
C LEU A 116 13.56 -32.01 6.91
N GLN A 117 14.77 -32.46 7.24
CA GLN A 117 15.30 -33.73 6.69
C GLN A 117 14.51 -34.99 7.06
N ASN A 118 13.63 -34.90 8.06
CA ASN A 118 12.86 -36.05 8.54
C ASN A 118 11.38 -36.02 8.18
N LEU A 119 11.02 -35.23 7.16
CA LEU A 119 9.65 -35.17 6.70
C LEU A 119 9.60 -35.76 5.28
N PRO A 120 9.54 -37.10 5.19
CA PRO A 120 9.65 -37.77 3.89
C PRO A 120 8.50 -37.52 2.93
N PHE A 121 7.33 -37.16 3.46
CA PHE A 121 6.17 -36.86 2.61
C PHE A 121 6.15 -35.43 2.05
N LEU A 122 6.95 -34.55 2.64
CA LEU A 122 7.05 -33.13 2.22
C LEU A 122 7.63 -32.99 0.82
N THR A 123 6.80 -32.60 -0.13
CA THR A 123 7.17 -32.50 -1.54
C THR A 123 7.22 -31.08 -2.12
N GLU A 124 6.70 -30.09 -1.40
CA GLU A 124 6.65 -28.70 -1.87
C GLU A 124 6.94 -27.74 -0.73
N ILE A 125 7.96 -26.90 -0.90
CA ILE A 125 8.23 -25.80 0.04
C ILE A 125 8.26 -24.47 -0.70
N TYR A 126 7.40 -23.54 -0.29
CA TYR A 126 7.43 -22.17 -0.79
C TYR A 126 7.68 -21.27 0.40
N ALA A 127 8.96 -20.95 0.59
CA ALA A 127 9.41 -20.13 1.71
C ALA A 127 10.06 -18.86 1.18
N ASN A 128 9.63 -18.45 -0.01
CA ASN A 128 10.17 -17.25 -0.65
C ASN A 128 9.73 -15.98 0.06
N ASN A 129 10.53 -14.93 -0.10
CA ASN A 129 10.29 -13.65 0.56
C ASN A 129 10.23 -13.79 2.08
N ASN A 130 11.39 -14.05 2.66
CA ASN A 130 11.57 -14.15 4.10
C ASN A 130 12.93 -13.55 4.45
N SER A 131 13.40 -13.75 5.67
CA SER A 131 14.74 -13.28 6.05
C SER A 131 15.70 -14.43 6.29
N LEU A 132 15.57 -15.49 5.51
CA LEU A 132 16.38 -16.70 5.70
C LEU A 132 17.83 -16.46 5.31
N LYS A 133 18.75 -16.67 6.25
CA LYS A 133 20.18 -16.64 5.98
C LYS A 133 20.68 -18.00 5.54
N THR A 134 19.99 -19.06 5.94
CA THR A 134 20.43 -20.43 5.65
C THR A 134 19.27 -21.44 5.63
N LEU A 135 19.43 -22.47 4.81
CA LEU A 135 18.46 -23.56 4.76
C LEU A 135 18.97 -24.77 5.52
N PRO A 136 18.11 -25.38 6.36
CA PRO A 136 18.45 -26.68 6.89
C PRO A 136 18.47 -27.74 5.78
N ASP A 137 19.02 -28.91 6.09
CA ASP A 137 19.03 -30.01 5.14
C ASP A 137 17.61 -30.40 4.76
N LEU A 138 17.40 -30.68 3.47
CA LEU A 138 16.04 -30.75 2.90
C LEU A 138 15.43 -32.15 2.97
N PRO A 139 14.11 -32.27 2.73
CA PRO A 139 13.46 -33.59 2.74
C PRO A 139 13.95 -34.49 1.62
N PRO A 140 13.92 -35.81 1.84
CA PRO A 140 14.29 -36.82 0.85
C PRO A 140 13.56 -36.73 -0.48
N SER A 141 12.26 -36.45 -0.45
CA SER A 141 11.42 -36.53 -1.65
C SER A 141 10.93 -35.17 -2.17
N LEU A 142 11.69 -34.11 -1.90
CA LEU A 142 11.29 -32.75 -2.26
C LEU A 142 11.28 -32.55 -3.77
N VAL A 143 10.13 -32.12 -4.30
CA VAL A 143 9.93 -31.91 -5.74
C VAL A 143 10.01 -30.43 -6.13
N ASP A 144 9.48 -29.56 -5.29
CA ASP A 144 9.37 -28.14 -5.61
C ASP A 144 9.97 -27.27 -4.48
N LEU A 145 10.96 -26.44 -4.80
CA LEU A 145 11.52 -25.55 -3.80
C LEU A 145 11.55 -24.10 -4.32
N ASN A 146 10.94 -23.20 -3.56
CA ASN A 146 11.04 -21.78 -3.84
C ASN A 146 11.50 -21.01 -2.62
N VAL A 147 12.68 -20.42 -2.74
CA VAL A 147 13.27 -19.66 -1.66
C VAL A 147 13.84 -18.35 -2.19
N ARG A 148 13.16 -17.78 -3.18
CA ARG A 148 13.62 -16.52 -3.76
C ARG A 148 13.38 -15.40 -2.77
N GLU A 149 14.08 -14.30 -2.95
CA GLU A 149 13.99 -13.13 -2.06
C GLU A 149 14.27 -13.51 -0.61
N ASN A 150 15.50 -13.93 -0.37
CA ASN A 150 15.99 -14.21 0.97
C ASN A 150 17.43 -13.73 1.06
N TYR A 151 18.14 -14.08 2.13
CA TYR A 151 19.54 -13.70 2.28
C TYR A 151 20.46 -14.91 2.34
N LEU A 152 20.17 -15.92 1.50
CA LEU A 152 20.98 -17.13 1.47
C LEU A 152 22.36 -16.83 0.90
N THR A 153 23.38 -17.40 1.53
CA THR A 153 24.75 -17.32 1.03
C THR A 153 25.29 -18.67 0.53
N ALA A 154 24.58 -19.75 0.82
CA ALA A 154 24.97 -21.08 0.35
C ALA A 154 23.78 -22.04 0.35
N LEU A 155 23.93 -23.17 -0.32
CA LEU A 155 22.86 -24.13 -0.50
C LEU A 155 23.22 -25.49 0.07
N PRO A 156 22.28 -26.14 0.77
CA PRO A 156 22.47 -27.54 1.16
C PRO A 156 22.45 -28.48 -0.05
N GLU A 157 22.64 -29.77 0.19
CA GLU A 157 22.55 -30.76 -0.87
C GLU A 157 21.11 -30.84 -1.36
N LEU A 158 20.93 -30.92 -2.67
CA LEU A 158 19.60 -30.97 -3.25
C LEU A 158 19.22 -32.42 -3.59
N PRO A 159 18.00 -32.83 -3.27
CA PRO A 159 17.50 -34.18 -3.57
C PRO A 159 17.51 -34.57 -5.05
N GLN A 160 17.64 -35.87 -5.31
CA GLN A 160 17.41 -36.46 -6.64
C GLN A 160 16.04 -36.07 -7.17
N SER A 161 15.06 -36.10 -6.27
CA SER A 161 13.64 -35.89 -6.59
C SER A 161 13.30 -34.48 -7.09
N LEU A 162 14.19 -33.52 -6.85
CA LEU A 162 13.93 -32.12 -7.15
C LEU A 162 13.73 -31.83 -8.63
N ILE A 163 12.66 -31.10 -8.95
CA ILE A 163 12.29 -30.77 -10.33
C ILE A 163 12.34 -29.26 -10.59
N PHE A 164 11.66 -28.49 -9.72
CA PHE A 164 11.59 -27.04 -9.85
C PHE A 164 12.35 -26.37 -8.71
N LEU A 165 13.17 -25.37 -9.03
CA LEU A 165 14.03 -24.71 -8.04
C LEU A 165 14.17 -23.22 -8.34
N ASP A 166 13.66 -22.39 -7.44
CA ASP A 166 13.81 -20.95 -7.54
C ASP A 166 14.61 -20.45 -6.35
N ILE A 167 15.81 -19.94 -6.64
CA ILE A 167 16.73 -19.44 -5.62
C ILE A 167 17.17 -18.02 -5.95
N SER A 168 16.39 -17.33 -6.77
CA SER A 168 16.75 -16.02 -7.27
C SER A 168 16.66 -14.96 -6.18
N ASP A 169 17.38 -13.86 -6.37
CA ASP A 169 17.34 -12.74 -5.46
C ASP A 169 17.80 -13.17 -4.06
N ASN A 170 19.01 -13.69 -4.01
CA ASN A 170 19.67 -14.09 -2.76
C ASN A 170 21.11 -13.56 -2.79
N ILE A 171 21.99 -14.07 -1.93
CA ILE A 171 23.40 -13.65 -1.95
C ILE A 171 24.29 -14.85 -2.27
N LEU A 172 23.89 -15.63 -3.28
CA LEU A 172 24.67 -16.78 -3.71
C LEU A 172 25.85 -16.33 -4.58
N SER A 173 26.98 -17.01 -4.42
CA SER A 173 28.17 -16.73 -5.23
C SER A 173 28.64 -17.94 -6.04
N GLY A 174 27.98 -19.07 -5.88
CA GLY A 174 28.30 -20.28 -6.63
C GLY A 174 27.21 -21.31 -6.44
N LEU A 175 27.24 -22.34 -7.29
CA LEU A 175 26.32 -23.47 -7.30
C LEU A 175 27.25 -24.67 -7.52
N SER A 176 27.32 -25.53 -6.51
CA SER A 176 28.25 -26.67 -6.51
C SER A 176 27.77 -27.79 -7.41
N GLU A 177 26.51 -28.20 -7.24
CA GLU A 177 25.90 -29.20 -8.07
C GLU A 177 24.38 -29.09 -8.03
N LEU A 178 23.80 -29.52 -9.14
CA LEU A 178 22.39 -29.65 -9.37
C LEU A 178 21.99 -31.10 -9.53
N PRO A 179 20.80 -31.49 -9.08
CA PRO A 179 20.31 -32.85 -9.27
C PRO A 179 19.98 -33.15 -10.72
N PRO A 180 19.96 -34.44 -11.09
CA PRO A 180 19.75 -34.88 -12.46
C PRO A 180 18.33 -34.77 -13.02
N ASN A 181 17.34 -34.49 -12.19
CA ASN A 181 15.95 -34.38 -12.67
C ASN A 181 15.42 -32.96 -12.79
N LEU A 182 16.22 -32.00 -12.34
CA LEU A 182 15.86 -30.58 -12.38
C LEU A 182 15.46 -30.18 -13.79
N SER A 183 14.23 -29.70 -13.97
CA SER A 183 13.74 -29.27 -15.29
C SER A 183 13.63 -27.74 -15.41
N CYS A 184 13.73 -27.04 -14.29
CA CYS A 184 13.52 -25.60 -14.31
C CYS A 184 14.27 -24.93 -13.15
N LEU A 185 15.21 -24.06 -13.49
CA LEU A 185 16.04 -23.37 -12.50
C LEU A 185 16.03 -21.87 -12.74
N ASP A 186 15.71 -21.12 -11.69
CA ASP A 186 15.84 -19.69 -11.67
C ASP A 186 16.84 -19.33 -10.58
N ALA A 187 18.02 -18.86 -10.98
CA ALA A 187 19.02 -18.35 -10.05
C ALA A 187 19.43 -16.90 -10.38
N SER A 188 18.44 -16.09 -10.76
CA SER A 188 18.66 -14.69 -11.07
C SER A 188 19.07 -13.86 -9.86
N ARG A 189 19.59 -12.67 -10.12
CA ARG A 189 19.83 -11.66 -9.07
C ARG A 189 20.60 -12.17 -7.86
N ASN A 190 21.61 -12.99 -8.12
CA ASN A 190 22.57 -13.40 -7.09
C ASN A 190 23.92 -12.77 -7.44
N GLY A 191 24.99 -13.21 -6.80
CA GLY A 191 26.35 -12.86 -7.21
C GLY A 191 27.13 -14.07 -7.72
N ILE A 192 26.43 -14.96 -8.44
CA ILE A 192 27.03 -16.22 -8.91
C ILE A 192 28.16 -15.91 -9.87
N ARG A 193 29.32 -16.54 -9.65
CA ARG A 193 30.51 -16.32 -10.47
C ARG A 193 30.81 -17.46 -11.43
N SER A 194 30.14 -18.60 -11.26
CA SER A 194 30.41 -19.78 -12.06
C SER A 194 29.34 -20.84 -11.82
N LEU A 195 28.95 -21.50 -12.89
CA LEU A 195 28.03 -22.62 -12.81
C LEU A 195 28.85 -23.85 -13.01
N CYS A 196 28.39 -24.94 -12.43
CA CYS A 196 28.96 -26.23 -12.66
C CYS A 196 27.98 -26.88 -13.62
N ASP A 197 28.10 -28.18 -13.79
CA ASP A 197 27.36 -28.87 -14.84
C ASP A 197 25.86 -28.69 -14.69
N LEU A 198 25.18 -28.57 -15.82
CA LEU A 198 23.73 -28.52 -15.88
C LEU A 198 23.22 -29.91 -16.21
N PRO A 199 22.19 -30.38 -15.51
CA PRO A 199 21.64 -31.70 -15.80
C PRO A 199 20.92 -31.73 -17.14
N PRO A 200 20.91 -32.88 -17.82
CA PRO A 200 20.30 -32.99 -19.14
C PRO A 200 18.79 -32.73 -19.12
N SER A 201 18.17 -33.02 -17.98
CA SER A 201 16.72 -32.80 -17.78
C SER A 201 16.29 -31.34 -17.81
N LEU A 202 17.25 -30.41 -17.72
CA LEU A 202 16.96 -28.98 -17.65
C LEU A 202 16.37 -28.44 -18.95
N VAL A 203 15.30 -27.66 -18.82
CA VAL A 203 14.58 -27.09 -19.99
C VAL A 203 14.37 -25.56 -19.89
N TYR A 204 14.37 -25.02 -18.68
CA TYR A 204 14.28 -23.59 -18.46
C TYR A 204 15.43 -23.18 -17.55
N LEU A 205 16.25 -22.23 -18.00
CA LEU A 205 17.38 -21.77 -17.20
C LEU A 205 17.44 -20.25 -17.22
N ASP A 206 17.38 -19.66 -16.04
CA ASP A 206 17.40 -18.22 -15.89
C ASP A 206 18.49 -17.84 -14.89
N VAL A 207 19.54 -17.23 -15.41
CA VAL A 207 20.68 -16.82 -14.58
C VAL A 207 20.95 -15.31 -14.81
N ARG A 208 19.92 -14.58 -15.24
CA ARG A 208 19.95 -13.11 -15.35
C ARG A 208 20.62 -12.45 -14.13
N ASP A 209 21.45 -11.45 -14.37
CA ASP A 209 21.94 -10.57 -13.31
C ASP A 209 22.79 -11.33 -12.28
N ASN A 210 23.85 -11.94 -12.76
CA ASN A 210 24.87 -12.57 -11.93
C ASN A 210 26.24 -12.06 -12.39
N GLN A 211 27.32 -12.80 -12.12
CA GLN A 211 28.64 -12.36 -12.54
C GLN A 211 29.42 -13.45 -13.27
N LEU A 212 28.79 -14.04 -14.28
CA LEU A 212 29.40 -15.12 -15.06
C LEU A 212 30.35 -14.58 -16.13
N ILE A 213 31.41 -15.34 -16.40
CA ILE A 213 32.30 -15.11 -17.53
C ILE A 213 31.93 -16.05 -18.68
N GLU A 214 31.45 -17.24 -18.35
CA GLU A 214 31.04 -18.22 -19.36
C GLU A 214 29.99 -19.15 -18.80
N LEU A 215 29.33 -19.90 -19.69
CA LEU A 215 28.36 -20.90 -19.28
C LEU A 215 28.93 -22.29 -19.49
N PRO A 216 28.53 -23.26 -18.66
CA PRO A 216 28.85 -24.65 -18.96
C PRO A 216 28.17 -25.12 -20.24
N ALA A 217 28.45 -26.34 -20.66
CA ALA A 217 27.77 -26.94 -21.81
C ALA A 217 26.27 -26.99 -21.50
N LEU A 218 25.45 -26.66 -22.50
CA LEU A 218 24.01 -26.61 -22.31
C LEU A 218 23.40 -27.95 -22.73
N PRO A 219 22.41 -28.45 -21.96
CA PRO A 219 21.71 -29.67 -22.34
C PRO A 219 21.04 -29.55 -23.68
N SER A 220 20.94 -30.66 -24.42
CA SER A 220 20.21 -30.66 -25.69
C SER A 220 18.71 -30.45 -25.48
N GLY A 221 18.21 -30.81 -24.30
CA GLY A 221 16.80 -30.60 -23.94
C GLY A 221 16.41 -29.15 -23.71
N LEU A 222 17.38 -28.31 -23.38
CA LEU A 222 17.16 -26.89 -23.03
C LEU A 222 16.37 -26.11 -24.09
N GLU A 223 15.31 -25.46 -23.65
CA GLU A 223 14.41 -24.73 -24.55
C GLU A 223 14.53 -23.21 -24.43
N ARG A 224 14.60 -22.70 -23.20
CA ARG A 224 14.71 -21.28 -22.98
C ARG A 224 15.89 -20.95 -22.06
N LEU A 225 16.76 -20.06 -22.53
CA LEU A 225 17.93 -19.62 -21.77
C LEU A 225 17.89 -18.09 -21.60
N ILE A 226 17.90 -17.65 -20.34
CA ILE A 226 18.08 -16.24 -20.03
C ILE A 226 19.42 -16.09 -19.30
N ALA A 227 20.35 -15.36 -19.90
CA ALA A 227 21.65 -15.12 -19.28
C ALA A 227 22.06 -13.65 -19.37
N SER A 228 21.08 -12.76 -19.22
CA SER A 228 21.31 -11.32 -19.33
C SER A 228 22.10 -10.78 -18.14
N PHE A 229 22.61 -9.56 -18.28
CA PHE A 229 23.29 -8.86 -17.18
C PHE A 229 24.37 -9.70 -16.51
N ASN A 230 25.27 -10.26 -17.31
CA ASN A 230 26.46 -10.95 -16.80
C ASN A 230 27.68 -10.34 -17.49
N HIS A 231 28.83 -11.01 -17.43
CA HIS A 231 30.03 -10.59 -18.15
C HIS A 231 30.46 -11.65 -19.14
N LEU A 232 29.51 -12.17 -19.91
CA LEU A 232 29.79 -13.24 -20.85
C LEU A 232 30.63 -12.75 -22.02
N ALA A 233 31.74 -13.45 -22.27
CA ALA A 233 32.62 -13.16 -23.40
C ALA A 233 32.11 -13.87 -24.65
N GLU A 234 31.59 -15.08 -24.47
CA GLU A 234 31.01 -15.84 -25.56
C GLU A 234 29.97 -16.82 -25.01
N LEU A 235 29.09 -17.29 -25.87
CA LEU A 235 28.14 -18.32 -25.50
C LEU A 235 28.74 -19.67 -25.90
N PRO A 236 28.47 -20.72 -25.11
CA PRO A 236 28.80 -22.06 -25.60
C PRO A 236 27.90 -22.44 -26.76
N GLU A 237 28.15 -23.61 -27.34
CA GLU A 237 27.32 -24.12 -28.42
C GLU A 237 25.87 -24.25 -27.96
N LEU A 238 24.94 -23.82 -28.80
CA LEU A 238 23.52 -23.80 -28.44
C LEU A 238 22.84 -25.08 -28.90
N PRO A 239 22.00 -25.67 -28.02
CA PRO A 239 21.34 -26.93 -28.35
C PRO A 239 20.25 -26.78 -29.42
N PRO A 240 19.83 -27.90 -30.03
CA PRO A 240 18.92 -27.86 -31.16
C PRO A 240 17.45 -27.69 -30.80
N ASN A 241 17.12 -27.66 -29.50
CA ASN A 241 15.74 -27.43 -29.07
C ASN A 241 15.51 -26.07 -28.46
N LEU A 242 16.55 -25.23 -28.46
CA LEU A 242 16.48 -23.89 -27.89
C LEU A 242 15.65 -22.98 -28.77
N TYR A 243 14.56 -22.43 -28.22
CA TYR A 243 13.70 -21.55 -28.99
C TYR A 243 13.69 -20.10 -28.51
N TYR A 244 14.15 -19.86 -27.28
CA TYR A 244 14.23 -18.49 -26.76
C TYR A 244 15.59 -18.27 -26.12
N LEU A 245 16.29 -17.24 -26.59
CA LEU A 245 17.60 -16.89 -26.07
C LEU A 245 17.65 -15.40 -25.76
N ASP A 246 18.00 -15.08 -24.52
CA ASP A 246 18.24 -13.69 -24.12
C ASP A 246 19.63 -13.64 -23.47
N ALA A 247 20.58 -13.09 -24.21
CA ALA A 247 21.96 -12.95 -23.72
C ALA A 247 22.39 -11.48 -23.72
N SER A 248 21.43 -10.60 -23.45
CA SER A 248 21.68 -9.17 -23.52
C SER A 248 22.53 -8.66 -22.35
N ARG A 249 23.10 -7.48 -22.54
CA ARG A 249 23.91 -6.81 -21.52
C ARG A 249 25.01 -7.69 -20.98
N ASN A 250 25.83 -8.15 -21.92
CA ASN A 250 27.03 -8.91 -21.66
C ASN A 250 28.18 -8.26 -22.44
N GLU A 251 29.29 -8.98 -22.63
CA GLU A 251 30.41 -8.49 -23.43
C GLU A 251 30.75 -9.49 -24.53
N ILE A 252 29.73 -9.90 -25.28
CA ILE A 252 29.91 -10.90 -26.33
C ILE A 252 30.50 -10.28 -27.59
N SER A 253 31.60 -10.87 -28.07
CA SER A 253 32.33 -10.38 -29.24
C SER A 253 31.79 -11.00 -30.52
N SER A 254 31.35 -12.25 -30.45
CA SER A 254 30.70 -12.90 -31.59
C SER A 254 29.82 -14.07 -31.15
N LEU A 255 28.75 -14.29 -31.89
CA LEU A 255 27.86 -15.43 -31.66
C LEU A 255 28.37 -16.66 -32.40
N CYS A 256 28.13 -17.82 -31.81
CA CYS A 256 28.28 -19.09 -32.51
C CYS A 256 27.06 -19.29 -33.41
N ASP A 257 26.96 -20.44 -34.08
CA ASP A 257 25.82 -20.73 -34.95
C ASP A 257 24.52 -20.78 -34.15
N LEU A 258 23.43 -20.37 -34.77
CA LEU A 258 22.12 -20.38 -34.12
C LEU A 258 21.33 -21.56 -34.68
N PRO A 259 20.70 -22.35 -33.82
CA PRO A 259 19.91 -23.49 -34.29
C PRO A 259 18.65 -23.06 -35.01
N PRO A 260 18.12 -23.92 -35.91
CA PRO A 260 16.91 -23.61 -36.66
C PRO A 260 15.65 -23.50 -35.79
N SER A 261 15.69 -24.12 -34.60
CA SER A 261 14.58 -24.05 -33.64
C SER A 261 14.42 -22.68 -32.98
N LEU A 262 15.43 -21.82 -33.11
CA LEU A 262 15.42 -20.51 -32.46
C LEU A 262 14.36 -19.59 -33.07
N VAL A 263 13.45 -19.10 -32.24
CA VAL A 263 12.38 -18.20 -32.68
C VAL A 263 12.48 -16.78 -32.09
N ASP A 264 13.29 -16.59 -31.05
CA ASP A 264 13.37 -15.32 -30.36
C ASP A 264 14.79 -15.12 -29.83
N LEU A 265 15.46 -14.10 -30.36
CA LEU A 265 16.86 -13.83 -30.00
C LEU A 265 17.00 -12.41 -29.47
N ASN A 266 17.77 -12.27 -28.40
CA ASN A 266 18.09 -10.97 -27.86
C ASN A 266 19.55 -10.90 -27.44
N VAL A 267 20.33 -10.13 -28.19
CA VAL A 267 21.77 -9.95 -27.91
C VAL A 267 22.04 -8.45 -27.85
N ARG A 268 21.10 -7.71 -27.28
CA ARG A 268 21.24 -6.28 -27.07
C ARG A 268 22.42 -5.97 -26.15
N LYS A 269 23.06 -4.83 -26.37
CA LYS A 269 24.09 -4.33 -25.47
C LYS A 269 25.23 -5.31 -25.29
N ASN A 270 25.87 -5.66 -26.39
CA ASN A 270 27.05 -6.51 -26.41
C ASN A 270 28.15 -5.86 -27.26
N GLN A 271 29.17 -6.60 -27.64
CA GLN A 271 30.27 -6.08 -28.45
C GLN A 271 30.30 -6.65 -29.85
N LEU A 272 29.12 -6.91 -30.42
CA LEU A 272 29.05 -7.58 -31.73
C LEU A 272 29.45 -6.65 -32.88
N ILE A 273 30.23 -7.19 -33.81
CA ILE A 273 30.58 -6.50 -35.05
C ILE A 273 29.70 -7.01 -36.18
N GLU A 274 29.27 -8.27 -36.10
CA GLU A 274 28.35 -8.85 -37.07
C GLU A 274 27.54 -9.99 -36.45
N LEU A 275 26.38 -10.28 -37.04
CA LEU A 275 25.57 -11.43 -36.65
C LEU A 275 25.83 -12.59 -37.60
N PRO A 276 25.70 -13.83 -37.12
CA PRO A 276 25.76 -14.98 -38.02
C PRO A 276 24.42 -15.18 -38.72
N ALA A 277 24.36 -16.18 -39.60
CA ALA A 277 23.15 -16.46 -40.37
C ALA A 277 21.97 -16.72 -39.44
N LEU A 278 20.88 -15.98 -39.64
CA LEU A 278 19.70 -16.10 -38.80
C LEU A 278 18.91 -17.35 -39.25
N PRO A 279 18.32 -18.09 -38.29
CA PRO A 279 17.54 -19.27 -38.65
C PRO A 279 16.23 -18.90 -39.34
N PRO A 280 15.69 -19.79 -40.17
CA PRO A 280 14.49 -19.50 -40.96
C PRO A 280 13.27 -19.13 -40.13
N ASP A 281 13.09 -19.78 -38.98
CA ASP A 281 11.89 -19.60 -38.16
C ASP A 281 11.98 -18.50 -37.12
N LEU A 282 13.02 -17.66 -37.20
CA LEU A 282 13.18 -16.54 -36.29
C LEU A 282 12.08 -15.51 -36.52
N GLU A 283 11.45 -15.06 -35.42
CA GLU A 283 10.36 -14.08 -35.45
C GLU A 283 10.67 -12.76 -34.76
N ARG A 284 11.65 -12.75 -33.86
CA ARG A 284 11.96 -11.59 -33.05
C ARG A 284 13.46 -11.46 -32.86
N LEU A 285 14.04 -10.41 -33.41
CA LEU A 285 15.47 -10.16 -33.26
C LEU A 285 15.70 -8.81 -32.59
N ILE A 286 16.41 -8.82 -31.48
CA ILE A 286 16.85 -7.62 -30.82
C ILE A 286 18.38 -7.64 -30.84
N ALA A 287 18.99 -6.71 -31.57
CA ALA A 287 20.45 -6.62 -31.65
C ALA A 287 20.92 -5.18 -31.45
N SER A 288 20.26 -4.47 -30.54
CA SER A 288 20.58 -3.06 -30.28
C SER A 288 21.92 -2.89 -29.58
N PHE A 289 22.34 -1.64 -29.42
CA PHE A 289 23.54 -1.28 -28.67
C PHE A 289 24.69 -2.23 -28.95
N ASN A 290 25.08 -2.35 -30.21
CA ASN A 290 26.26 -3.12 -30.60
C ASN A 290 27.11 -2.28 -31.55
N HIS A 291 27.98 -2.93 -32.33
CA HIS A 291 28.77 -2.25 -33.35
C HIS A 291 28.58 -2.89 -34.71
N LEU A 292 27.31 -3.07 -35.09
CA LEU A 292 26.97 -3.76 -36.33
C LEU A 292 27.16 -2.85 -37.54
N ALA A 293 27.95 -3.34 -38.50
CA ALA A 293 28.16 -2.65 -39.76
C ALA A 293 27.01 -2.95 -40.74
N GLU A 294 26.43 -4.13 -40.62
CA GLU A 294 25.29 -4.54 -41.46
C GLU A 294 24.57 -5.75 -40.87
N LEU A 295 23.33 -5.97 -41.30
CA LEU A 295 22.61 -7.17 -40.89
C LEU A 295 22.75 -8.25 -41.96
N PRO A 296 22.72 -9.53 -41.56
CA PRO A 296 22.61 -10.59 -42.56
C PRO A 296 21.21 -10.62 -43.15
N GLU A 297 21.00 -11.43 -44.18
CA GLU A 297 19.72 -11.50 -44.86
C GLU A 297 18.65 -11.98 -43.86
N LEU A 298 17.54 -11.26 -43.82
CA LEU A 298 16.52 -11.45 -42.79
C LEU A 298 15.59 -12.60 -43.18
N PRO A 299 15.25 -13.48 -42.22
CA PRO A 299 14.39 -14.62 -42.54
C PRO A 299 12.96 -14.23 -42.90
N PRO A 300 12.25 -15.09 -43.64
CA PRO A 300 10.90 -14.79 -44.13
C PRO A 300 9.86 -14.50 -43.06
N ASN A 301 10.04 -15.04 -41.85
CA ASN A 301 9.04 -14.91 -40.80
C ASN A 301 9.34 -13.86 -39.71
N LEU A 302 10.40 -13.09 -39.91
CA LEU A 302 10.80 -12.08 -38.94
C LEU A 302 9.73 -10.98 -38.86
N SER A 303 9.22 -10.74 -37.65
CA SER A 303 8.12 -9.80 -37.44
C SER A 303 8.47 -8.58 -36.58
N TYR A 304 9.48 -8.71 -35.72
CA TYR A 304 9.95 -7.60 -34.90
C TYR A 304 11.47 -7.53 -35.03
N LEU A 305 11.98 -6.35 -35.39
CA LEU A 305 13.41 -6.12 -35.51
C LEU A 305 13.82 -4.82 -34.85
N ASP A 306 14.72 -4.91 -33.88
CA ASP A 306 15.32 -3.75 -33.24
C ASP A 306 16.83 -3.86 -33.40
N ALA A 307 17.36 -3.19 -34.42
CA ALA A 307 18.80 -3.10 -34.65
C ALA A 307 19.29 -1.67 -34.40
N SER A 308 18.72 -1.01 -33.39
CA SER A 308 19.06 0.37 -33.11
C SER A 308 20.44 0.51 -32.47
N ARG A 309 20.90 1.75 -32.33
CA ARG A 309 22.11 2.05 -31.59
C ARG A 309 23.26 1.15 -32.12
N ASN A 310 23.49 1.20 -33.43
CA ASN A 310 24.58 0.46 -34.09
C ASN A 310 25.31 1.41 -35.05
N GLU A 311 26.06 0.87 -36.01
CA GLU A 311 26.62 1.70 -37.07
C GLU A 311 26.39 1.05 -38.43
N ILE A 312 25.12 0.76 -38.70
CA ILE A 312 24.70 0.16 -39.96
C ILE A 312 24.59 1.26 -41.01
N SER A 313 25.29 1.09 -42.14
CA SER A 313 25.27 2.08 -43.21
C SER A 313 24.30 1.72 -44.34
N SER A 314 23.94 0.44 -44.42
CA SER A 314 23.09 -0.07 -45.49
C SER A 314 22.13 -1.14 -44.95
N LEU A 315 20.84 -0.96 -45.22
CA LEU A 315 19.82 -1.90 -44.74
C LEU A 315 19.32 -2.79 -45.88
N CYS A 316 19.49 -4.09 -45.72
CA CYS A 316 19.12 -5.07 -46.76
C CYS A 316 17.58 -5.22 -46.90
N ASP A 317 17.15 -6.07 -47.83
CA ASP A 317 15.72 -6.31 -48.09
C ASP A 317 14.96 -6.69 -46.83
N LEU A 318 13.82 -6.05 -46.62
CA LEU A 318 12.99 -6.34 -45.45
C LEU A 318 11.88 -7.31 -45.85
N PRO A 319 11.70 -8.40 -45.09
CA PRO A 319 10.67 -9.38 -45.45
C PRO A 319 9.28 -8.86 -45.15
N PRO A 320 8.26 -9.36 -45.89
CA PRO A 320 6.89 -8.85 -45.81
C PRO A 320 6.22 -9.10 -44.45
N SER A 321 6.70 -10.12 -43.75
CA SER A 321 6.21 -10.47 -42.42
C SER A 321 6.49 -9.41 -41.35
N LEU A 322 7.44 -8.50 -41.65
CA LEU A 322 7.87 -7.48 -40.69
C LEU A 322 6.75 -6.51 -40.35
N VAL A 323 6.58 -6.27 -39.05
CA VAL A 323 5.53 -5.35 -38.54
C VAL A 323 6.09 -4.22 -37.66
N ASP A 324 7.20 -4.48 -36.97
CA ASP A 324 7.79 -3.51 -36.06
C ASP A 324 9.28 -3.38 -36.38
N LEU A 325 9.70 -2.21 -36.87
CA LEU A 325 11.10 -2.00 -37.25
C LEU A 325 11.66 -0.81 -36.53
N ASN A 326 12.83 -1.01 -35.92
CA ASN A 326 13.55 0.07 -35.26
C ASN A 326 15.02 0.06 -35.65
N VAL A 327 15.45 1.13 -36.32
CA VAL A 327 16.84 1.27 -36.71
C VAL A 327 17.36 2.63 -36.27
N ARG A 328 16.88 3.12 -35.14
CA ARG A 328 17.32 4.39 -34.60
C ARG A 328 18.84 4.36 -34.44
N LYS A 329 19.48 5.49 -34.73
CA LYS A 329 20.90 5.71 -34.45
C LYS A 329 21.77 4.72 -35.19
N ASN A 330 21.90 4.95 -36.49
CA ASN A 330 22.79 4.21 -37.37
C ASN A 330 23.37 5.18 -38.41
N GLN A 331 23.99 4.65 -39.48
CA GLN A 331 24.57 5.47 -40.55
C GLN A 331 23.75 5.39 -41.84
N LEU A 332 22.43 5.33 -41.73
CA LEU A 332 21.59 5.14 -42.92
C LEU A 332 21.39 6.42 -43.73
N ILE A 333 21.60 6.31 -45.04
CA ILE A 333 21.32 7.41 -45.98
C ILE A 333 19.99 7.19 -46.69
N GLU A 334 19.53 5.94 -46.77
CA GLU A 334 18.22 5.63 -47.34
C GLU A 334 17.66 4.33 -46.73
N LEU A 335 16.34 4.26 -46.67
CA LEU A 335 15.67 3.03 -46.26
C LEU A 335 15.24 2.29 -47.51
N PRO A 336 15.19 0.94 -47.44
CA PRO A 336 14.67 0.17 -48.57
C PRO A 336 13.15 0.19 -48.56
N ALA A 337 12.54 -0.51 -49.51
CA ALA A 337 11.10 -0.55 -49.63
C ALA A 337 10.50 -1.15 -48.36
N LEU A 338 9.55 -0.43 -47.78
CA LEU A 338 8.96 -0.83 -46.52
C LEU A 338 7.87 -1.88 -46.77
N PRO A 339 7.92 -3.02 -46.07
CA PRO A 339 6.93 -4.08 -46.29
C PRO A 339 5.51 -3.66 -45.92
N PRO A 340 4.51 -4.22 -46.59
CA PRO A 340 3.11 -3.76 -46.52
C PRO A 340 2.48 -3.84 -45.13
N ASP A 341 2.80 -4.87 -44.37
CA ASP A 341 2.20 -5.08 -43.04
C ASP A 341 2.91 -4.34 -41.91
N LEU A 342 3.82 -3.42 -42.25
CA LEU A 342 4.55 -2.63 -41.25
C LEU A 342 3.59 -1.70 -40.51
N GLU A 343 3.73 -1.64 -39.19
CA GLU A 343 2.85 -0.84 -38.33
C GLU A 343 3.59 0.24 -37.53
N ARG A 344 4.80 -0.08 -37.07
CA ARG A 344 5.64 0.88 -36.36
C ARG A 344 7.01 0.96 -37.01
N LEU A 345 7.38 2.17 -37.44
CA LEU A 345 8.71 2.43 -37.97
C LEU A 345 9.39 3.48 -37.12
N ILE A 346 10.60 3.16 -36.67
CA ILE A 346 11.45 4.11 -35.98
C ILE A 346 12.77 4.16 -36.74
N ALA A 347 13.00 5.25 -37.45
CA ALA A 347 14.24 5.44 -38.19
C ALA A 347 14.92 6.75 -37.81
N SER A 348 14.69 7.20 -36.58
CA SER A 348 15.26 8.45 -36.10
C SER A 348 16.78 8.36 -35.98
N PHE A 349 17.44 9.51 -35.99
CA PHE A 349 18.90 9.60 -35.81
C PHE A 349 19.66 8.80 -36.86
N ASN A 350 19.49 9.19 -38.12
CA ASN A 350 20.29 8.65 -39.22
C ASN A 350 20.66 9.83 -40.12
N HIS A 351 20.97 9.57 -41.39
CA HIS A 351 21.18 10.64 -42.35
C HIS A 351 20.24 10.53 -43.53
N LEU A 352 18.94 10.40 -43.24
CA LEU A 352 17.93 10.30 -44.28
C LEU A 352 17.58 11.66 -44.87
N ALA A 353 17.51 11.72 -46.20
CA ALA A 353 17.06 12.90 -46.91
C ALA A 353 15.57 12.80 -47.24
N GLU A 354 15.05 11.57 -47.30
CA GLU A 354 13.65 11.32 -47.57
C GLU A 354 13.25 9.90 -47.17
N LEU A 355 11.95 9.67 -47.02
CA LEU A 355 11.45 8.35 -46.65
C LEU A 355 10.86 7.66 -47.88
N PRO A 356 10.94 6.30 -47.92
CA PRO A 356 10.24 5.55 -48.95
C PRO A 356 8.73 5.73 -48.83
N GLU A 357 7.99 5.21 -49.80
CA GLU A 357 6.54 5.29 -49.74
C GLU A 357 6.06 4.54 -48.52
N LEU A 358 5.31 5.22 -47.67
CA LEU A 358 4.84 4.61 -46.42
C LEU A 358 3.72 3.61 -46.69
N PRO A 359 3.84 2.39 -46.13
CA PRO A 359 2.78 1.40 -46.32
C PRO A 359 1.49 1.84 -45.63
N PRO A 360 0.36 1.26 -46.06
CA PRO A 360 -0.94 1.79 -45.68
C PRO A 360 -1.47 1.34 -44.32
N ASN A 361 -0.71 0.50 -43.61
CA ASN A 361 -1.08 0.06 -42.26
C ASN A 361 -0.21 0.67 -41.17
N LEU A 362 0.65 1.62 -41.54
CA LEU A 362 1.57 2.26 -40.61
C LEU A 362 0.82 3.18 -39.64
N SER A 363 0.91 2.87 -38.35
CA SER A 363 0.24 3.65 -37.31
C SER A 363 1.17 4.59 -36.54
N TYR A 364 2.44 4.22 -36.43
CA TYR A 364 3.43 4.99 -35.69
C TYR A 364 4.66 5.20 -36.55
N LEU A 365 5.07 6.47 -36.69
CA LEU A 365 6.25 6.81 -37.47
C LEU A 365 7.10 7.82 -36.74
N ASP A 366 8.35 7.46 -36.48
CA ASP A 366 9.33 8.36 -35.90
C ASP A 366 10.56 8.43 -36.79
N ALA A 367 10.69 9.55 -37.50
CA ALA A 367 11.83 9.79 -38.38
C ALA A 367 12.55 11.07 -37.97
N SER A 368 12.62 11.33 -36.67
CA SER A 368 13.22 12.56 -36.17
C SER A 368 14.74 12.51 -36.28
N ARG A 369 15.37 13.68 -36.21
CA ARG A 369 16.82 13.81 -36.22
C ARG A 369 17.41 13.14 -37.46
N ASN A 370 16.93 13.56 -38.61
CA ASN A 370 17.54 13.22 -39.88
C ASN A 370 17.76 14.53 -40.63
N GLU A 371 17.97 14.46 -41.94
CA GLU A 371 18.05 15.66 -42.76
C GLU A 371 17.00 15.57 -43.85
N ILE A 372 15.75 15.36 -43.42
CA ILE A 372 14.63 15.18 -44.33
C ILE A 372 14.11 16.55 -44.76
N SER A 373 14.06 16.78 -46.07
CA SER A 373 13.68 18.08 -46.63
C SER A 373 12.18 18.19 -46.92
N SER A 374 11.54 17.07 -47.26
CA SER A 374 10.08 17.03 -47.35
C SER A 374 9.52 15.63 -47.10
N LEU A 375 8.26 15.58 -46.67
CA LEU A 375 7.61 14.32 -46.34
C LEU A 375 6.73 13.83 -47.47
N CYS A 376 6.91 12.57 -47.85
CA CYS A 376 5.98 11.89 -48.74
C CYS A 376 4.59 11.86 -48.09
N ASP A 377 3.58 11.49 -48.86
CA ASP A 377 2.21 11.43 -48.36
C ASP A 377 2.07 10.46 -47.20
N LEU A 378 1.24 10.82 -46.24
CA LEU A 378 1.03 10.04 -45.02
C LEU A 378 -0.23 9.19 -45.14
N PRO A 379 -0.14 7.89 -44.81
CA PRO A 379 -1.34 7.05 -44.86
C PRO A 379 -2.36 7.41 -43.76
N PRO A 380 -3.65 7.16 -44.01
CA PRO A 380 -4.73 7.49 -43.06
C PRO A 380 -4.67 6.67 -41.76
N SER A 381 -4.04 5.51 -41.84
CA SER A 381 -3.79 4.64 -40.68
C SER A 381 -2.88 5.26 -39.61
N LEU A 382 -2.18 6.33 -39.98
CA LEU A 382 -1.20 6.93 -39.09
C LEU A 382 -1.86 7.65 -37.90
N VAL A 383 -1.41 7.31 -36.69
CA VAL A 383 -1.91 7.92 -35.44
C VAL A 383 -0.86 8.80 -34.75
N GLU A 384 0.43 8.43 -34.88
CA GLU A 384 1.51 9.16 -34.21
C GLU A 384 2.65 9.46 -35.18
N LEU A 385 2.99 10.75 -35.31
CA LEU A 385 4.05 11.20 -36.21
C LEU A 385 5.07 12.06 -35.46
N ASP A 386 6.33 11.63 -35.50
CA ASP A 386 7.42 12.41 -34.91
C ASP A 386 8.50 12.69 -35.98
N VAL A 387 8.62 13.94 -36.37
CA VAL A 387 9.62 14.34 -37.35
C VAL A 387 10.41 15.56 -36.88
N ARG A 388 10.60 15.70 -35.58
CA ARG A 388 11.36 16.83 -35.03
C ARG A 388 12.80 16.76 -35.53
N ASP A 389 13.45 17.90 -35.59
CA ASP A 389 14.85 17.98 -35.99
C ASP A 389 15.06 17.39 -37.40
N ASN A 390 14.54 18.12 -38.39
CA ASN A 390 14.72 17.78 -39.78
C ASN A 390 14.77 19.08 -40.56
N GLN A 391 14.87 18.96 -41.88
CA GLN A 391 14.94 20.13 -42.76
C GLN A 391 13.60 20.44 -43.43
N LEU A 392 12.49 20.38 -42.70
CA LEU A 392 11.18 20.58 -43.31
C LEU A 392 10.78 22.05 -43.34
N ILE A 393 10.21 22.48 -44.47
CA ILE A 393 9.57 23.80 -44.56
C ILE A 393 8.04 23.68 -44.60
N GLU A 394 7.52 22.50 -44.91
CA GLU A 394 6.08 22.27 -44.87
C GLU A 394 5.74 20.80 -44.61
N LEU A 395 4.55 20.57 -44.06
CA LEU A 395 4.08 19.22 -43.81
C LEU A 395 3.01 18.88 -44.84
N PRO A 396 2.93 17.60 -45.26
CA PRO A 396 1.84 17.20 -46.13
C PRO A 396 0.51 17.20 -45.39
N ALA A 397 -0.59 17.03 -46.13
CA ALA A 397 -1.90 16.94 -45.52
C ALA A 397 -1.86 15.87 -44.45
N LEU A 398 -2.46 16.18 -43.30
CA LEU A 398 -2.40 15.30 -42.14
C LEU A 398 -3.58 14.34 -42.13
N PRO A 399 -3.31 13.03 -41.94
CA PRO A 399 -4.42 12.07 -41.87
C PRO A 399 -5.38 12.41 -40.74
N PRO A 400 -6.65 12.01 -40.88
CA PRO A 400 -7.68 12.46 -39.95
C PRO A 400 -7.65 11.75 -38.61
N HIS A 401 -7.03 10.58 -38.53
CA HIS A 401 -6.98 9.83 -37.28
C HIS A 401 -5.66 10.03 -36.53
N LEU A 402 -4.93 11.09 -36.88
CA LEU A 402 -3.70 11.44 -36.20
C LEU A 402 -4.02 11.98 -34.81
N GLU A 403 -3.33 11.46 -33.80
CA GLU A 403 -3.49 11.90 -32.42
C GLU A 403 -2.30 12.69 -31.89
N ARG A 404 -1.09 12.42 -32.39
CA ARG A 404 0.12 13.09 -31.94
C ARG A 404 0.97 13.56 -33.10
N LEU A 405 1.25 14.85 -33.13
CA LEU A 405 2.11 15.45 -34.15
C LEU A 405 3.26 16.21 -33.48
N ILE A 406 4.47 15.71 -33.67
CA ILE A 406 5.66 16.34 -33.14
C ILE A 406 6.56 16.70 -34.31
N ALA A 407 6.69 17.99 -34.55
CA ALA A 407 7.45 18.49 -35.69
C ALA A 407 8.26 19.73 -35.32
N SER A 408 8.70 19.79 -34.08
CA SER A 408 9.51 20.90 -33.59
C SER A 408 10.91 20.83 -34.17
N LEU A 409 11.66 21.92 -34.07
CA LEU A 409 13.01 22.02 -34.64
C LEU A 409 13.02 21.67 -36.12
N ASN A 410 12.29 22.46 -36.90
CA ASN A 410 12.29 22.36 -38.35
C ASN A 410 12.27 23.80 -38.86
N HIS A 411 11.96 24.00 -40.13
CA HIS A 411 11.84 25.36 -40.69
C HIS A 411 10.43 25.64 -41.17
N LEU A 412 9.44 25.05 -40.51
CA LEU A 412 8.06 25.16 -40.97
C LEU A 412 7.59 26.60 -41.06
N ALA A 413 7.00 26.96 -42.20
CA ALA A 413 6.41 28.28 -42.39
C ALA A 413 4.94 28.31 -41.98
N GLU A 414 4.27 27.15 -42.09
CA GLU A 414 2.92 26.98 -41.58
C GLU A 414 2.59 25.50 -41.38
N VAL A 415 1.60 25.23 -40.53
CA VAL A 415 1.15 23.85 -40.34
C VAL A 415 -0.17 23.64 -41.08
N PRO A 416 -0.34 22.45 -41.70
CA PRO A 416 -1.60 22.10 -42.32
C PRO A 416 -2.77 22.18 -41.36
N GLU A 417 -3.99 22.22 -41.90
CA GLU A 417 -5.18 22.16 -41.07
C GLU A 417 -5.09 20.91 -40.20
N LEU A 418 -5.37 21.07 -38.91
CA LEU A 418 -5.16 19.99 -37.94
C LEU A 418 -6.39 19.10 -37.79
N PRO A 419 -6.19 17.78 -37.75
CA PRO A 419 -7.24 16.81 -37.47
C PRO A 419 -8.05 17.16 -36.22
N GLN A 420 -9.33 16.82 -36.26
CA GLN A 420 -10.28 17.28 -35.26
C GLN A 420 -10.18 16.48 -33.96
N ASN A 421 -9.45 15.38 -33.98
CA ASN A 421 -9.21 14.59 -32.77
C ASN A 421 -7.72 14.44 -32.45
N LEU A 422 -6.97 15.52 -32.67
CA LEU A 422 -5.56 15.56 -32.32
C LEU A 422 -5.42 15.80 -30.82
N LYS A 423 -4.53 15.04 -30.18
CA LYS A 423 -4.31 15.15 -28.74
C LYS A 423 -3.08 16.00 -28.39
N GLN A 424 -2.03 15.89 -29.20
CA GLN A 424 -0.75 16.52 -28.92
C GLN A 424 -0.15 17.19 -30.15
N LEU A 425 0.20 18.47 -30.02
CA LEU A 425 0.84 19.23 -31.08
C LEU A 425 2.09 19.93 -30.56
N HIS A 426 3.26 19.48 -31.02
CA HIS A 426 4.55 20.03 -30.61
C HIS A 426 5.28 20.57 -31.83
N VAL A 427 5.29 21.89 -31.98
CA VAL A 427 5.91 22.53 -33.13
C VAL A 427 6.75 23.76 -32.74
N GLU A 428 7.41 23.67 -31.59
CA GLU A 428 8.35 24.70 -31.15
C GLU A 428 9.53 24.77 -32.10
N HIS A 429 10.19 25.92 -32.12
CA HIS A 429 11.40 26.10 -32.92
C HIS A 429 11.15 25.84 -34.40
N ASN A 430 10.37 26.73 -35.00
CA ASN A 430 10.02 26.67 -36.40
C ASN A 430 9.92 28.10 -36.92
N ALA A 431 9.49 28.27 -38.17
CA ALA A 431 9.40 29.59 -38.77
C ALA A 431 7.95 30.02 -39.04
N LEU A 432 7.03 29.68 -38.14
CA LEU A 432 5.61 29.84 -38.45
C LEU A 432 5.23 31.30 -38.64
N ARG A 433 4.79 31.62 -39.85
CA ARG A 433 4.28 32.94 -40.18
C ARG A 433 2.85 33.11 -39.65
N GLU A 434 2.09 32.02 -39.66
CA GLU A 434 0.73 32.00 -39.10
C GLU A 434 0.56 30.75 -38.22
N PHE A 435 -0.04 30.93 -37.04
CA PHE A 435 -0.33 29.81 -36.17
C PHE A 435 -1.68 29.20 -36.56
N PRO A 436 -1.77 27.86 -36.55
CA PRO A 436 -2.99 27.18 -36.93
C PRO A 436 -4.08 27.31 -35.87
N ASP A 437 -5.31 27.02 -36.26
CA ASP A 437 -6.40 26.92 -35.31
C ASP A 437 -6.24 25.61 -34.55
N ILE A 438 -6.38 25.69 -33.23
CA ILE A 438 -6.16 24.56 -32.34
C ILE A 438 -7.51 23.90 -32.03
N PRO A 439 -7.67 22.62 -32.42
CA PRO A 439 -8.87 21.86 -32.05
C PRO A 439 -9.09 21.82 -30.54
N GLU A 440 -10.36 21.67 -30.12
CA GLU A 440 -10.65 21.55 -28.69
C GLU A 440 -10.00 20.29 -28.14
N SER A 441 -9.82 19.28 -29.00
CA SER A 441 -9.27 17.99 -28.61
C SER A 441 -7.83 18.01 -28.11
N VAL A 442 -7.03 18.98 -28.56
CA VAL A 442 -5.60 18.99 -28.20
C VAL A 442 -5.44 19.43 -26.75
N GLU A 443 -4.77 18.58 -25.98
CA GLU A 443 -4.61 18.81 -24.55
C GLU A 443 -3.15 19.15 -24.20
N ASP A 444 -2.21 18.77 -25.07
CA ASP A 444 -0.79 19.06 -24.86
C ASP A 444 -0.23 19.85 -26.06
N LEU A 445 -0.20 21.17 -25.91
CA LEU A 445 0.24 22.06 -26.98
C LEU A 445 1.55 22.77 -26.64
N ARG A 446 2.51 22.70 -27.56
CA ARG A 446 3.74 23.48 -27.48
C ARG A 446 3.99 24.14 -28.82
N MET A 447 3.95 25.47 -28.88
CA MET A 447 4.35 26.13 -30.11
C MET A 447 4.94 27.55 -29.97
N ASP A 448 5.79 27.84 -30.97
CA ASP A 448 6.30 29.14 -31.39
C ASP A 448 7.75 29.39 -30.94
N LYS B 1 -7.30 -27.07 -31.71
CA LYS B 1 -5.91 -26.66 -32.06
C LYS B 1 -4.89 -27.78 -31.82
N SER B 2 -3.87 -27.83 -32.68
CA SER B 2 -2.73 -28.73 -32.49
C SER B 2 -1.77 -28.11 -31.47
N LYS B 3 -0.71 -28.86 -31.15
CA LYS B 3 0.23 -28.45 -30.11
C LYS B 3 1.03 -27.20 -30.48
N THR B 4 1.57 -27.15 -31.69
CA THR B 4 2.39 -26.00 -32.11
C THR B 4 1.55 -24.76 -32.43
N GLU B 5 0.24 -24.93 -32.60
CA GLU B 5 -0.67 -23.79 -32.76
C GLU B 5 -0.77 -22.99 -31.46
N TYR B 6 -0.77 -23.69 -30.33
CA TYR B 6 -0.72 -23.05 -29.02
C TYR B 6 0.63 -22.39 -28.78
N TYR B 7 1.71 -23.08 -29.12
CA TYR B 7 3.06 -22.53 -28.95
C TYR B 7 3.23 -21.18 -29.65
N ASN B 8 2.59 -21.03 -30.81
CA ASN B 8 2.62 -19.78 -31.56
C ASN B 8 1.84 -18.68 -30.86
N ALA B 9 0.59 -18.98 -30.51
CA ALA B 9 -0.29 -18.03 -29.84
C ALA B 9 0.32 -17.51 -28.54
N TRP B 10 1.04 -18.38 -27.82
CA TRP B 10 1.67 -18.02 -26.54
C TRP B 10 2.96 -17.24 -26.70
N SER B 11 3.73 -17.54 -27.75
CA SER B 11 4.94 -16.76 -28.06
C SER B 11 4.58 -15.41 -28.66
N GLU B 12 3.43 -15.33 -29.32
CA GLU B 12 2.93 -14.05 -29.82
C GLU B 12 2.46 -13.17 -28.68
N TRP B 13 1.71 -13.77 -27.75
CA TRP B 13 1.24 -13.08 -26.54
C TRP B 13 2.42 -12.63 -25.67
N GLU B 14 3.52 -13.37 -25.70
CA GLU B 14 4.73 -13.05 -24.94
C GLU B 14 5.40 -11.75 -25.43
N ARG B 15 5.20 -11.41 -26.69
CA ARG B 15 5.72 -10.16 -27.26
C ARG B 15 4.78 -8.97 -27.07
N ASN B 16 3.48 -9.20 -26.94
CA ASN B 16 2.55 -8.11 -26.74
C ASN B 16 2.59 -7.46 -25.34
N ALA B 17 3.36 -8.02 -24.41
CA ALA B 17 3.66 -7.34 -23.14
C ALA B 17 3.90 -5.87 -23.41
N PRO B 18 3.26 -4.96 -22.62
CA PRO B 18 3.49 -3.53 -22.86
C PRO B 18 4.93 -3.16 -22.56
N PRO B 19 5.48 -2.17 -23.30
CA PRO B 19 6.93 -2.02 -23.41
C PRO B 19 7.69 -1.73 -22.12
N GLY B 20 8.54 -2.67 -21.70
CA GLY B 20 9.48 -2.42 -20.60
C GLY B 20 8.88 -2.54 -19.20
N ASN B 21 8.26 -3.68 -18.96
CA ASN B 21 7.35 -3.87 -17.82
C ASN B 21 7.85 -4.94 -16.87
N GLY B 22 7.24 -4.98 -15.70
CA GLY B 22 7.39 -6.07 -14.77
C GLY B 22 6.44 -7.26 -14.96
N GLU B 23 5.89 -7.48 -16.18
CA GLU B 23 5.11 -8.72 -16.46
C GLU B 23 6.07 -9.87 -16.69
N GLN B 24 5.84 -10.99 -16.02
CA GLN B 24 6.68 -12.17 -16.19
C GLN B 24 6.08 -13.15 -17.21
N ARG B 25 5.81 -12.66 -18.42
CA ARG B 25 5.18 -13.49 -19.45
C ARG B 25 6.04 -14.68 -19.88
N GLU B 26 7.36 -14.52 -19.83
CA GLU B 26 8.27 -15.61 -20.23
C GLU B 26 8.16 -16.78 -19.24
N MET B 27 7.99 -16.48 -17.96
CA MET B 27 7.75 -17.49 -16.92
C MET B 27 6.39 -18.14 -17.09
N ALA B 28 5.41 -17.36 -17.54
CA ALA B 28 4.02 -17.85 -17.74
C ALA B 28 3.91 -18.79 -18.91
N VAL B 29 4.54 -18.46 -20.02
CA VAL B 29 4.49 -19.35 -21.17
C VAL B 29 5.28 -20.62 -20.88
N SER B 30 6.32 -20.52 -20.06
CA SER B 30 7.06 -21.70 -19.65
C SER B 30 6.13 -22.69 -18.95
N ARG B 31 5.26 -22.17 -18.09
CA ARG B 31 4.29 -22.98 -17.36
C ARG B 31 3.14 -23.47 -18.24
N LEU B 32 2.72 -22.64 -19.20
CA LEU B 32 1.66 -23.02 -20.13
C LEU B 32 2.07 -24.21 -20.98
N ARG B 33 3.32 -24.20 -21.42
CA ARG B 33 3.87 -25.29 -22.23
C ARG B 33 4.10 -26.54 -21.38
N ASP B 34 4.69 -26.37 -20.21
CA ASP B 34 4.88 -27.49 -19.28
C ASP B 34 3.54 -28.15 -18.94
N CYS B 35 2.50 -27.33 -18.81
CA CYS B 35 1.15 -27.81 -18.53
C CYS B 35 0.57 -28.59 -19.70
N LEU B 36 0.78 -28.07 -20.91
CA LEU B 36 0.30 -28.71 -22.14
C LEU B 36 1.06 -30.00 -22.46
N ASP B 37 2.38 -29.93 -22.42
CA ASP B 37 3.26 -31.09 -22.61
C ASP B 37 2.90 -32.27 -21.71
N ARG B 38 2.72 -32.01 -20.42
CA ARG B 38 2.44 -33.06 -19.44
C ARG B 38 0.94 -33.31 -19.19
N GLN B 39 0.06 -32.62 -19.91
CA GLN B 39 -1.39 -32.73 -19.71
C GLN B 39 -1.78 -32.58 -18.23
N ALA B 40 -1.15 -31.62 -17.55
CA ALA B 40 -1.33 -31.45 -16.11
C ALA B 40 -2.72 -30.93 -15.78
N HIS B 41 -3.18 -31.22 -14.57
CA HIS B 41 -4.53 -30.83 -14.13
C HIS B 41 -4.55 -29.36 -13.74
N GLU B 42 -3.54 -28.92 -12.99
CA GLU B 42 -3.46 -27.56 -12.48
C GLU B 42 -2.57 -26.69 -13.37
N LEU B 43 -2.88 -25.39 -13.39
CA LEU B 43 -2.01 -24.37 -13.99
C LEU B 43 -2.06 -23.16 -13.09
N GLU B 44 -0.94 -22.84 -12.44
CA GLU B 44 -0.90 -21.66 -11.56
C GLU B 44 -0.01 -20.58 -12.16
N LEU B 45 -0.60 -19.40 -12.31
CA LEU B 45 0.05 -18.24 -12.92
C LEU B 45 -0.06 -17.03 -12.00
N ASN B 46 -0.14 -17.26 -10.70
CA ASN B 46 -0.37 -16.16 -9.76
C ASN B 46 0.92 -15.43 -9.39
N ASN B 47 0.79 -14.14 -9.09
CA ASN B 47 1.92 -13.26 -8.76
C ASN B 47 2.94 -13.13 -9.89
N LEU B 48 2.46 -13.01 -11.12
CA LEU B 48 3.33 -12.75 -12.27
C LEU B 48 3.03 -11.41 -12.94
N GLY B 49 2.07 -10.65 -12.42
CA GLY B 49 1.76 -9.31 -12.92
C GLY B 49 1.25 -9.26 -14.35
N LEU B 50 0.33 -10.15 -14.68
CA LEU B 50 -0.20 -10.23 -16.05
C LEU B 50 -1.35 -9.26 -16.24
N SER B 51 -1.42 -8.63 -17.40
CA SER B 51 -2.54 -7.78 -17.77
C SER B 51 -3.61 -8.56 -18.52
N SER B 52 -3.23 -9.69 -19.11
CA SER B 52 -4.14 -10.56 -19.85
C SER B 52 -3.63 -12.00 -19.85
N LEU B 53 -4.47 -12.92 -20.28
CA LEU B 53 -4.07 -14.32 -20.48
C LEU B 53 -4.36 -14.74 -21.92
N PRO B 54 -3.53 -15.61 -22.49
CA PRO B 54 -3.77 -16.10 -23.83
C PRO B 54 -4.74 -17.29 -23.81
N GLU B 55 -5.03 -17.87 -24.96
CA GLU B 55 -5.83 -19.10 -25.02
C GLU B 55 -5.27 -20.12 -24.04
N LEU B 56 -6.14 -20.71 -23.23
CA LEU B 56 -5.73 -21.64 -22.18
C LEU B 56 -5.62 -23.06 -22.73
N PRO B 57 -4.71 -23.88 -22.16
CA PRO B 57 -4.64 -25.27 -22.59
C PRO B 57 -5.92 -26.02 -22.23
N PRO B 58 -6.52 -26.71 -23.21
CA PRO B 58 -7.74 -27.44 -22.87
C PRO B 58 -7.38 -28.66 -22.03
N HIS B 59 -8.38 -29.36 -21.52
CA HIS B 59 -8.14 -30.50 -20.64
C HIS B 59 -7.46 -30.13 -19.33
N LEU B 60 -7.66 -28.91 -18.82
CA LEU B 60 -7.21 -28.62 -17.44
C LEU B 60 -8.38 -28.38 -16.49
N GLU B 61 -8.19 -28.80 -15.25
CA GLU B 61 -9.25 -28.79 -14.24
C GLU B 61 -9.18 -27.58 -13.31
N ARG B 62 -7.99 -27.05 -13.11
CA ARG B 62 -7.79 -25.98 -12.14
C ARG B 62 -6.94 -24.87 -12.72
N LEU B 63 -7.49 -23.65 -12.74
CA LEU B 63 -6.76 -22.47 -13.18
C LEU B 63 -6.65 -21.49 -12.01
N VAL B 64 -5.44 -21.32 -11.51
CA VAL B 64 -5.15 -20.31 -10.51
C VAL B 64 -4.38 -19.17 -11.17
N ALA B 65 -4.98 -17.98 -11.19
CA ALA B 65 -4.32 -16.80 -11.75
C ALA B 65 -4.58 -15.57 -10.89
N SER B 66 -4.55 -15.78 -9.57
CA SER B 66 -4.83 -14.71 -8.63
C SER B 66 -3.64 -13.78 -8.48
N CYS B 67 -3.86 -12.62 -7.85
CA CYS B 67 -2.80 -11.64 -7.60
C CYS B 67 -2.09 -11.24 -8.88
N ASN B 68 -2.85 -10.86 -9.89
CA ASN B 68 -2.32 -10.28 -11.12
C ASN B 68 -3.11 -9.01 -11.41
N SER B 69 -2.99 -8.48 -12.62
CA SER B 69 -3.70 -7.26 -13.01
C SER B 69 -4.62 -7.50 -14.21
N LEU B 70 -5.30 -8.65 -14.22
CA LEU B 70 -6.13 -9.07 -15.36
C LEU B 70 -7.37 -8.20 -15.50
N THR B 71 -7.73 -7.88 -16.74
CA THR B 71 -8.90 -7.06 -17.05
C THR B 71 -10.09 -7.92 -17.49
N GLU B 72 -9.81 -8.96 -18.27
CA GLU B 72 -10.81 -9.97 -18.62
C GLU B 72 -10.14 -11.33 -18.71
N LEU B 73 -10.92 -12.38 -18.96
CA LEU B 73 -10.36 -13.72 -19.12
C LEU B 73 -10.65 -14.26 -20.51
N PRO B 74 -9.83 -15.20 -20.97
CA PRO B 74 -10.16 -15.92 -22.19
C PRO B 74 -11.24 -16.95 -21.92
N GLU B 75 -11.86 -17.49 -22.98
CA GLU B 75 -12.89 -18.52 -22.78
C GLU B 75 -12.28 -19.70 -22.02
N LEU B 76 -13.06 -20.26 -21.11
CA LEU B 76 -12.55 -21.27 -20.19
C LEU B 76 -12.79 -22.64 -20.78
N PRO B 77 -11.81 -23.54 -20.62
CA PRO B 77 -11.99 -24.90 -21.15
C PRO B 77 -13.09 -25.67 -20.43
N GLN B 78 -13.74 -26.56 -21.16
CA GLN B 78 -14.91 -27.28 -20.66
C GLN B 78 -14.60 -28.27 -19.53
N SER B 79 -13.35 -28.71 -19.45
CA SER B 79 -12.92 -29.64 -18.40
C SER B 79 -12.72 -28.97 -17.03
N LEU B 80 -12.87 -27.64 -16.98
CA LEU B 80 -12.47 -26.85 -15.81
C LEU B 80 -13.39 -27.07 -14.61
N LYS B 81 -12.78 -27.43 -13.48
CA LYS B 81 -13.49 -27.69 -12.22
C LYS B 81 -13.39 -26.55 -11.20
N SER B 82 -12.27 -25.81 -11.20
CA SER B 82 -12.13 -24.67 -10.29
C SER B 82 -11.44 -23.47 -10.94
N LEU B 83 -11.77 -22.30 -10.41
CA LEU B 83 -11.26 -21.03 -10.94
C LEU B 83 -10.90 -20.11 -9.78
N GLU B 84 -9.61 -19.75 -9.69
CA GLU B 84 -9.12 -18.82 -8.68
C GLU B 84 -8.48 -17.62 -9.37
N VAL B 85 -9.23 -16.53 -9.47
CA VAL B 85 -8.74 -15.32 -10.11
C VAL B 85 -9.03 -14.10 -9.24
N TYR B 86 -8.81 -14.24 -7.94
CA TYR B 86 -9.04 -13.13 -7.02
C TYR B 86 -7.87 -12.17 -7.06
N GLU B 87 -8.08 -10.97 -6.52
CA GLU B 87 -7.06 -9.92 -6.53
C GLU B 87 -6.62 -9.63 -7.94
N ASN B 88 -7.60 -9.21 -8.75
CA ASN B 88 -7.35 -8.81 -10.13
C ASN B 88 -8.18 -7.56 -10.44
N ASN B 89 -8.28 -7.18 -11.71
CA ASN B 89 -9.10 -6.04 -12.13
C ASN B 89 -10.23 -6.46 -13.09
N LEU B 90 -10.80 -7.65 -12.86
CA LEU B 90 -11.82 -8.19 -13.76
C LEU B 90 -13.10 -7.37 -13.63
N LYS B 91 -13.58 -6.87 -14.77
CA LYS B 91 -14.84 -6.14 -14.83
C LYS B 91 -16.01 -7.10 -15.14
N ALA B 92 -15.70 -8.24 -15.75
CA ALA B 92 -16.70 -9.28 -16.03
C ALA B 92 -16.01 -10.63 -16.23
N LEU B 93 -16.79 -11.70 -16.12
CA LEU B 93 -16.28 -13.06 -16.34
C LEU B 93 -16.77 -13.61 -17.68
N PRO B 94 -16.06 -14.60 -18.23
CA PRO B 94 -16.59 -15.33 -19.37
C PRO B 94 -17.72 -16.27 -18.94
N ASP B 95 -18.36 -16.93 -19.89
CA ASP B 95 -19.33 -17.96 -19.54
C ASP B 95 -18.59 -19.12 -18.89
N LEU B 96 -19.21 -19.74 -17.89
CA LEU B 96 -18.54 -20.73 -17.07
C LEU B 96 -18.88 -22.15 -17.51
N PRO B 97 -17.88 -23.05 -17.51
CA PRO B 97 -18.10 -24.42 -17.96
C PRO B 97 -18.95 -25.26 -17.00
N PRO B 98 -19.58 -26.34 -17.49
CA PRO B 98 -20.58 -27.11 -16.74
C PRO B 98 -20.07 -27.86 -15.51
N LEU B 99 -18.82 -28.27 -15.53
CA LEU B 99 -18.25 -29.11 -14.47
C LEU B 99 -17.72 -28.33 -13.26
N LEU B 100 -17.93 -27.01 -13.26
CA LEU B 100 -17.31 -26.11 -12.28
C LEU B 100 -17.80 -26.37 -10.86
N VAL B 101 -16.89 -26.24 -9.90
CA VAL B 101 -17.12 -26.58 -8.49
C VAL B 101 -16.79 -25.40 -7.55
N ASP B 102 -15.62 -24.79 -7.73
CA ASP B 102 -15.20 -23.60 -6.97
C ASP B 102 -15.22 -22.38 -7.86
N LEU B 103 -15.67 -21.25 -7.32
CA LEU B 103 -15.51 -19.98 -7.99
C LEU B 103 -14.97 -18.95 -6.99
N ARG B 104 -13.71 -18.56 -7.16
CA ARG B 104 -13.09 -17.55 -6.31
C ARG B 104 -12.69 -16.36 -7.17
N VAL B 105 -13.51 -15.33 -7.10
CA VAL B 105 -13.31 -14.12 -7.89
C VAL B 105 -13.39 -12.87 -7.02
N PHE B 106 -13.12 -13.02 -5.73
CA PHE B 106 -13.17 -11.88 -4.82
C PHE B 106 -12.07 -10.86 -5.12
N ASN B 107 -12.26 -9.64 -4.64
CA ASN B 107 -11.34 -8.53 -4.91
C ASN B 107 -11.12 -8.32 -6.41
N ASN B 108 -12.17 -7.86 -7.07
CA ASN B 108 -12.15 -7.49 -8.48
C ASN B 108 -13.12 -6.31 -8.70
N GLN B 109 -13.37 -5.92 -9.95
CA GLN B 109 -14.38 -4.87 -10.23
C GLN B 109 -15.60 -5.44 -10.94
N LEU B 110 -15.98 -6.68 -10.62
CA LEU B 110 -17.07 -7.34 -11.33
C LEU B 110 -18.39 -6.61 -11.14
N GLU B 111 -19.01 -6.21 -12.25
CA GLU B 111 -20.30 -5.52 -12.23
C GLU B 111 -21.47 -6.49 -12.34
N GLU B 112 -21.23 -7.66 -12.93
CA GLU B 112 -22.23 -8.73 -13.02
C GLU B 112 -21.55 -10.08 -12.92
N LEU B 113 -22.32 -11.11 -12.60
CA LEU B 113 -21.84 -12.50 -12.74
C LEU B 113 -22.56 -13.18 -13.91
N PRO B 114 -21.89 -14.14 -14.56
CA PRO B 114 -22.52 -14.90 -15.64
C PRO B 114 -23.64 -15.79 -15.11
N GLU B 115 -24.38 -16.43 -16.02
CA GLU B 115 -25.48 -17.32 -15.63
C GLU B 115 -24.97 -18.47 -14.77
N LEU B 116 -25.48 -18.57 -13.55
CA LEU B 116 -25.04 -19.62 -12.62
C LEU B 116 -26.01 -20.78 -12.45
N GLN B 117 -27.27 -20.59 -12.79
CA GLN B 117 -28.31 -21.59 -12.49
C GLN B 117 -28.12 -22.97 -13.15
N ASN B 118 -27.25 -23.06 -14.14
CA ASN B 118 -27.04 -24.29 -14.89
C ASN B 118 -25.71 -24.99 -14.60
N LEU B 119 -25.09 -24.65 -13.46
CA LEU B 119 -23.84 -25.28 -13.05
C LEU B 119 -24.12 -26.10 -11.79
N PRO B 120 -24.65 -27.32 -11.96
CA PRO B 120 -25.08 -28.13 -10.83
C PRO B 120 -23.97 -28.58 -9.88
N PHE B 121 -22.74 -28.67 -10.39
CA PHE B 121 -21.60 -29.09 -9.58
C PHE B 121 -21.01 -27.96 -8.72
N LEU B 122 -21.33 -26.71 -9.08
CA LEU B 122 -20.84 -25.52 -8.39
C LEU B 122 -21.36 -25.42 -6.96
N THR B 123 -20.48 -25.64 -5.98
CA THR B 123 -20.85 -25.69 -4.56
C THR B 123 -20.32 -24.53 -3.70
N GLU B 124 -19.40 -23.73 -4.24
CA GLU B 124 -18.78 -22.64 -3.50
C GLU B 124 -18.57 -21.42 -4.41
N ILE B 125 -19.13 -20.28 -4.02
CA ILE B 125 -18.86 -19.01 -4.69
C ILE B 125 -18.37 -17.98 -3.69
N TYR B 126 -17.17 -17.45 -3.94
CA TYR B 126 -16.62 -16.33 -3.17
C TYR B 126 -16.42 -15.17 -4.13
N ALA B 127 -17.42 -14.31 -4.20
CA ALA B 127 -17.43 -13.16 -5.10
C ALA B 127 -17.49 -11.88 -4.29
N ASN B 128 -16.98 -11.94 -3.06
CA ASN B 128 -16.99 -10.79 -2.17
C ASN B 128 -16.02 -9.72 -2.63
N ASN B 129 -16.29 -8.49 -2.22
CA ASN B 129 -15.49 -7.33 -2.61
C ASN B 129 -15.42 -7.16 -4.12
N ASN B 130 -16.55 -6.76 -4.69
CA ASN B 130 -16.68 -6.47 -6.11
C ASN B 130 -17.64 -5.28 -6.26
N SER B 131 -18.09 -4.99 -7.48
CA SER B 131 -19.06 -3.93 -7.69
C SER B 131 -20.42 -4.49 -8.12
N LEU B 132 -20.80 -5.64 -7.59
CA LEU B 132 -22.04 -6.31 -7.98
C LEU B 132 -23.26 -5.56 -7.47
N LYS B 133 -24.13 -5.15 -8.40
CA LYS B 133 -25.42 -4.56 -8.05
C LYS B 133 -26.49 -5.63 -7.86
N THR B 134 -26.30 -6.79 -8.50
CA THR B 134 -27.30 -7.86 -8.49
C THR B 134 -26.70 -9.24 -8.74
N LEU B 135 -27.32 -10.25 -8.15
CA LEU B 135 -26.93 -11.65 -8.38
C LEU B 135 -27.87 -12.35 -9.35
N PRO B 136 -27.31 -13.07 -10.34
CA PRO B 136 -28.16 -13.98 -11.10
C PRO B 136 -28.67 -15.13 -10.23
N ASP B 137 -29.65 -15.86 -10.74
CA ASP B 137 -30.19 -17.01 -10.03
C ASP B 137 -29.09 -18.07 -9.81
N LEU B 138 -29.07 -18.66 -8.62
CA LEU B 138 -27.90 -19.42 -8.14
C LEU B 138 -27.95 -20.91 -8.53
N PRO B 139 -26.82 -21.63 -8.38
CA PRO B 139 -26.78 -23.07 -8.68
C PRO B 139 -27.67 -23.88 -7.75
N PRO B 140 -28.21 -25.01 -8.25
CA PRO B 140 -29.02 -25.93 -7.47
C PRO B 140 -28.39 -26.45 -6.17
N SER B 141 -27.09 -26.74 -6.20
CA SER B 141 -26.42 -27.41 -5.07
C SER B 141 -25.43 -26.54 -4.32
N LEU B 142 -25.65 -25.22 -4.34
CA LEU B 142 -24.72 -24.26 -3.72
C LEU B 142 -24.70 -24.40 -2.19
N VAL B 143 -23.51 -24.61 -1.64
CA VAL B 143 -23.30 -24.81 -0.20
C VAL B 143 -22.75 -23.55 0.50
N ASP B 144 -21.82 -22.84 -0.15
CA ASP B 144 -21.21 -21.62 0.43
C ASP B 144 -21.36 -20.45 -0.49
N LEU B 145 -21.88 -19.36 0.04
CA LEU B 145 -21.94 -18.13 -0.74
C LEU B 145 -21.37 -16.97 0.07
N ASN B 146 -20.40 -16.28 -0.52
CA ASN B 146 -19.88 -15.06 0.06
C ASN B 146 -19.92 -13.93 -0.95
N VAL B 147 -20.72 -12.92 -0.66
CA VAL B 147 -20.88 -11.77 -1.53
C VAL B 147 -20.84 -10.49 -0.72
N ARG B 148 -20.03 -10.48 0.33
CA ARG B 148 -19.93 -9.31 1.18
C ARG B 148 -19.16 -8.22 0.43
N GLU B 149 -19.33 -6.98 0.87
CA GLU B 149 -18.68 -5.82 0.23
C GLU B 149 -19.04 -5.70 -1.25
N ASN B 150 -20.32 -5.50 -1.52
CA ASN B 150 -20.81 -5.26 -2.86
C ASN B 150 -21.91 -4.20 -2.78
N TYR B 151 -22.64 -3.98 -3.86
CA TYR B 151 -23.73 -3.00 -3.88
C TYR B 151 -25.08 -3.67 -4.15
N LEU B 152 -25.28 -4.85 -3.55
CA LEU B 152 -26.54 -5.57 -3.71
C LEU B 152 -27.69 -4.82 -3.04
N THR B 153 -28.82 -4.74 -3.71
CA THR B 153 -30.04 -4.17 -3.13
C THR B 153 -31.13 -5.22 -2.89
N ALA B 154 -30.95 -6.43 -3.44
CA ALA B 154 -31.89 -7.53 -3.24
C ALA B 154 -31.24 -8.88 -3.51
N LEU B 155 -31.91 -9.95 -3.08
CA LEU B 155 -31.38 -11.32 -3.16
C LEU B 155 -32.28 -12.22 -3.99
N PRO B 156 -31.68 -13.06 -4.84
CA PRO B 156 -32.44 -14.14 -5.51
C PRO B 156 -32.88 -15.21 -4.51
N GLU B 157 -33.59 -16.22 -5.00
CA GLU B 157 -33.97 -17.35 -4.17
C GLU B 157 -32.72 -18.14 -3.78
N LEU B 158 -32.65 -18.56 -2.52
CA LEU B 158 -31.51 -19.30 -2.02
C LEU B 158 -31.82 -20.80 -2.00
N PRO B 159 -30.86 -21.64 -2.45
CA PRO B 159 -31.02 -23.11 -2.46
C PRO B 159 -31.27 -23.73 -1.09
N GLN B 160 -31.96 -24.87 -1.10
CA GLN B 160 -32.08 -25.75 0.07
C GLN B 160 -30.70 -26.12 0.61
N SER B 161 -29.79 -26.40 -0.32
CA SER B 161 -28.43 -26.87 -0.02
C SER B 161 -27.54 -25.89 0.73
N LEU B 162 -27.92 -24.61 0.74
CA LEU B 162 -27.09 -23.55 1.30
C LEU B 162 -26.89 -23.69 2.82
N ILE B 163 -25.63 -23.57 3.23
CA ILE B 163 -25.23 -23.73 4.63
C ILE B 163 -24.63 -22.43 5.19
N PHE B 164 -23.65 -21.87 4.48
CA PHE B 164 -22.97 -20.64 4.91
C PHE B 164 -23.29 -19.50 3.95
N LEU B 165 -23.63 -18.34 4.51
CA LEU B 165 -24.04 -17.19 3.71
C LEU B 165 -23.55 -15.88 4.32
N ASP B 166 -22.68 -15.19 3.58
CA ASP B 166 -22.20 -13.88 3.98
C ASP B 166 -22.64 -12.85 2.96
N ILE B 167 -23.52 -11.94 3.39
CA ILE B 167 -24.07 -10.89 2.54
C ILE B 167 -23.86 -9.51 3.17
N SER B 168 -22.90 -9.43 4.08
CA SER B 168 -22.68 -8.21 4.85
C SER B 168 -22.07 -7.11 4.00
N ASP B 169 -22.25 -5.88 4.45
CA ASP B 169 -21.68 -4.71 3.78
C ASP B 169 -22.21 -4.60 2.35
N ASN B 170 -23.54 -4.52 2.24
CA ASN B 170 -24.23 -4.33 0.98
C ASN B 170 -25.29 -3.23 1.18
N ILE B 171 -26.27 -3.12 0.29
CA ILE B 171 -27.36 -2.14 0.45
C ILE B 171 -28.69 -2.87 0.56
N LEU B 172 -28.72 -3.92 1.38
CA LEU B 172 -29.96 -4.67 1.59
C LEU B 172 -30.84 -3.92 2.58
N SER B 173 -32.15 -3.98 2.36
CA SER B 173 -33.12 -3.36 3.27
C SER B 173 -34.12 -4.37 3.84
N GLY B 174 -34.03 -5.63 3.40
CA GLY B 174 -34.89 -6.69 3.91
C GLY B 174 -34.35 -8.03 3.45
N LEU B 175 -34.84 -9.11 4.04
CA LEU B 175 -34.30 -10.44 3.71
C LEU B 175 -35.26 -11.42 3.04
N SER B 176 -34.88 -11.88 1.85
CA SER B 176 -35.62 -12.91 1.14
C SER B 176 -35.49 -14.21 1.94
N GLU B 177 -36.61 -14.86 2.19
CA GLU B 177 -36.70 -15.99 3.15
C GLU B 177 -35.50 -16.95 3.07
N LEU B 178 -34.99 -17.32 4.23
CA LEU B 178 -33.78 -18.11 4.35
C LEU B 178 -34.07 -19.60 4.20
N PRO B 179 -33.12 -20.37 3.62
CA PRO B 179 -33.29 -21.83 3.51
C PRO B 179 -33.21 -22.53 4.86
N PRO B 180 -33.77 -23.74 4.93
CA PRO B 180 -33.85 -24.49 6.19
C PRO B 180 -32.56 -25.14 6.70
N ASN B 181 -31.49 -25.18 5.89
CA ASN B 181 -30.23 -25.79 6.33
C ASN B 181 -29.14 -24.80 6.71
N LEU B 182 -29.43 -23.51 6.50
CA LEU B 182 -28.50 -22.46 6.83
C LEU B 182 -28.04 -22.56 8.28
N SER B 183 -26.74 -22.70 8.50
CA SER B 183 -26.18 -22.79 9.85
C SER B 183 -25.43 -21.53 10.28
N CYS B 184 -25.15 -20.64 9.34
CA CYS B 184 -24.35 -19.47 9.64
C CYS B 184 -24.66 -18.32 8.67
N LEU B 185 -25.15 -17.22 9.23
CA LEU B 185 -25.54 -16.05 8.44
C LEU B 185 -24.87 -14.78 8.97
N ASP B 186 -24.22 -14.06 8.08
CA ASP B 186 -23.69 -12.73 8.37
C ASP B 186 -24.37 -11.75 7.42
N ALA B 187 -25.24 -10.90 7.96
CA ALA B 187 -25.87 -9.83 7.19
C ALA B 187 -25.62 -8.46 7.82
N SER B 188 -24.39 -8.26 8.31
CA SER B 188 -23.98 -7.00 8.93
C SER B 188 -23.93 -5.85 7.93
N ARG B 189 -23.87 -4.63 8.44
CA ARG B 189 -23.59 -3.43 7.65
C ARG B 189 -24.45 -3.27 6.40
N ASN B 190 -25.73 -3.62 6.52
CA ASN B 190 -26.72 -3.35 5.49
C ASN B 190 -27.66 -2.27 6.04
N GLY B 191 -28.79 -2.05 5.37
CA GLY B 191 -29.86 -1.21 5.90
C GLY B 191 -31.11 -2.03 6.19
N ILE B 192 -30.93 -3.26 6.67
CA ILE B 192 -32.03 -4.18 6.89
C ILE B 192 -32.96 -3.60 7.96
N ARG B 193 -34.27 -3.59 7.68
CA ARG B 193 -35.27 -3.03 8.58
C ARG B 193 -36.08 -4.10 9.31
N SER B 194 -35.98 -5.35 8.87
CA SER B 194 -36.80 -6.44 9.43
C SER B 194 -36.32 -7.79 8.92
N LEU B 195 -36.32 -8.78 9.80
CA LEU B 195 -35.98 -10.15 9.42
C LEU B 195 -37.18 -11.06 9.25
N CYS B 196 -37.02 -12.09 8.42
CA CYS B 196 -38.03 -13.13 8.29
C CYS B 196 -37.84 -14.14 9.41
N ASP B 197 -38.52 -15.26 9.28
CA ASP B 197 -38.25 -16.37 10.18
C ASP B 197 -36.82 -16.86 9.98
N LEU B 198 -36.19 -17.25 11.07
CA LEU B 198 -34.86 -17.84 11.03
C LEU B 198 -35.02 -19.35 11.04
N PRO B 199 -34.27 -20.06 10.19
CA PRO B 199 -34.38 -21.53 10.18
C PRO B 199 -33.82 -22.13 11.46
N PRO B 200 -34.37 -23.28 11.89
CA PRO B 200 -33.94 -23.92 13.15
C PRO B 200 -32.47 -24.35 13.13
N SER B 201 -31.97 -24.66 11.93
CA SER B 201 -30.58 -25.09 11.72
C SER B 201 -29.54 -23.99 12.01
N LEU B 202 -29.98 -22.75 12.16
CA LEU B 202 -29.10 -21.61 12.37
C LEU B 202 -28.40 -21.65 13.73
N VAL B 203 -27.09 -21.40 13.72
CA VAL B 203 -26.25 -21.47 14.91
C VAL B 203 -25.40 -20.22 15.14
N TYR B 204 -25.09 -19.50 14.07
CA TYR B 204 -24.36 -18.23 14.15
C TYR B 204 -25.16 -17.18 13.38
N LEU B 205 -25.50 -16.09 14.06
CA LEU B 205 -26.28 -15.01 13.42
C LEU B 205 -25.65 -13.68 13.75
N ASP B 206 -25.28 -12.94 12.70
CA ASP B 206 -24.65 -11.64 12.86
C ASP B 206 -25.40 -10.63 12.02
N VAL B 207 -26.09 -9.72 12.70
CA VAL B 207 -26.89 -8.69 12.06
C VAL B 207 -26.47 -7.30 12.57
N ARG B 208 -25.24 -7.21 13.07
CA ARG B 208 -24.64 -5.95 13.48
C ARG B 208 -24.88 -4.84 12.46
N ASP B 209 -25.19 -3.64 12.94
CA ASP B 209 -25.19 -2.43 12.11
C ASP B 209 -26.22 -2.49 10.98
N ASN B 210 -27.47 -2.65 11.39
CA ASN B 210 -28.62 -2.58 10.49
C ASN B 210 -29.64 -1.63 11.11
N GLN B 211 -30.91 -1.74 10.76
CA GLN B 211 -31.92 -0.83 11.32
C GLN B 211 -33.13 -1.59 11.84
N LEU B 212 -32.87 -2.58 12.69
CA LEU B 212 -33.94 -3.41 13.26
C LEU B 212 -34.59 -2.74 14.46
N ILE B 213 -35.90 -2.97 14.61
CA ILE B 213 -36.63 -2.60 15.82
C ILE B 213 -36.79 -3.81 16.74
N GLU B 214 -36.87 -5.01 16.15
CA GLU B 214 -37.00 -6.24 16.91
C GLU B 214 -36.45 -7.42 16.12
N LEU B 215 -36.24 -8.54 16.79
CA LEU B 215 -35.79 -9.78 16.14
C LEU B 215 -36.94 -10.77 16.08
N PRO B 216 -36.97 -11.64 15.05
CA PRO B 216 -37.89 -12.77 15.08
C PRO B 216 -37.56 -13.73 16.20
N ALA B 217 -38.38 -14.76 16.38
CA ALA B 217 -38.08 -15.81 17.35
C ALA B 217 -36.76 -16.47 16.97
N LEU B 218 -35.94 -16.75 17.97
CA LEU B 218 -34.63 -17.32 17.73
C LEU B 218 -34.72 -18.85 17.82
N PRO B 219 -34.02 -19.57 16.92
CA PRO B 219 -33.93 -21.04 17.01
C PRO B 219 -33.35 -21.49 18.33
N SER B 220 -33.80 -22.65 18.83
CA SER B 220 -33.22 -23.22 20.05
C SER B 220 -31.77 -23.66 19.82
N GLY B 221 -31.42 -23.97 18.57
CA GLY B 221 -30.05 -24.34 18.21
C GLY B 221 -29.04 -23.21 18.27
N LEU B 222 -29.52 -21.96 18.15
CA LEU B 222 -28.66 -20.77 18.08
C LEU B 222 -27.68 -20.66 19.25
N GLU B 223 -26.41 -20.48 18.90
CA GLU B 223 -25.32 -20.43 19.89
C GLU B 223 -24.77 -19.03 20.08
N ARG B 224 -24.54 -18.31 18.98
CA ARG B 224 -24.00 -16.97 19.06
C ARG B 224 -24.87 -15.98 18.29
N LEU B 225 -25.26 -14.89 18.96
CA LEU B 225 -26.05 -13.83 18.35
C LEU B 225 -25.33 -12.50 18.49
N ILE B 226 -25.08 -11.84 17.35
CA ILE B 226 -24.59 -10.48 17.33
C ILE B 226 -25.67 -9.60 16.72
N ALA B 227 -26.20 -8.66 17.50
CA ALA B 227 -27.23 -7.74 17.01
C ALA B 227 -26.92 -6.30 17.41
N SER B 228 -25.65 -5.94 17.38
CA SER B 228 -25.21 -4.61 17.79
C SER B 228 -25.61 -3.54 16.78
N PHE B 229 -25.53 -2.27 17.19
CA PHE B 229 -25.78 -1.13 16.30
C PHE B 229 -27.09 -1.23 15.52
N ASN B 230 -28.17 -1.48 16.24
CA ASN B 230 -29.52 -1.44 15.65
C ASN B 230 -30.37 -0.51 16.50
N HIS B 231 -31.69 -0.56 16.37
CA HIS B 231 -32.60 0.20 17.23
C HIS B 231 -33.51 -0.73 18.00
N LEU B 232 -32.93 -1.77 18.61
CA LEU B 232 -33.72 -2.77 19.32
C LEU B 232 -34.30 -2.19 20.60
N ALA B 233 -35.61 -2.35 20.77
CA ALA B 233 -36.31 -1.92 21.98
C ALA B 233 -36.24 -3.01 23.03
N GLU B 234 -36.31 -4.26 22.59
CA GLU B 234 -36.15 -5.42 23.45
C GLU B 234 -35.65 -6.60 22.66
N LEU B 235 -35.13 -7.59 23.37
CA LEU B 235 -34.76 -8.85 22.75
C LEU B 235 -35.90 -9.85 22.89
N PRO B 236 -36.10 -10.73 21.89
CA PRO B 236 -37.01 -11.84 22.11
C PRO B 236 -36.44 -12.81 23.12
N GLU B 237 -37.23 -13.83 23.47
CA GLU B 237 -36.77 -14.86 24.40
C GLU B 237 -35.51 -15.52 23.85
N LEU B 238 -34.54 -15.75 24.72
CA LEU B 238 -33.25 -16.29 24.30
C LEU B 238 -33.24 -17.81 24.44
N PRO B 239 -32.71 -18.53 23.43
CA PRO B 239 -32.71 -19.99 23.46
C PRO B 239 -31.74 -20.56 24.49
N PRO B 240 -31.90 -21.85 24.84
CA PRO B 240 -31.13 -22.44 25.93
C PRO B 240 -29.72 -22.89 25.54
N ASN B 241 -29.34 -22.76 24.26
CA ASN B 241 -27.99 -23.09 23.82
C ASN B 241 -27.14 -21.87 23.49
N LEU B 242 -27.69 -20.69 23.70
CA LEU B 242 -26.99 -19.43 23.41
C LEU B 242 -25.90 -19.20 24.43
N TYR B 243 -24.65 -19.11 23.95
CA TYR B 243 -23.52 -18.88 24.86
C TYR B 243 -22.84 -17.52 24.66
N TYR B 244 -23.07 -16.86 23.53
CA TYR B 244 -22.51 -15.53 23.30
C TYR B 244 -23.59 -14.60 22.77
N LEU B 245 -23.77 -13.48 23.47
CA LEU B 245 -24.75 -12.48 23.09
C LEU B 245 -24.10 -11.11 23.08
N ASP B 246 -24.21 -10.42 21.95
CA ASP B 246 -23.79 -9.03 21.85
C ASP B 246 -24.95 -8.22 21.29
N ALA B 247 -25.60 -7.45 22.18
CA ALA B 247 -26.74 -6.61 21.80
C ALA B 247 -26.44 -5.15 22.11
N SER B 248 -25.18 -4.76 21.97
CA SER B 248 -24.75 -3.41 22.33
C SER B 248 -25.22 -2.35 21.33
N ARG B 249 -25.21 -1.10 21.78
CA ARG B 249 -25.57 0.06 20.96
C ARG B 249 -26.95 -0.11 20.31
N ASN B 250 -27.93 -0.33 21.18
CA ASN B 250 -29.33 -0.40 20.82
C ASN B 250 -30.09 0.52 21.77
N GLU B 251 -31.42 0.38 21.86
CA GLU B 251 -32.22 1.15 22.81
C GLU B 251 -33.02 0.21 23.71
N ILE B 252 -32.33 -0.74 24.31
CA ILE B 252 -32.99 -1.75 25.15
C ILE B 252 -33.30 -1.17 26.53
N SER B 253 -34.57 -1.28 26.95
CA SER B 253 -35.03 -0.75 28.22
C SER B 253 -34.89 -1.78 29.35
N SER B 254 -35.07 -3.06 29.00
CA SER B 254 -34.83 -4.13 29.95
C SER B 254 -34.58 -5.46 29.25
N LEU B 255 -33.74 -6.29 29.87
CA LEU B 255 -33.46 -7.63 29.37
C LEU B 255 -34.49 -8.62 29.86
N CYS B 256 -34.79 -9.62 29.02
CA CYS B 256 -35.55 -10.79 29.46
C CYS B 256 -34.59 -11.69 30.25
N ASP B 257 -35.07 -12.86 30.68
CA ASP B 257 -34.23 -13.80 31.42
C ASP B 257 -33.08 -14.29 30.56
N LEU B 258 -31.95 -14.55 31.21
CA LEU B 258 -30.77 -15.05 30.51
C LEU B 258 -30.62 -16.55 30.78
N PRO B 259 -30.38 -17.35 29.73
CA PRO B 259 -30.24 -18.79 29.92
C PRO B 259 -28.95 -19.15 30.66
N PRO B 260 -28.92 -20.30 31.35
CA PRO B 260 -27.73 -20.72 32.10
C PRO B 260 -26.52 -21.03 31.21
N SER B 261 -26.77 -21.32 29.93
CA SER B 261 -25.69 -21.57 28.94
C SER B 261 -24.89 -20.33 28.56
N LEU B 262 -25.41 -19.14 28.91
CA LEU B 262 -24.77 -17.88 28.54
C LEU B 262 -23.44 -17.69 29.28
N VAL B 263 -22.37 -17.53 28.50
CA VAL B 263 -21.02 -17.34 29.04
C VAL B 263 -20.43 -15.94 28.75
N ASP B 264 -21.02 -15.20 27.80
CA ASP B 264 -20.50 -13.91 27.39
C ASP B 264 -21.64 -12.98 26.98
N LEU B 265 -21.81 -11.90 27.74
CA LEU B 265 -22.90 -10.95 27.51
C LEU B 265 -22.34 -9.56 27.27
N ASN B 266 -22.93 -8.87 26.29
CA ASN B 266 -22.58 -7.48 26.04
C ASN B 266 -23.83 -6.66 25.70
N VAL B 267 -24.20 -5.80 26.63
CA VAL B 267 -25.37 -4.94 26.49
C VAL B 267 -24.94 -3.49 26.73
N ARG B 268 -23.74 -3.17 26.26
CA ARG B 268 -23.20 -1.83 26.35
C ARG B 268 -24.07 -0.83 25.57
N LYS B 269 -24.14 0.40 26.04
CA LYS B 269 -24.78 1.49 25.31
C LYS B 269 -26.24 1.18 24.99
N ASN B 270 -27.01 0.96 26.04
CA ASN B 270 -28.45 0.77 25.94
C ASN B 270 -29.16 1.67 26.95
N GLN B 271 -30.44 1.41 27.23
CA GLN B 271 -31.20 2.21 28.18
C GLN B 271 -31.55 1.45 29.44
N LEU B 272 -30.65 0.59 29.90
CA LEU B 272 -30.94 -0.27 31.06
C LEU B 272 -30.91 0.50 32.38
N ILE B 273 -31.89 0.22 33.23
CA ILE B 273 -31.94 0.74 34.60
C ILE B 273 -31.43 -0.33 35.56
N GLU B 274 -31.63 -1.60 35.21
CA GLU B 274 -31.11 -2.72 36.00
C GLU B 274 -30.89 -3.96 35.13
N LEU B 275 -30.03 -4.86 35.59
CA LEU B 275 -29.84 -6.16 34.94
C LEU B 275 -30.65 -7.24 35.66
N PRO B 276 -31.08 -8.28 34.92
CA PRO B 276 -31.71 -9.43 35.57
C PRO B 276 -30.66 -10.35 36.15
N ALA B 277 -31.10 -11.42 36.82
CA ALA B 277 -30.19 -12.36 37.46
C ALA B 277 -29.22 -12.95 36.44
N LEU B 278 -27.93 -12.85 36.75
CA LEU B 278 -26.91 -13.35 35.85
C LEU B 278 -26.80 -14.86 35.98
N PRO B 279 -26.57 -15.59 34.87
CA PRO B 279 -26.44 -17.05 34.95
C PRO B 279 -25.13 -17.46 35.63
N PRO B 280 -25.12 -18.65 36.24
CA PRO B 280 -23.96 -19.10 37.03
C PRO B 280 -22.65 -19.18 36.24
N ASP B 281 -22.74 -19.59 34.97
CA ASP B 281 -21.55 -19.83 34.15
C ASP B 281 -21.07 -18.62 33.35
N LEU B 282 -21.62 -17.43 33.65
CA LEU B 282 -21.19 -16.21 32.98
C LEU B 282 -19.75 -15.87 33.35
N GLU B 283 -18.95 -15.56 32.33
CA GLU B 283 -17.54 -15.23 32.50
C GLU B 283 -17.16 -13.80 32.08
N ARG B 284 -17.99 -13.18 31.24
CA ARG B 284 -17.68 -11.86 30.68
C ARG B 284 -18.95 -11.03 30.61
N LEU B 285 -19.01 -9.95 31.38
CA LEU B 285 -20.16 -9.04 31.35
C LEU B 285 -19.71 -7.65 30.97
N ILE B 286 -20.30 -7.11 29.90
CA ILE B 286 -20.09 -5.73 29.52
C ILE B 286 -21.46 -5.04 29.61
N ALA B 287 -21.59 -4.10 30.54
CA ALA B 287 -22.85 -3.37 30.71
C ALA B 287 -22.60 -1.88 30.83
N SER B 288 -21.65 -1.37 30.03
CA SER B 288 -21.27 0.03 30.07
C SER B 288 -22.35 0.94 29.48
N PHE B 289 -22.13 2.25 29.60
CA PHE B 289 -22.99 3.25 28.99
C PHE B 289 -24.48 2.92 29.13
N ASN B 290 -24.93 2.73 30.36
CA ASN B 290 -26.35 2.53 30.65
C ASN B 290 -26.76 3.47 31.78
N HIS B 291 -27.86 3.16 32.47
CA HIS B 291 -28.28 3.93 33.64
C HIS B 291 -28.46 3.01 34.84
N LEU B 292 -27.44 2.20 35.12
CA LEU B 292 -27.50 1.21 36.19
C LEU B 292 -27.30 1.86 37.54
N ALA B 293 -28.26 1.63 38.44
CA ALA B 293 -28.16 2.08 39.82
C ALA B 293 -27.33 1.12 40.66
N GLU B 294 -27.36 -0.17 40.29
CA GLU B 294 -26.60 -1.19 40.99
C GLU B 294 -26.52 -2.49 40.16
N LEU B 295 -25.54 -3.33 40.46
CA LEU B 295 -25.42 -4.63 39.78
C LEU B 295 -26.10 -5.72 40.61
N PRO B 296 -26.66 -6.76 39.97
CA PRO B 296 -27.09 -7.93 40.74
C PRO B 296 -25.90 -8.70 41.25
N GLU B 297 -26.14 -9.70 42.09
CA GLU B 297 -25.04 -10.48 42.65
C GLU B 297 -24.28 -11.18 41.52
N LEU B 298 -22.97 -11.07 41.57
CA LEU B 298 -22.12 -11.52 40.49
C LEU B 298 -21.85 -13.03 40.61
N PRO B 299 -21.92 -13.77 39.49
CA PRO B 299 -21.71 -15.21 39.54
C PRO B 299 -20.27 -15.60 39.90
N PRO B 300 -20.09 -16.81 40.43
CA PRO B 300 -18.77 -17.28 40.90
C PRO B 300 -17.67 -17.30 39.86
N ASN B 301 -18.01 -17.44 38.58
CA ASN B 301 -17.00 -17.59 37.52
C ASN B 301 -16.75 -16.34 36.68
N LEU B 302 -17.33 -15.21 37.07
CA LEU B 302 -17.17 -13.97 36.33
C LEU B 302 -15.72 -13.51 36.41
N SER B 303 -15.11 -13.30 35.25
CA SER B 303 -13.69 -12.97 35.17
C SER B 303 -13.40 -11.58 34.58
N TYR B 304 -14.31 -11.06 33.75
CA TYR B 304 -14.18 -9.72 33.18
C TYR B 304 -15.49 -8.98 33.39
N LEU B 305 -15.41 -7.79 34.00
CA LEU B 305 -16.59 -6.94 34.24
C LEU B 305 -16.30 -5.50 33.85
N ASP B 306 -17.11 -4.98 32.94
CA ASP B 306 -17.07 -3.58 32.55
C ASP B 306 -18.46 -3.00 32.77
N ALA B 307 -18.66 -2.37 33.93
CA ALA B 307 -19.89 -1.66 34.23
C ALA B 307 -19.65 -0.16 34.29
N SER B 308 -18.81 0.34 33.39
CA SER B 308 -18.45 1.76 33.39
C SER B 308 -19.59 2.63 32.85
N ARG B 309 -19.41 3.95 32.95
CA ARG B 309 -20.37 4.93 32.41
C ARG B 309 -21.79 4.58 32.81
N ASN B 310 -22.01 4.46 34.11
CA ASN B 310 -23.34 4.19 34.66
C ASN B 310 -23.58 5.17 35.81
N GLU B 311 -24.53 4.87 36.69
CA GLU B 311 -24.69 5.66 37.92
C GLU B 311 -24.82 4.72 39.12
N ILE B 312 -23.84 3.83 39.25
CA ILE B 312 -23.81 2.88 40.35
C ILE B 312 -23.23 3.58 41.59
N SER B 313 -23.97 3.54 42.70
CA SER B 313 -23.52 4.19 43.94
C SER B 313 -22.87 3.21 44.91
N SER B 314 -23.16 1.93 44.74
CA SER B 314 -22.70 0.89 45.65
C SER B 314 -22.35 -0.38 44.87
N LEU B 315 -21.15 -0.88 45.09
CA LEU B 315 -20.66 -2.07 44.39
C LEU B 315 -20.69 -3.28 45.31
N CYS B 316 -21.44 -4.31 44.92
CA CYS B 316 -21.62 -5.52 45.73
C CYS B 316 -20.34 -6.37 45.78
N ASP B 317 -20.40 -7.48 46.51
CA ASP B 317 -19.26 -8.40 46.65
C ASP B 317 -18.71 -8.87 45.31
N LEU B 318 -17.39 -8.80 45.16
CA LEU B 318 -16.74 -9.22 43.91
C LEU B 318 -16.21 -10.65 44.07
N PRO B 319 -16.54 -11.54 43.10
CA PRO B 319 -16.12 -12.94 43.23
C PRO B 319 -14.64 -13.09 42.98
N PRO B 320 -14.01 -14.12 43.56
CA PRO B 320 -12.56 -14.31 43.50
C PRO B 320 -12.03 -14.59 42.09
N SER B 321 -12.90 -15.12 41.22
CA SER B 321 -12.57 -15.39 39.81
C SER B 321 -12.27 -14.15 39.00
N LEU B 322 -12.69 -12.99 39.50
CA LEU B 322 -12.56 -11.73 38.78
C LEU B 322 -11.10 -11.35 38.56
N VAL B 323 -10.76 -10.97 37.33
CA VAL B 323 -9.40 -10.56 36.95
C VAL B 323 -9.32 -9.16 36.33
N ASP B 324 -10.39 -8.72 35.66
CA ASP B 324 -10.42 -7.43 34.98
C ASP B 324 -11.70 -6.68 35.39
N LEU B 325 -11.55 -5.58 36.12
CA LEU B 325 -12.70 -4.82 36.60
C LEU B 325 -12.61 -3.37 36.14
N ASN B 326 -13.70 -2.89 35.56
CA ASN B 326 -13.81 -1.50 35.15
C ASN B 326 -15.13 -0.90 35.61
N VAL B 327 -15.04 0.09 36.47
CA VAL B 327 -16.21 0.80 36.97
C VAL B 327 -16.01 2.30 36.82
N ARG B 328 -15.31 2.70 35.76
CA ARG B 328 -15.10 4.11 35.50
C ARG B 328 -16.44 4.85 35.40
N LYS B 329 -16.48 6.05 35.94
CA LYS B 329 -17.62 6.95 35.78
C LYS B 329 -18.89 6.37 36.38
N ASN B 330 -18.94 6.37 37.70
CA ASN B 330 -20.12 5.99 38.47
C ASN B 330 -20.21 6.90 39.69
N GLN B 331 -21.03 6.53 40.68
CA GLN B 331 -21.21 7.30 41.91
C GLN B 331 -20.57 6.61 43.12
N LEU B 332 -19.43 5.98 42.93
CA LEU B 332 -18.81 5.19 44.02
C LEU B 332 -18.07 6.06 45.04
N ILE B 333 -18.36 5.82 46.31
CA ILE B 333 -17.64 6.47 47.41
C ILE B 333 -16.59 5.52 48.01
N GLU B 334 -16.78 4.21 47.84
CA GLU B 334 -15.80 3.22 48.29
C GLU B 334 -15.89 1.95 47.42
N LEU B 335 -14.77 1.28 47.26
CA LEU B 335 -14.75 -0.02 46.60
C LEU B 335 -14.77 -1.10 47.66
N PRO B 336 -15.35 -2.28 47.34
CA PRO B 336 -15.30 -3.38 48.29
C PRO B 336 -13.96 -4.07 48.21
N ALA B 337 -13.78 -5.14 48.99
CA ALA B 337 -12.53 -5.88 49.01
C ALA B 337 -12.24 -6.44 47.63
N LEU B 338 -11.03 -6.16 47.14
CA LEU B 338 -10.65 -6.54 45.79
C LEU B 338 -10.19 -8.01 45.79
N PRO B 339 -10.73 -8.84 44.87
CA PRO B 339 -10.38 -10.26 44.86
C PRO B 339 -8.91 -10.49 44.50
N PRO B 340 -8.32 -11.58 45.00
CA PRO B 340 -6.88 -11.82 44.95
C PRO B 340 -6.29 -11.92 43.53
N ASP B 341 -7.03 -12.52 42.62
CA ASP B 341 -6.54 -12.74 41.25
C ASP B 341 -6.78 -11.55 40.31
N LEU B 342 -7.15 -10.40 40.87
CA LEU B 342 -7.38 -9.19 40.07
C LEU B 342 -6.06 -8.70 39.47
N GLU B 343 -6.12 -8.34 38.19
CA GLU B 343 -4.94 -7.90 37.44
C GLU B 343 -5.05 -6.47 36.92
N ARG B 344 -6.24 -6.09 36.45
CA ARG B 344 -6.51 -4.73 35.97
C ARG B 344 -7.71 -4.14 36.70
N LEU B 345 -7.48 -3.01 37.36
CA LEU B 345 -8.55 -2.25 37.99
C LEU B 345 -8.62 -0.86 37.37
N ILE B 346 -9.81 -0.48 36.94
CA ILE B 346 -10.09 0.86 36.48
C ILE B 346 -11.27 1.38 37.29
N ALA B 347 -10.98 2.30 38.21
CA ALA B 347 -12.01 2.90 39.04
C ALA B 347 -11.99 4.42 38.94
N SER B 348 -11.51 4.93 37.81
CA SER B 348 -11.41 6.37 37.60
C SER B 348 -12.79 7.02 37.55
N PHE B 349 -12.83 8.33 37.81
CA PHE B 349 -14.06 9.12 37.73
C PHE B 349 -15.16 8.58 38.65
N ASN B 350 -14.87 8.60 39.95
CA ASN B 350 -15.88 8.33 40.95
C ASN B 350 -15.67 9.34 42.07
N HIS B 351 -16.11 9.03 43.29
CA HIS B 351 -15.85 9.89 44.44
C HIS B 351 -15.11 9.13 45.53
N LEU B 352 -14.02 8.47 45.15
CA LEU B 352 -13.22 7.71 46.09
C LEU B 352 -12.29 8.60 46.90
N ALA B 353 -12.25 8.37 48.21
CA ALA B 353 -11.31 9.05 49.10
C ALA B 353 -10.08 8.20 49.35
N GLU B 354 -10.20 6.89 49.14
CA GLU B 354 -9.09 5.95 49.29
C GLU B 354 -9.39 4.62 48.61
N LEU B 355 -8.35 3.84 48.35
CA LEU B 355 -8.51 2.53 47.72
C LEU B 355 -8.39 1.43 48.77
N PRO B 356 -9.09 0.30 48.57
CA PRO B 356 -8.87 -0.88 49.41
C PRO B 356 -7.45 -1.39 49.26
N GLU B 357 -7.08 -2.36 50.10
CA GLU B 357 -5.76 -2.95 49.99
C GLU B 357 -5.63 -3.65 48.62
N LEU B 358 -4.62 -3.26 47.86
CA LEU B 358 -4.46 -3.76 46.50
C LEU B 358 -3.96 -5.20 46.52
N PRO B 359 -4.61 -6.11 45.75
CA PRO B 359 -4.16 -7.49 45.70
C PRO B 359 -2.78 -7.60 45.04
N PRO B 360 -2.06 -8.70 45.31
CA PRO B 360 -0.65 -8.78 44.96
C PRO B 360 -0.36 -9.17 43.50
N ASN B 361 -1.39 -9.41 42.69
CA ASN B 361 -1.22 -9.70 41.27
C ASN B 361 -1.65 -8.57 40.34
N LEU B 362 -1.97 -7.42 40.94
CA LEU B 362 -2.45 -6.26 40.19
C LEU B 362 -1.32 -5.65 39.37
N SER B 363 -1.49 -5.63 38.04
CA SER B 363 -0.48 -5.09 37.13
C SER B 363 -0.83 -3.70 36.58
N TYR B 364 -2.12 -3.40 36.47
CA TYR B 364 -2.60 -2.12 35.94
C TYR B 364 -3.62 -1.51 36.89
N LEU B 365 -3.40 -0.25 37.28
CA LEU B 365 -4.31 0.45 38.18
C LEU B 365 -4.55 1.86 37.69
N ASP B 366 -5.81 2.18 37.43
CA ASP B 366 -6.22 3.52 37.07
C ASP B 366 -7.30 4.00 38.03
N ALA B 367 -6.92 4.90 38.92
CA ALA B 367 -7.84 5.48 39.89
C ALA B 367 -7.85 6.99 39.77
N SER B 368 -7.73 7.49 38.54
CA SER B 368 -7.67 8.93 38.31
C SER B 368 -9.04 9.59 38.49
N ARG B 369 -9.03 10.90 38.66
CA ARG B 369 -10.24 11.70 38.77
C ARG B 369 -11.14 11.17 39.89
N ASN B 370 -10.57 11.09 41.07
CA ASN B 370 -11.31 10.85 42.29
C ASN B 370 -10.91 11.95 43.26
N GLU B 371 -11.20 11.75 44.55
CA GLU B 371 -10.72 12.66 45.57
C GLU B 371 -9.88 11.88 46.57
N ILE B 372 -8.87 11.21 46.05
CA ILE B 372 -8.00 10.37 46.86
C ILE B 372 -6.91 11.23 47.49
N SER B 373 -6.81 11.17 48.82
CA SER B 373 -5.88 12.00 49.57
C SER B 373 -4.52 11.33 49.79
N SER B 374 -4.50 10.00 49.90
CA SER B 374 -3.23 9.26 49.91
C SER B 374 -3.39 7.83 49.38
N LEU B 375 -2.29 7.28 48.87
CA LEU B 375 -2.30 5.95 48.29
C LEU B 375 -1.79 4.90 49.25
N CYS B 376 -2.56 3.83 49.40
CA CYS B 376 -2.10 2.63 50.10
C CYS B 376 -0.87 2.08 49.40
N ASP B 377 -0.18 1.15 50.05
CA ASP B 377 1.02 0.54 49.49
C ASP B 377 0.72 -0.16 48.16
N LEU B 378 1.67 -0.07 47.24
CA LEU B 378 1.52 -0.61 45.90
C LEU B 378 2.23 -1.97 45.80
N PRO B 379 1.54 -2.99 45.25
CA PRO B 379 2.21 -4.30 45.07
C PRO B 379 3.31 -4.26 44.01
N PRO B 380 4.33 -5.13 44.15
CA PRO B 380 5.47 -5.19 43.22
C PRO B 380 5.08 -5.63 41.79
N SER B 381 3.96 -6.35 41.69
CA SER B 381 3.40 -6.76 40.41
C SER B 381 2.92 -5.60 39.52
N LEU B 382 2.79 -4.41 40.10
CA LEU B 382 2.25 -3.27 39.39
C LEU B 382 3.21 -2.74 38.33
N VAL B 383 2.69 -2.57 37.13
CA VAL B 383 3.44 -2.08 35.98
C VAL B 383 2.98 -0.70 35.50
N GLU B 384 1.68 -0.43 35.60
CA GLU B 384 1.10 0.84 35.13
C GLU B 384 0.20 1.46 36.20
N LEU B 385 0.51 2.69 36.58
CA LEU B 385 -0.24 3.42 37.60
C LEU B 385 -0.71 4.77 37.08
N ASP B 386 -2.02 4.99 37.10
CA ASP B 386 -2.58 6.29 36.74
C ASP B 386 -3.44 6.83 37.88
N VAL B 387 -2.97 7.90 38.49
CA VAL B 387 -3.70 8.55 39.59
C VAL B 387 -3.79 10.06 39.39
N ARG B 388 -3.86 10.50 38.13
CA ARG B 388 -3.97 11.93 37.83
C ARG B 388 -5.28 12.45 38.41
N ASP B 389 -5.31 13.75 38.71
CA ASP B 389 -6.52 14.40 39.19
C ASP B 389 -7.03 13.73 40.48
N ASN B 390 -6.28 13.93 41.55
CA ASN B 390 -6.65 13.46 42.86
C ASN B 390 -6.11 14.46 43.86
N GLN B 391 -6.30 14.18 45.14
CA GLN B 391 -5.84 15.06 46.21
C GLN B 391 -4.54 14.58 46.86
N LEU B 392 -3.57 14.13 46.07
CA LEU B 392 -2.33 13.58 46.63
C LEU B 392 -1.29 14.65 46.89
N ILE B 393 -0.63 14.54 48.03
CA ILE B 393 0.54 15.36 48.33
C ILE B 393 1.85 14.54 48.30
N GLU B 394 1.73 13.21 48.35
CA GLU B 394 2.89 12.34 48.17
C GLU B 394 2.50 10.96 47.64
N LEU B 395 3.46 10.31 47.00
CA LEU B 395 3.24 8.96 46.49
C LEU B 395 4.00 7.97 47.37
N PRO B 396 3.44 6.75 47.54
CA PRO B 396 4.17 5.74 48.28
C PRO B 396 5.37 5.24 47.49
N ALA B 397 6.23 4.46 48.12
CA ALA B 397 7.37 3.87 47.44
C ALA B 397 6.86 3.15 46.20
N LEU B 398 7.58 3.34 45.10
CA LEU B 398 7.15 2.82 43.82
C LEU B 398 7.73 1.42 43.58
N PRO B 399 6.88 0.47 43.17
CA PRO B 399 7.41 -0.87 42.87
C PRO B 399 8.45 -0.83 41.76
N PRO B 400 9.38 -1.80 41.76
CA PRO B 400 10.54 -1.74 40.86
C PRO B 400 10.22 -2.08 39.42
N HIS B 401 9.12 -2.79 39.16
CA HIS B 401 8.77 -3.18 37.80
C HIS B 401 7.73 -2.25 37.18
N LEU B 402 7.58 -1.07 37.75
CA LEU B 402 6.68 -0.06 37.21
C LEU B 402 7.29 0.50 35.93
N GLU B 403 6.46 0.57 34.88
CA GLU B 403 6.86 1.12 33.60
C GLU B 403 6.21 2.48 33.29
N ARG B 404 5.01 2.72 33.80
CA ARG B 404 4.27 3.95 33.52
C ARG B 404 3.70 4.54 34.80
N LEU B 405 4.05 5.80 35.08
CA LEU B 405 3.55 6.53 36.23
C LEU B 405 2.93 7.83 35.78
N ILE B 406 1.62 7.95 35.93
CA ILE B 406 0.88 9.15 35.58
C ILE B 406 0.21 9.68 36.84
N ALA B 407 0.71 10.82 37.33
CA ALA B 407 0.23 11.39 38.57
C ALA B 407 0.11 12.91 38.47
N SER B 408 -0.19 13.40 37.28
CA SER B 408 -0.36 14.83 37.04
C SER B 408 -1.64 15.32 37.68
N LEU B 409 -1.78 16.63 37.81
CA LEU B 409 -2.94 17.25 38.47
C LEU B 409 -3.16 16.68 39.85
N ASN B 410 -2.17 16.87 40.71
CA ASN B 410 -2.28 16.53 42.13
C ASN B 410 -1.59 17.67 42.87
N HIS B 411 -1.27 17.47 44.15
CA HIS B 411 -0.56 18.48 44.92
C HIS B 411 0.81 17.97 45.37
N LEU B 412 1.44 17.12 44.57
CA LEU B 412 2.68 16.47 44.96
C LEU B 412 3.79 17.49 45.27
N ALA B 413 4.43 17.31 46.41
CA ALA B 413 5.57 18.14 46.81
C ALA B 413 6.89 17.53 46.33
N GLU B 414 6.92 16.19 46.22
CA GLU B 414 8.05 15.49 45.62
C GLU B 414 7.64 14.11 45.15
N VAL B 415 8.40 13.57 44.22
CA VAL B 415 8.13 12.24 43.70
C VAL B 415 9.17 11.25 44.26
N PRO B 416 8.72 10.04 44.67
CA PRO B 416 9.65 9.03 45.19
C PRO B 416 10.75 8.73 44.21
N GLU B 417 11.82 8.09 44.68
CA GLU B 417 12.89 7.63 43.80
C GLU B 417 12.26 6.73 42.74
N LEU B 418 12.63 6.97 41.48
CA LEU B 418 11.97 6.31 40.35
C LEU B 418 12.63 4.99 40.00
N PRO B 419 11.82 3.95 39.73
CA PRO B 419 12.29 2.67 39.22
C PRO B 419 13.22 2.80 38.03
N GLN B 420 14.19 1.89 37.92
CA GLN B 420 15.27 2.02 36.97
C GLN B 420 14.85 1.62 35.55
N ASN B 421 13.68 1.01 35.42
CA ASN B 421 13.15 0.66 34.11
C ASN B 421 11.78 1.29 33.85
N LEU B 422 11.63 2.54 34.29
CA LEU B 422 10.42 3.32 34.03
C LEU B 422 10.47 3.86 32.60
N LYS B 423 9.35 3.74 31.89
CA LYS B 423 9.26 4.22 30.52
C LYS B 423 8.59 5.58 30.39
N GLN B 424 7.58 5.83 31.22
CA GLN B 424 6.76 7.04 31.12
C GLN B 424 6.50 7.68 32.48
N LEU B 425 6.81 8.97 32.59
CA LEU B 425 6.56 9.74 33.81
C LEU B 425 5.82 11.02 33.48
N HIS B 426 4.56 11.10 33.92
CA HIS B 426 3.71 12.26 33.69
C HIS B 426 3.26 12.85 35.03
N VAL B 427 3.89 13.96 35.40
CA VAL B 427 3.61 14.61 36.68
C VAL B 427 3.47 16.13 36.56
N GLU B 428 2.89 16.57 35.45
CA GLU B 428 2.57 17.99 35.25
C GLU B 428 1.53 18.44 36.27
N HIS B 429 1.48 19.74 36.52
CA HIS B 429 0.49 20.33 37.40
C HIS B 429 0.52 19.71 38.79
N ASN B 430 1.61 20.00 39.48
CA ASN B 430 1.84 19.52 40.84
C ASN B 430 2.60 20.61 41.59
N ALA B 431 3.01 20.33 42.82
CA ALA B 431 3.71 21.32 43.64
C ALA B 431 5.16 20.94 43.91
N LEU B 432 5.84 20.36 42.91
CA LEU B 432 7.16 19.79 43.16
C LEU B 432 8.18 20.83 43.57
N ARG B 433 8.69 20.69 44.78
CA ARG B 433 9.77 21.52 45.30
C ARG B 433 11.11 21.08 44.74
N GLU B 434 11.25 19.77 44.51
CA GLU B 434 12.44 19.22 43.89
C GLU B 434 12.03 18.24 42.79
N PHE B 435 12.67 18.33 41.63
CA PHE B 435 12.44 17.37 40.56
C PHE B 435 13.32 16.15 40.76
N PRO B 436 12.77 14.96 40.51
CA PRO B 436 13.51 13.72 40.71
C PRO B 436 14.56 13.50 39.63
N ASP B 437 15.49 12.60 39.90
CA ASP B 437 16.44 12.15 38.89
C ASP B 437 15.71 11.24 37.93
N ILE B 438 15.92 11.48 36.65
CA ILE B 438 15.23 10.76 35.59
C ILE B 438 16.10 9.62 35.08
N PRO B 439 15.63 8.37 35.24
CA PRO B 439 16.35 7.21 34.69
C PRO B 439 16.58 7.33 33.19
N GLU B 440 17.62 6.67 32.69
CA GLU B 440 17.89 6.67 31.25
C GLU B 440 16.71 6.02 30.51
N SER B 441 16.04 5.10 31.19
CA SER B 441 14.97 4.31 30.61
C SER B 441 13.74 5.10 30.19
N VAL B 442 13.50 6.24 30.84
CA VAL B 442 12.29 7.03 30.59
C VAL B 442 12.37 7.70 29.22
N GLU B 443 11.39 7.44 28.40
CA GLU B 443 11.35 7.93 27.02
C GLU B 443 10.29 9.02 26.84
N ASP B 444 9.25 8.98 27.65
CA ASP B 444 8.14 9.93 27.58
C ASP B 444 7.98 10.66 28.92
N LEU B 445 8.58 11.85 29.01
CA LEU B 445 8.57 12.63 30.24
C LEU B 445 7.77 13.91 30.10
N ARG B 446 6.87 14.14 31.04
CA ARG B 446 6.16 15.41 31.17
C ARG B 446 6.22 15.85 32.62
N MET B 447 6.88 16.96 32.90
CA MET B 447 6.80 17.51 34.24
C MET B 447 6.93 19.04 34.35
N ASP B 448 6.22 19.54 35.36
CA ASP B 448 6.16 20.90 35.93
C ASP B 448 4.70 21.31 35.98
N LYS C 1 -59.48 -10.02 -32.34
CA LYS C 1 -60.35 -10.24 -31.14
C LYS C 1 -59.78 -11.22 -30.13
N SER C 2 -59.83 -12.54 -30.38
CA SER C 2 -59.69 -13.52 -29.29
C SER C 2 -58.25 -13.91 -28.96
N LYS C 3 -58.08 -14.71 -27.91
CA LYS C 3 -56.76 -15.07 -27.42
C LYS C 3 -55.95 -15.94 -28.40
N THR C 4 -56.58 -16.98 -28.95
CA THR C 4 -55.88 -17.88 -29.87
C THR C 4 -55.65 -17.25 -31.26
N GLU C 5 -56.37 -16.17 -31.57
CA GLU C 5 -56.11 -15.42 -32.81
C GLU C 5 -54.75 -14.73 -32.76
N TYR C 6 -54.37 -14.24 -31.58
CA TYR C 6 -53.04 -13.66 -31.35
C TYR C 6 -51.96 -14.74 -31.38
N TYR C 7 -52.22 -15.88 -30.73
CA TYR C 7 -51.29 -17.00 -30.72
C TYR C 7 -50.89 -17.45 -32.13
N ASN C 8 -51.86 -17.41 -33.05
CA ASN C 8 -51.60 -17.74 -34.45
C ASN C 8 -50.73 -16.71 -35.15
N ALA C 9 -51.13 -15.45 -35.05
CA ALA C 9 -50.39 -14.34 -35.67
C ALA C 9 -48.93 -14.29 -35.21
N TRP C 10 -48.70 -14.60 -33.93
CA TRP C 10 -47.34 -14.58 -33.36
C TRP C 10 -46.51 -15.80 -33.72
N SER C 11 -47.14 -16.97 -33.82
CA SER C 11 -46.44 -18.17 -34.28
C SER C 11 -46.18 -18.12 -35.78
N GLU C 12 -47.02 -17.40 -36.53
CA GLU C 12 -46.78 -17.17 -37.95
C GLU C 12 -45.61 -16.21 -38.15
N TRP C 13 -45.59 -15.13 -37.38
CA TRP C 13 -44.49 -14.15 -37.39
C TRP C 13 -43.16 -14.79 -36.96
N GLU C 14 -43.24 -15.79 -36.08
CA GLU C 14 -42.06 -16.53 -35.61
C GLU C 14 -41.36 -17.31 -36.75
N ARG C 15 -42.12 -17.69 -37.77
CA ARG C 15 -41.60 -18.29 -39.00
C ARG C 15 -41.86 -17.31 -40.19
N ASN C 16 -40.84 -16.59 -40.66
CA ASN C 16 -39.42 -16.79 -40.32
C ASN C 16 -38.55 -15.56 -40.44
N ALA C 17 -37.34 -15.67 -39.90
CA ALA C 17 -36.45 -14.59 -39.65
C ALA C 17 -35.00 -14.79 -40.27
N PRO C 18 -34.91 -15.12 -41.58
CA PRO C 18 -33.59 -15.29 -42.24
C PRO C 18 -32.81 -13.96 -42.34
N PRO C 19 -31.46 -14.01 -42.42
CA PRO C 19 -30.61 -15.21 -42.55
C PRO C 19 -30.54 -16.06 -41.26
N GLY C 20 -31.18 -17.23 -41.31
CA GLY C 20 -31.39 -18.05 -40.13
C GLY C 20 -30.20 -18.37 -39.24
N ASN C 21 -30.10 -17.75 -38.06
CA ASN C 21 -31.06 -16.80 -37.50
C ASN C 21 -30.39 -15.80 -36.57
N GLY C 22 -30.37 -14.54 -36.97
CA GLY C 22 -29.91 -13.46 -36.09
C GLY C 22 -30.98 -12.85 -35.19
N GLU C 23 -32.15 -13.48 -35.05
CA GLU C 23 -33.32 -12.96 -34.33
C GLU C 23 -33.83 -13.96 -33.28
N GLN C 24 -34.13 -13.46 -32.07
CA GLN C 24 -34.67 -14.30 -31.00
C GLN C 24 -36.19 -14.24 -30.94
N ARG C 25 -36.85 -14.53 -32.07
CA ARG C 25 -38.31 -14.45 -32.15
C ARG C 25 -39.02 -15.43 -31.23
N GLU C 26 -38.41 -16.58 -30.96
CA GLU C 26 -38.99 -17.59 -30.08
C GLU C 26 -39.06 -17.07 -28.62
N MET C 27 -38.03 -16.33 -28.21
CA MET C 27 -38.02 -15.66 -26.90
C MET C 27 -39.04 -14.53 -26.85
N ALA C 28 -39.24 -13.84 -27.97
CA ALA C 28 -40.19 -12.73 -28.06
C ALA C 28 -41.64 -13.17 -27.98
N VAL C 29 -42.00 -14.24 -28.71
CA VAL C 29 -43.39 -14.78 -28.67
C VAL C 29 -43.66 -15.36 -27.28
N SER C 30 -42.62 -15.89 -26.63
CA SER C 30 -42.77 -16.34 -25.25
C SER C 30 -43.22 -15.20 -24.32
N ARG C 31 -42.61 -14.03 -24.49
CA ARG C 31 -42.96 -12.84 -23.70
C ARG C 31 -44.29 -12.22 -24.11
N LEU C 32 -44.62 -12.27 -25.40
CA LEU C 32 -45.89 -11.76 -25.90
C LEU C 32 -47.07 -12.52 -25.31
N ARG C 33 -46.92 -13.85 -25.22
CA ARG C 33 -47.95 -14.71 -24.65
C ARG C 33 -48.03 -14.55 -23.13
N ASP C 34 -46.88 -14.55 -22.46
CA ASP C 34 -46.83 -14.31 -21.02
C ASP C 34 -47.50 -12.97 -20.67
N CYS C 35 -47.28 -11.96 -21.51
CA CYS C 35 -47.87 -10.63 -21.34
C CYS C 35 -49.40 -10.65 -21.53
N LEU C 36 -49.86 -11.38 -22.55
CA LEU C 36 -51.29 -11.51 -22.84
C LEU C 36 -52.01 -12.34 -21.78
N ASP C 37 -51.44 -13.51 -21.46
CA ASP C 37 -51.97 -14.41 -20.41
C ASP C 37 -52.19 -13.69 -19.07
N ARG C 38 -51.18 -12.95 -18.62
CA ARG C 38 -51.25 -12.29 -17.30
C ARG C 38 -51.78 -10.84 -17.37
N GLN C 39 -52.18 -10.38 -18.56
CA GLN C 39 -52.67 -9.01 -18.72
C GLN C 39 -51.68 -7.97 -18.16
N ALA C 40 -50.38 -8.21 -18.40
CA ALA C 40 -49.33 -7.39 -17.80
C ALA C 40 -49.31 -6.00 -18.41
N HIS C 41 -48.80 -5.03 -17.64
CA HIS C 41 -48.75 -3.65 -18.08
C HIS C 41 -47.58 -3.44 -19.04
N GLU C 42 -46.42 -3.99 -18.68
CA GLU C 42 -45.20 -3.82 -19.45
C GLU C 42 -44.95 -5.01 -20.39
N LEU C 43 -44.28 -4.72 -21.51
CA LEU C 43 -43.77 -5.74 -22.42
C LEU C 43 -42.39 -5.28 -22.89
N GLU C 44 -41.33 -5.97 -22.48
CA GLU C 44 -39.98 -5.60 -22.93
C GLU C 44 -39.40 -6.65 -23.89
N LEU C 45 -39.00 -6.18 -25.07
CA LEU C 45 -38.49 -7.01 -26.14
C LEU C 45 -37.15 -6.48 -26.62
N ASN C 46 -36.40 -5.83 -25.74
CA ASN C 46 -35.16 -5.17 -26.15
C ASN C 46 -33.99 -6.15 -26.18
N ASN C 47 -33.03 -5.88 -27.07
CA ASN C 47 -31.84 -6.73 -27.28
C ASN C 47 -32.18 -8.14 -27.76
N LEU C 48 -33.14 -8.25 -28.67
CA LEU C 48 -33.48 -9.54 -29.27
C LEU C 48 -33.24 -9.56 -30.79
N GLY C 49 -32.76 -8.46 -31.34
CA GLY C 49 -32.40 -8.38 -32.75
C GLY C 49 -33.56 -8.57 -33.72
N LEU C 50 -34.68 -7.92 -33.45
CA LEU C 50 -35.87 -8.06 -34.28
C LEU C 50 -35.84 -7.09 -35.45
N SER C 51 -36.29 -7.55 -36.61
CA SER C 51 -36.43 -6.68 -37.79
C SER C 51 -37.84 -6.07 -37.88
N SER C 52 -38.81 -6.71 -37.21
CA SER C 52 -40.19 -6.24 -37.16
C SER C 52 -40.87 -6.73 -35.89
N LEU C 53 -42.06 -6.19 -35.60
CA LEU C 53 -42.89 -6.67 -34.49
C LEU C 53 -44.27 -7.06 -35.04
N PRO C 54 -44.90 -8.09 -34.44
CA PRO C 54 -46.25 -8.48 -34.86
C PRO C 54 -47.29 -7.62 -34.17
N GLU C 55 -48.57 -7.89 -34.43
CA GLU C 55 -49.65 -7.23 -33.70
C GLU C 55 -49.38 -7.30 -32.20
N LEU C 56 -49.50 -6.16 -31.52
CA LEU C 56 -49.18 -6.07 -30.10
C LEU C 56 -50.40 -6.44 -29.26
N PRO C 57 -50.17 -6.99 -28.04
CA PRO C 57 -51.30 -7.29 -27.16
C PRO C 57 -51.98 -6.00 -26.72
N PRO C 58 -53.31 -5.92 -26.89
CA PRO C 58 -53.96 -4.69 -26.46
C PRO C 58 -53.97 -4.65 -24.94
N HIS C 59 -54.40 -3.53 -24.38
CA HIS C 59 -54.42 -3.37 -22.94
C HIS C 59 -53.03 -3.35 -22.30
N LEU C 60 -52.00 -2.96 -23.04
CA LEU C 60 -50.70 -2.74 -22.39
C LEU C 60 -50.33 -1.27 -22.37
N GLU C 61 -49.65 -0.89 -21.30
CA GLU C 61 -49.34 0.51 -21.03
C GLU C 61 -47.92 0.89 -21.45
N ARG C 62 -47.01 -0.08 -21.43
CA ARG C 62 -45.60 0.20 -21.67
C ARG C 62 -44.99 -0.80 -22.65
N LEU C 63 -44.47 -0.29 -23.76
CA LEU C 63 -43.77 -1.12 -24.74
C LEU C 63 -42.32 -0.67 -24.83
N VAL C 64 -41.42 -1.53 -24.37
CA VAL C 64 -39.98 -1.33 -24.54
C VAL C 64 -39.46 -2.29 -25.61
N ALA C 65 -38.95 -1.75 -26.72
CA ALA C 65 -38.39 -2.57 -27.79
C ALA C 65 -37.13 -1.93 -28.35
N SER C 66 -36.32 -1.37 -27.44
CA SER C 66 -35.11 -0.66 -27.83
C SER C 66 -33.99 -1.65 -28.16
N CYS C 67 -32.93 -1.15 -28.79
CA CYS C 67 -31.76 -1.95 -29.15
C CYS C 67 -32.14 -3.18 -30.00
N ASN C 68 -32.90 -2.93 -31.07
CA ASN C 68 -33.22 -3.94 -32.06
C ASN C 68 -32.93 -3.35 -33.44
N SER C 69 -33.41 -3.98 -34.50
CA SER C 69 -33.20 -3.50 -35.87
C SER C 69 -34.53 -3.22 -36.57
N LEU C 70 -35.49 -2.64 -35.86
CA LEU C 70 -36.83 -2.42 -36.38
C LEU C 70 -36.84 -1.35 -37.47
N THR C 71 -37.61 -1.57 -38.52
CA THR C 71 -37.75 -0.58 -39.60
C THR C 71 -39.03 0.25 -39.50
N GLU C 72 -40.11 -0.38 -39.03
CA GLU C 72 -41.33 0.34 -38.69
C GLU C 72 -42.00 -0.36 -37.50
N LEU C 73 -43.10 0.19 -37.01
CA LEU C 73 -43.84 -0.42 -35.90
C LEU C 73 -45.26 -0.79 -36.32
N PRO C 74 -45.86 -1.75 -35.60
CA PRO C 74 -47.27 -2.04 -35.82
C PRO C 74 -48.11 -0.96 -35.16
N GLU C 75 -49.39 -0.88 -35.48
CA GLU C 75 -50.24 0.10 -34.83
C GLU C 75 -50.23 -0.13 -33.33
N LEU C 76 -50.22 0.97 -32.58
CA LEU C 76 -50.03 0.92 -31.15
C LEU C 76 -51.39 0.81 -30.46
N PRO C 77 -51.50 -0.01 -29.41
CA PRO C 77 -52.76 -0.11 -28.68
C PRO C 77 -53.13 1.18 -27.98
N GLN C 78 -54.43 1.43 -27.87
CA GLN C 78 -54.96 2.68 -27.34
C GLN C 78 -54.68 2.89 -25.84
N SER C 79 -54.44 1.80 -25.11
CA SER C 79 -54.12 1.89 -23.68
C SER C 79 -52.68 2.33 -23.39
N LEU C 80 -51.87 2.51 -24.44
CA LEU C 80 -50.43 2.70 -24.30
C LEU C 80 -50.06 4.06 -23.71
N LYS C 81 -49.27 4.01 -22.63
CA LYS C 81 -48.83 5.20 -21.91
C LYS C 81 -47.37 5.58 -22.19
N SER C 82 -46.51 4.61 -22.48
CA SER C 82 -45.10 4.90 -22.82
C SER C 82 -44.55 4.03 -23.95
N LEU C 83 -43.57 4.57 -24.66
CA LEU C 83 -42.97 3.91 -25.81
C LEU C 83 -41.47 4.12 -25.80
N GLU C 84 -40.71 3.02 -25.70
CA GLU C 84 -39.25 3.04 -25.75
C GLU C 84 -38.75 2.20 -26.90
N VAL C 85 -38.41 2.85 -28.01
CA VAL C 85 -37.93 2.16 -29.19
C VAL C 85 -36.69 2.83 -29.75
N TYR C 86 -35.78 3.19 -28.85
CA TYR C 86 -34.54 3.83 -29.26
C TYR C 86 -33.56 2.79 -29.76
N GLU C 87 -32.51 3.26 -30.44
CA GLU C 87 -31.50 2.37 -31.01
C GLU C 87 -32.16 1.35 -31.93
N ASN C 88 -32.81 1.87 -32.95
CA ASN C 88 -33.44 1.05 -33.97
C ASN C 88 -33.20 1.69 -35.35
N ASN C 89 -33.89 1.21 -36.38
CA ASN C 89 -33.77 1.79 -37.72
C ASN C 89 -35.10 2.35 -38.21
N LEU C 90 -35.87 2.94 -37.30
CA LEU C 90 -37.19 3.47 -37.64
C LEU C 90 -37.07 4.69 -38.53
N LYS C 91 -37.73 4.64 -39.69
CA LYS C 91 -37.76 5.76 -40.62
C LYS C 91 -38.98 6.65 -40.35
N ALA C 92 -40.00 6.06 -39.71
CA ALA C 92 -41.20 6.80 -39.31
C ALA C 92 -41.92 6.06 -38.18
N LEU C 93 -42.81 6.77 -37.50
CA LEU C 93 -43.61 6.17 -36.42
C LEU C 93 -45.06 5.99 -36.87
N PRO C 94 -45.81 5.09 -36.20
CA PRO C 94 -47.24 5.03 -36.43
C PRO C 94 -47.92 6.20 -35.76
N ASP C 95 -49.22 6.34 -35.94
CA ASP C 95 -49.98 7.34 -35.19
C ASP C 95 -49.98 6.94 -33.72
N LEU C 96 -49.89 7.93 -32.85
CA LEU C 96 -49.70 7.67 -31.42
C LEU C 96 -51.01 7.75 -30.65
N PRO C 97 -51.22 6.83 -29.68
CA PRO C 97 -52.47 6.79 -28.92
C PRO C 97 -52.62 7.98 -27.95
N PRO C 98 -53.86 8.28 -27.55
CA PRO C 98 -54.19 9.51 -26.81
C PRO C 98 -53.61 9.60 -25.40
N LEU C 99 -53.43 8.45 -24.75
CA LEU C 99 -53.00 8.41 -23.35
C LEU C 99 -51.49 8.48 -23.14
N LEU C 100 -50.74 8.70 -24.22
CA LEU C 100 -49.28 8.61 -24.21
C LEU C 100 -48.64 9.68 -23.33
N VAL C 101 -47.55 9.29 -22.66
CA VAL C 101 -46.88 10.13 -21.66
C VAL C 101 -45.38 10.28 -21.95
N ASP C 102 -44.69 9.16 -22.23
CA ASP C 102 -43.27 9.15 -22.61
C ASP C 102 -43.12 8.78 -24.07
N LEU C 103 -42.21 9.45 -24.77
CA LEU C 103 -41.82 9.03 -26.11
C LEU C 103 -40.30 9.02 -26.21
N ARG C 104 -39.72 7.82 -26.28
CA ARG C 104 -38.27 7.67 -26.44
C ARG C 104 -37.98 6.97 -27.75
N VAL C 105 -37.59 7.75 -28.74
CA VAL C 105 -37.32 7.24 -30.07
C VAL C 105 -35.97 7.74 -30.58
N PHE C 106 -35.06 8.06 -29.67
CA PHE C 106 -33.73 8.55 -30.05
C PHE C 106 -32.91 7.46 -30.75
N ASN C 107 -31.89 7.88 -31.48
CA ASN C 107 -31.05 6.96 -32.28
C ASN C 107 -31.88 6.12 -33.23
N ASN C 108 -32.43 6.77 -34.25
CA ASN C 108 -33.19 6.13 -35.32
C ASN C 108 -32.96 6.94 -36.61
N GLN C 109 -33.68 6.62 -37.68
CA GLN C 109 -33.58 7.42 -38.91
C GLN C 109 -34.88 8.20 -39.18
N LEU C 110 -35.57 8.64 -38.12
CA LEU C 110 -36.86 9.29 -38.29
C LEU C 110 -36.74 10.57 -39.09
N GLU C 111 -37.50 10.65 -40.18
CA GLU C 111 -37.50 11.84 -41.05
C GLU C 111 -38.62 12.82 -40.65
N GLU C 112 -39.66 12.30 -40.01
CA GLU C 112 -40.75 13.13 -39.48
C GLU C 112 -41.28 12.52 -38.19
N LEU C 113 -41.99 13.31 -37.40
CA LEU C 113 -42.77 12.79 -36.28
C LEU C 113 -44.26 12.88 -36.59
N PRO C 114 -45.07 11.97 -36.03
CA PRO C 114 -46.50 12.04 -36.23
C PRO C 114 -47.11 13.26 -35.53
N GLU C 115 -48.40 13.51 -35.75
CA GLU C 115 -49.07 14.65 -35.15
C GLU C 115 -49.06 14.56 -33.62
N LEU C 116 -48.44 15.55 -32.97
CA LEU C 116 -48.26 15.54 -31.52
C LEU C 116 -49.22 16.45 -30.76
N GLN C 117 -49.81 17.44 -31.45
CA GLN C 117 -50.60 18.46 -30.77
C GLN C 117 -51.85 17.97 -30.02
N ASN C 118 -52.28 16.73 -30.29
CA ASN C 118 -53.49 16.18 -29.68
C ASN C 118 -53.23 15.11 -28.63
N LEU C 119 -52.02 15.07 -28.08
CA LEU C 119 -51.67 14.12 -27.02
C LEU C 119 -51.41 14.90 -25.75
N PRO C 120 -52.48 15.29 -25.05
CA PRO C 120 -52.37 16.15 -23.89
C PRO C 120 -51.61 15.56 -22.70
N PHE C 121 -51.56 14.23 -22.59
CA PHE C 121 -50.84 13.57 -21.49
C PHE C 121 -49.35 13.43 -21.74
N LEU C 122 -48.93 13.58 -23.00
CA LEU C 122 -47.51 13.48 -23.41
C LEU C 122 -46.66 14.60 -22.81
N THR C 123 -45.80 14.24 -21.86
CA THR C 123 -45.00 15.20 -21.10
C THR C 123 -43.48 15.13 -21.37
N GLU C 124 -43.01 14.09 -22.07
CA GLU C 124 -41.58 13.90 -22.35
C GLU C 124 -41.36 13.34 -23.75
N ILE C 125 -40.59 14.04 -24.57
CA ILE C 125 -40.18 13.52 -25.87
C ILE C 125 -38.65 13.56 -25.99
N TYR C 126 -38.07 12.39 -26.24
CA TYR C 126 -36.64 12.28 -26.52
C TYR C 126 -36.50 11.68 -27.92
N ALA C 127 -36.39 12.58 -28.90
CA ALA C 127 -36.29 12.21 -30.30
C ALA C 127 -34.95 12.68 -30.85
N ASN C 128 -33.95 12.76 -29.97
CA ASN C 128 -32.62 13.20 -30.37
C ASN C 128 -31.91 12.16 -31.23
N ASN C 129 -30.97 12.62 -32.03
CA ASN C 129 -30.22 11.77 -32.95
C ASN C 129 -31.14 11.02 -33.93
N ASN C 130 -31.71 11.80 -34.84
CA ASN C 130 -32.55 11.29 -35.91
C ASN C 130 -32.28 12.12 -37.16
N SER C 131 -33.11 12.00 -38.19
CA SER C 131 -32.95 12.81 -39.40
C SER C 131 -34.07 13.83 -39.55
N LEU C 132 -34.54 14.38 -38.44
CA LEU C 132 -35.69 15.30 -38.45
C LEU C 132 -35.31 16.64 -39.06
N LYS C 133 -36.01 17.02 -40.13
CA LYS C 133 -35.86 18.35 -40.72
C LYS C 133 -36.80 19.34 -40.05
N THR C 134 -37.90 18.85 -39.49
CA THR C 134 -38.94 19.71 -38.88
C THR C 134 -39.71 19.02 -37.78
N LEU C 135 -40.16 19.80 -36.81
CA LEU C 135 -41.03 19.31 -35.76
C LEU C 135 -42.49 19.70 -36.02
N PRO C 136 -43.42 18.74 -35.88
CA PRO C 136 -44.82 19.14 -35.83
C PRO C 136 -45.12 19.96 -34.58
N ASP C 137 -46.28 20.60 -34.56
CA ASP C 137 -46.72 21.34 -33.39
C ASP C 137 -46.81 20.44 -32.17
N LEU C 138 -46.36 20.93 -31.02
CA LEU C 138 -46.09 20.08 -29.85
C LEU C 138 -47.30 19.90 -28.94
N PRO C 139 -47.25 18.93 -28.01
CA PRO C 139 -48.34 18.75 -27.04
C PRO C 139 -48.54 19.94 -26.11
N PRO C 140 -49.78 20.15 -25.66
CA PRO C 140 -50.12 21.22 -24.71
C PRO C 140 -49.32 21.20 -23.40
N SER C 141 -49.06 20.02 -22.86
CA SER C 141 -48.47 19.90 -21.51
C SER C 141 -47.04 19.36 -21.50
N LEU C 142 -46.30 19.59 -22.59
CA LEU C 142 -44.95 19.06 -22.74
C LEU C 142 -43.97 19.70 -21.76
N VAL C 143 -43.30 18.87 -20.97
CA VAL C 143 -42.37 19.32 -19.93
C VAL C 143 -40.91 19.18 -20.37
N ASP C 144 -40.59 18.10 -21.08
CA ASP C 144 -39.22 17.79 -21.45
C ASP C 144 -39.09 17.52 -22.96
N LEU C 145 -38.24 18.27 -23.65
CA LEU C 145 -38.02 18.03 -25.07
C LEU C 145 -36.53 17.92 -25.37
N ASN C 146 -36.14 16.81 -26.00
CA ASN C 146 -34.79 16.65 -26.49
C ASN C 146 -34.82 16.26 -27.97
N VAL C 147 -34.29 17.15 -28.81
CA VAL C 147 -34.21 16.92 -30.26
C VAL C 147 -32.83 17.30 -30.76
N ARG C 148 -31.81 17.04 -29.95
CA ARG C 148 -30.45 17.37 -30.35
C ARG C 148 -30.02 16.40 -31.44
N GLU C 149 -29.00 16.78 -32.20
CA GLU C 149 -28.48 15.97 -33.31
C GLU C 149 -29.57 15.62 -34.33
N ASN C 150 -30.10 16.66 -34.96
CA ASN C 150 -31.06 16.51 -36.05
C ASN C 150 -30.73 17.56 -37.10
N TYR C 151 -31.60 17.74 -38.08
CA TYR C 151 -31.40 18.75 -39.11
C TYR C 151 -32.47 19.83 -39.09
N LEU C 152 -32.87 20.25 -37.88
CA LEU C 152 -33.89 21.28 -37.75
C LEU C 152 -33.38 22.64 -38.21
N THR C 153 -34.21 23.37 -38.95
CA THR C 153 -33.90 24.72 -39.37
C THR C 153 -34.78 25.77 -38.69
N ALA C 154 -35.84 25.33 -38.02
CA ALA C 154 -36.74 26.23 -37.29
C ALA C 154 -37.51 25.48 -36.22
N LEU C 155 -38.13 26.23 -35.31
CA LEU C 155 -38.82 25.65 -34.17
C LEU C 155 -40.30 26.05 -34.14
N PRO C 156 -41.19 25.10 -33.86
CA PRO C 156 -42.60 25.46 -33.60
C PRO C 156 -42.75 26.24 -32.29
N GLU C 157 -43.98 26.64 -31.98
CA GLU C 157 -44.25 27.33 -30.73
C GLU C 157 -44.03 26.36 -29.58
N LEU C 158 -43.41 26.86 -28.51
CA LEU C 158 -43.12 26.04 -27.34
C LEU C 158 -44.16 26.27 -26.25
N PRO C 159 -44.64 25.19 -25.61
CA PRO C 159 -45.62 25.28 -24.53
C PRO C 159 -45.18 26.10 -23.32
N GLN C 160 -46.15 26.68 -22.61
CA GLN C 160 -45.94 27.27 -21.29
C GLN C 160 -45.31 26.26 -20.34
N SER C 161 -45.78 25.01 -20.43
CA SER C 161 -45.39 23.93 -19.53
C SER C 161 -43.94 23.49 -19.64
N LEU C 162 -43.27 23.86 -20.73
CA LEU C 162 -41.90 23.39 -21.02
C LEU C 162 -40.87 23.86 -19.98
N ILE C 163 -40.06 22.91 -19.51
CA ILE C 163 -39.06 23.14 -18.48
C ILE C 163 -37.64 22.89 -19.02
N PHE C 164 -37.43 21.73 -19.61
CA PHE C 164 -36.12 21.33 -20.14
C PHE C 164 -36.18 21.26 -21.67
N LEU C 165 -35.19 21.83 -22.33
CA LEU C 165 -35.15 21.90 -23.79
C LEU C 165 -33.73 21.76 -24.34
N ASP C 166 -33.49 20.68 -25.08
CA ASP C 166 -32.21 20.46 -25.76
C ASP C 166 -32.44 20.46 -27.27
N ILE C 167 -31.89 21.47 -27.94
CA ILE C 167 -32.02 21.62 -29.39
C ILE C 167 -30.66 21.77 -30.04
N SER C 168 -29.62 21.31 -29.35
CA SER C 168 -28.25 21.49 -29.80
C SER C 168 -27.92 20.62 -31.00
N ASP C 169 -26.90 21.03 -31.75
CA ASP C 169 -26.42 20.27 -32.90
C ASP C 169 -27.54 20.12 -33.94
N ASN C 170 -28.04 21.26 -34.39
CA ASN C 170 -29.06 21.34 -35.42
C ASN C 170 -28.62 22.43 -36.42
N ILE C 171 -29.52 22.92 -37.26
CA ILE C 171 -29.19 23.99 -38.20
C ILE C 171 -30.04 25.23 -37.89
N LEU C 172 -30.15 25.58 -36.62
CA LEU C 172 -30.92 26.76 -36.23
C LEU C 172 -30.11 28.03 -36.42
N SER C 173 -30.78 29.10 -36.83
CA SER C 173 -30.13 30.42 -36.99
C SER C 173 -30.73 31.52 -36.11
N GLY C 174 -31.77 31.18 -35.37
CA GLY C 174 -32.41 32.12 -34.46
C GLY C 174 -33.35 31.38 -33.56
N LEU C 175 -33.79 32.01 -32.48
CA LEU C 175 -34.61 31.30 -31.52
C LEU C 175 -36.05 31.82 -31.35
N SER C 176 -37.02 30.94 -31.63
CA SER C 176 -38.43 31.27 -31.44
C SER C 176 -38.68 31.45 -29.95
N GLU C 177 -39.35 32.55 -29.60
CA GLU C 177 -39.47 33.03 -28.21
C GLU C 177 -39.64 31.90 -27.19
N LEU C 178 -38.88 31.99 -26.11
CA LEU C 178 -38.82 30.92 -25.11
C LEU C 178 -39.95 31.05 -24.12
N PRO C 179 -40.48 29.92 -23.62
CA PRO C 179 -41.54 29.98 -22.61
C PRO C 179 -41.03 30.47 -21.26
N PRO C 180 -41.92 30.97 -20.41
CA PRO C 180 -41.57 31.56 -19.12
C PRO C 180 -41.16 30.58 -18.01
N ASN C 181 -41.35 29.28 -18.18
CA ASN C 181 -40.98 28.30 -17.15
C ASN C 181 -39.70 27.53 -17.43
N LEU C 182 -39.13 27.75 -18.62
CA LEU C 182 -37.90 27.06 -19.04
C LEU C 182 -36.82 27.27 -18.01
N SER C 183 -36.30 26.18 -17.44
CA SER C 183 -35.22 26.25 -16.44
C SER C 183 -33.87 25.80 -16.99
N CYS C 184 -33.86 25.17 -18.16
CA CYS C 184 -32.63 24.61 -18.69
C CYS C 184 -32.68 24.52 -20.21
N LEU C 185 -31.79 25.25 -20.88
CA LEU C 185 -31.73 25.31 -22.34
C LEU C 185 -30.33 25.00 -22.86
N ASP C 186 -30.25 24.04 -23.78
CA ASP C 186 -29.03 23.74 -24.51
C ASP C 186 -29.30 23.98 -25.99
N ALA C 187 -28.71 25.03 -26.55
CA ALA C 187 -28.80 25.32 -27.98
C ALA C 187 -27.42 25.43 -28.61
N SER C 188 -26.51 24.54 -28.19
CA SER C 188 -25.16 24.49 -28.73
C SER C 188 -25.11 24.07 -30.19
N ARG C 189 -23.96 24.31 -30.82
CA ARG C 189 -23.66 23.77 -32.14
C ARG C 189 -24.76 24.01 -33.19
N ASN C 190 -25.34 25.19 -33.16
CA ASN C 190 -26.25 25.63 -34.21
C ASN C 190 -25.55 26.77 -34.96
N GLY C 191 -26.28 27.51 -35.78
CA GLY C 191 -25.78 28.76 -36.37
C GLY C 191 -26.53 29.97 -35.85
N ILE C 192 -26.90 29.96 -34.57
CA ILE C 192 -27.74 31.01 -33.99
C ILE C 192 -26.99 32.34 -34.02
N ARG C 193 -27.66 33.38 -34.50
CA ARG C 193 -27.04 34.71 -34.64
C ARG C 193 -27.49 35.70 -33.59
N SER C 194 -28.53 35.36 -32.85
CA SER C 194 -29.12 36.28 -31.90
C SER C 194 -30.15 35.58 -31.02
N LEU C 195 -30.13 35.92 -29.74
CA LEU C 195 -31.11 35.45 -28.81
C LEU C 195 -31.99 36.64 -28.53
N CYS C 196 -33.25 36.41 -28.20
CA CYS C 196 -34.16 37.52 -27.90
C CYS C 196 -34.35 37.98 -26.47
N ASP C 197 -35.15 37.26 -25.66
CA ASP C 197 -35.21 37.41 -24.22
C ASP C 197 -35.11 36.02 -23.62
N LEU C 198 -34.44 35.96 -22.48
CA LEU C 198 -34.38 34.74 -21.69
C LEU C 198 -35.39 34.85 -20.54
N PRO C 199 -36.16 33.79 -20.30
CA PRO C 199 -37.12 33.83 -19.21
C PRO C 199 -36.42 33.86 -17.85
N PRO C 200 -37.03 34.51 -16.85
CA PRO C 200 -36.43 34.61 -15.52
C PRO C 200 -36.20 33.25 -14.84
N SER C 201 -37.04 32.28 -15.20
CA SER C 201 -36.97 30.93 -14.64
C SER C 201 -35.73 30.13 -15.06
N LEU C 202 -35.01 30.64 -16.06
CA LEU C 202 -33.81 29.96 -16.60
C LEU C 202 -32.66 29.90 -15.59
N VAL C 203 -32.05 28.71 -15.47
CA VAL C 203 -30.95 28.46 -14.53
C VAL C 203 -29.71 27.83 -15.18
N TYR C 204 -29.87 27.12 -16.30
CA TYR C 204 -28.76 26.56 -17.06
C TYR C 204 -28.91 27.00 -18.51
N LEU C 205 -27.88 27.64 -19.07
CA LEU C 205 -27.92 28.13 -20.44
C LEU C 205 -26.63 27.77 -21.14
N ASP C 206 -26.75 27.02 -22.22
CA ASP C 206 -25.60 26.59 -23.01
C ASP C 206 -25.83 26.96 -24.46
N VAL C 207 -25.05 27.94 -24.93
CA VAL C 207 -25.11 28.36 -26.32
C VAL C 207 -23.73 28.28 -26.99
N ARG C 208 -22.87 27.40 -26.46
CA ARG C 208 -21.57 27.09 -27.07
C ARG C 208 -21.68 26.93 -28.58
N ASP C 209 -20.71 27.50 -29.32
CA ASP C 209 -20.53 27.19 -30.73
C ASP C 209 -21.72 27.65 -31.59
N ASN C 210 -22.01 28.94 -31.51
CA ASN C 210 -23.00 29.59 -32.35
C ASN C 210 -22.36 30.83 -32.95
N GLN C 211 -23.13 31.82 -33.38
CA GLN C 211 -22.56 33.02 -33.97
C GLN C 211 -23.11 34.30 -33.37
N LEU C 212 -23.06 34.38 -32.04
CA LEU C 212 -23.55 35.55 -31.31
C LEU C 212 -22.54 36.69 -31.27
N ILE C 213 -23.05 37.92 -31.29
CA ILE C 213 -22.24 39.12 -31.04
C ILE C 213 -22.41 39.59 -29.60
N GLU C 214 -23.59 39.34 -29.03
CA GLU C 214 -23.87 39.72 -27.65
C GLU C 214 -24.95 38.82 -27.08
N LEU C 215 -25.11 38.87 -25.76
CA LEU C 215 -26.17 38.12 -25.09
C LEU C 215 -27.24 39.10 -24.61
N PRO C 216 -28.51 38.66 -24.57
CA PRO C 216 -29.51 39.45 -23.88
C PRO C 216 -29.22 39.58 -22.39
N ALA C 217 -30.04 40.35 -21.68
CA ALA C 217 -29.92 40.43 -20.23
C ALA C 217 -30.12 39.03 -19.65
N LEU C 218 -29.32 38.69 -18.65
CA LEU C 218 -29.38 37.38 -18.03
C LEU C 218 -30.29 37.42 -16.82
N PRO C 219 -31.11 36.38 -16.63
CA PRO C 219 -31.94 36.28 -15.42
C PRO C 219 -31.13 36.26 -14.14
N SER C 220 -31.67 36.82 -13.05
CA SER C 220 -30.99 36.76 -11.76
C SER C 220 -30.91 35.32 -11.23
N GLY C 221 -31.85 34.48 -11.65
CA GLY C 221 -31.86 33.08 -11.27
C GLY C 221 -30.76 32.24 -11.88
N LEU C 222 -30.22 32.68 -13.02
CA LEU C 222 -29.21 31.94 -13.79
C LEU C 222 -28.00 31.52 -12.96
N GLU C 223 -27.66 30.23 -13.01
CA GLU C 223 -26.57 29.63 -12.24
C GLU C 223 -25.33 29.26 -13.09
N ARG C 224 -25.56 28.64 -14.25
CA ARG C 224 -24.45 28.27 -15.14
C ARG C 224 -24.66 28.79 -16.55
N LEU C 225 -23.66 29.49 -17.08
CA LEU C 225 -23.70 30.03 -18.43
C LEU C 225 -22.50 29.50 -19.23
N ILE C 226 -22.78 28.83 -20.33
CA ILE C 226 -21.75 28.46 -21.31
C ILE C 226 -22.02 29.23 -22.59
N ALA C 227 -21.08 30.08 -22.99
CA ALA C 227 -21.22 30.86 -24.21
C ALA C 227 -19.94 30.84 -25.03
N SER C 228 -19.25 29.70 -25.04
CA SER C 228 -17.98 29.56 -25.74
C SER C 228 -18.16 29.56 -27.26
N PHE C 229 -17.06 29.73 -27.98
CA PHE C 229 -17.04 29.62 -29.44
C PHE C 229 -18.13 30.46 -30.11
N ASN C 230 -18.18 31.73 -29.74
CA ASN C 230 -19.05 32.70 -30.42
C ASN C 230 -18.18 33.88 -30.83
N HIS C 231 -18.80 35.02 -31.17
CA HIS C 231 -18.05 36.25 -31.47
C HIS C 231 -18.44 37.34 -30.50
N LEU C 232 -18.45 37.01 -29.22
CA LEU C 232 -18.86 37.96 -28.19
C LEU C 232 -17.82 39.07 -28.01
N ALA C 233 -18.28 40.31 -28.09
CA ALA C 233 -17.45 41.49 -27.86
C ALA C 233 -17.37 41.80 -26.37
N GLU C 234 -18.48 41.59 -25.67
CA GLU C 234 -18.55 41.81 -24.24
C GLU C 234 -19.66 40.95 -23.65
N LEU C 235 -19.59 40.69 -22.35
CA LEU C 235 -20.67 40.01 -21.65
C LEU C 235 -21.59 41.05 -21.05
N PRO C 236 -22.90 40.76 -21.01
CA PRO C 236 -23.77 41.62 -20.22
C PRO C 236 -23.48 41.48 -18.73
N GLU C 237 -24.15 42.28 -17.91
CA GLU C 237 -23.99 42.19 -16.47
C GLU C 237 -24.34 40.79 -16.00
N LEU C 238 -23.55 40.24 -15.09
CA LEU C 238 -23.71 38.87 -14.63
C LEU C 238 -24.55 38.84 -13.36
N PRO C 239 -25.50 37.91 -13.26
CA PRO C 239 -26.40 37.85 -12.11
C PRO C 239 -25.71 37.36 -10.85
N PRO C 240 -26.33 37.59 -9.68
CA PRO C 240 -25.68 37.29 -8.40
C PRO C 240 -25.75 35.81 -7.98
N ASN C 241 -26.42 34.96 -8.75
CA ASN C 241 -26.47 33.52 -8.45
C ASN C 241 -25.63 32.68 -9.40
N LEU C 242 -24.93 33.33 -10.32
CA LEU C 242 -24.09 32.63 -11.32
C LEU C 242 -22.85 32.05 -10.66
N TYR C 243 -22.67 30.73 -10.73
CA TYR C 243 -21.52 30.08 -10.14
C TYR C 243 -20.56 29.43 -11.15
N TYR C 244 -21.01 29.22 -12.38
CA TYR C 244 -20.14 28.67 -13.44
C TYR C 244 -20.27 29.51 -14.70
N LEU C 245 -19.15 30.04 -15.19
CA LEU C 245 -19.11 30.85 -16.41
C LEU C 245 -18.01 30.34 -17.34
N ASP C 246 -18.39 30.01 -18.58
CA ASP C 246 -17.44 29.69 -19.62
C ASP C 246 -17.74 30.56 -20.83
N ALA C 247 -16.88 31.57 -21.04
CA ALA C 247 -17.02 32.49 -22.17
C ALA C 247 -15.78 32.45 -23.05
N SER C 248 -15.16 31.27 -23.16
CA SER C 248 -13.92 31.13 -23.90
C SER C 248 -14.12 31.21 -25.42
N ARG C 249 -13.02 31.46 -26.11
CA ARG C 249 -12.99 31.51 -27.58
C ARG C 249 -14.05 32.45 -28.13
N ASN C 250 -13.93 33.69 -27.67
CA ASN C 250 -14.74 34.80 -28.14
C ASN C 250 -13.77 35.95 -28.46
N GLU C 251 -14.28 37.17 -28.57
CA GLU C 251 -13.45 38.34 -28.80
C GLU C 251 -13.71 39.39 -27.72
N ILE C 252 -13.65 38.97 -26.47
CA ILE C 252 -13.95 39.86 -25.35
C ILE C 252 -12.75 40.75 -25.02
N SER C 253 -12.99 42.05 -24.98
CA SER C 253 -11.96 43.05 -24.75
C SER C 253 -11.81 43.36 -23.24
N SER C 254 -12.92 43.28 -22.49
CA SER C 254 -12.85 43.38 -21.02
C SER C 254 -14.06 42.75 -20.35
N LEU C 255 -13.83 42.21 -19.15
CA LEU C 255 -14.91 41.66 -18.33
C LEU C 255 -15.57 42.74 -17.49
N CYS C 256 -16.87 42.60 -17.27
CA CYS C 256 -17.57 43.40 -16.26
C CYS C 256 -17.26 42.80 -14.89
N ASP C 257 -17.87 43.33 -13.83
CA ASP C 257 -17.66 42.81 -12.47
C ASP C 257 -18.13 41.37 -12.37
N LEU C 258 -17.44 40.58 -11.55
CA LEU C 258 -17.80 39.19 -11.32
C LEU C 258 -18.50 39.07 -9.97
N PRO C 259 -19.63 38.38 -9.92
CA PRO C 259 -20.34 38.24 -8.65
C PRO C 259 -19.60 37.35 -7.66
N PRO C 260 -19.84 37.53 -6.35
CA PRO C 260 -19.19 36.72 -5.32
C PRO C 260 -19.58 35.24 -5.36
N SER C 261 -20.73 34.93 -5.96
CA SER C 261 -21.18 33.55 -6.11
C SER C 261 -20.38 32.74 -7.13
N LEU C 262 -19.58 33.41 -7.95
CA LEU C 262 -18.81 32.75 -9.02
C LEU C 262 -17.70 31.85 -8.46
N VAL C 263 -17.74 30.57 -8.85
CA VAL C 263 -16.79 29.54 -8.40
C VAL C 263 -15.89 28.98 -9.50
N ASP C 264 -16.27 29.19 -10.76
CA ASP C 264 -15.56 28.61 -11.89
C ASP C 264 -15.66 29.54 -13.10
N LEU C 265 -14.52 30.08 -13.52
CA LEU C 265 -14.46 31.06 -14.60
C LEU C 265 -13.54 30.56 -15.69
N ASN C 266 -13.97 30.73 -16.94
CA ASN C 266 -13.14 30.41 -18.10
C ASN C 266 -13.32 31.46 -19.20
N VAL C 267 -12.26 32.25 -19.39
CA VAL C 267 -12.25 33.30 -20.39
C VAL C 267 -11.03 33.11 -21.27
N ARG C 268 -10.70 31.86 -21.53
CA ARG C 268 -9.59 31.49 -22.42
C ARG C 268 -9.82 32.02 -23.85
N LYS C 269 -8.73 32.37 -24.54
CA LYS C 269 -8.78 32.72 -25.96
C LYS C 269 -9.72 33.88 -26.22
N ASN C 270 -9.42 35.01 -25.57
CA ASN C 270 -10.16 36.26 -25.79
C ASN C 270 -9.15 37.39 -26.04
N GLN C 271 -9.59 38.63 -25.93
CA GLN C 271 -8.72 39.78 -26.17
C GLN C 271 -8.46 40.58 -24.89
N LEU C 272 -8.38 39.90 -23.76
CA LEU C 272 -8.25 40.59 -22.47
C LEU C 272 -6.87 41.18 -22.24
N ILE C 273 -6.84 42.40 -21.72
CA ILE C 273 -5.60 43.06 -21.30
C ILE C 273 -5.44 42.94 -19.78
N GLU C 274 -6.55 42.86 -19.06
CA GLU C 274 -6.52 42.63 -17.60
C GLU C 274 -7.80 41.96 -17.12
N LEU C 275 -7.73 41.31 -15.96
CA LEU C 275 -8.91 40.76 -15.30
C LEU C 275 -9.37 41.72 -14.21
N PRO C 276 -10.69 41.76 -13.93
CA PRO C 276 -11.19 42.50 -12.78
C PRO C 276 -11.00 41.71 -11.48
N ALA C 277 -11.38 42.31 -10.36
CA ALA C 277 -11.21 41.67 -9.06
C ALA C 277 -11.91 40.33 -9.02
N LEU C 278 -11.18 39.28 -8.64
CA LEU C 278 -11.74 37.94 -8.57
C LEU C 278 -12.55 37.78 -7.30
N PRO C 279 -13.66 37.05 -7.36
CA PRO C 279 -14.47 36.87 -6.16
C PRO C 279 -13.82 35.92 -5.17
N PRO C 280 -14.15 36.06 -3.87
CA PRO C 280 -13.49 35.29 -2.81
C PRO C 280 -13.63 33.77 -2.97
N ASP C 281 -14.79 33.32 -3.43
CA ASP C 281 -15.08 31.89 -3.50
C ASP C 281 -14.69 31.21 -4.81
N LEU C 282 -13.93 31.90 -5.64
CA LEU C 282 -13.46 31.33 -6.91
C LEU C 282 -12.47 30.19 -6.66
N GLU C 283 -12.68 29.07 -7.35
CA GLU C 283 -11.85 27.86 -7.22
C GLU C 283 -11.09 27.46 -8.49
N ARG C 284 -11.55 27.92 -9.65
CA ARG C 284 -10.99 27.52 -10.94
C ARG C 284 -10.97 28.70 -11.89
N LEU C 285 -9.78 29.16 -12.26
CA LEU C 285 -9.64 30.26 -13.21
C LEU C 285 -8.84 29.81 -14.42
N ILE C 286 -9.44 29.96 -15.59
CA ILE C 286 -8.76 29.71 -16.85
C ILE C 286 -8.76 31.04 -17.61
N ALA C 287 -7.58 31.63 -17.80
CA ALA C 287 -7.46 32.89 -18.53
C ALA C 287 -6.35 32.83 -19.56
N SER C 288 -6.21 31.68 -20.22
CA SER C 288 -5.14 31.45 -21.20
C SER C 288 -5.38 32.27 -22.47
N PHE C 289 -4.40 32.22 -23.36
CA PHE C 289 -4.49 32.83 -24.68
C PHE C 289 -5.16 34.21 -24.66
N ASN C 290 -4.60 35.10 -23.87
CA ASN C 290 -5.06 36.49 -23.84
C ASN C 290 -3.85 37.42 -23.97
N HIS C 291 -3.99 38.67 -23.54
CA HIS C 291 -2.87 39.61 -23.52
C HIS C 291 -2.72 40.21 -22.12
N LEU C 292 -2.66 39.34 -21.12
CA LEU C 292 -2.59 39.75 -19.73
C LEU C 292 -1.20 40.20 -19.34
N ALA C 293 -1.11 41.42 -18.82
CA ALA C 293 0.14 41.96 -18.30
C ALA C 293 0.40 41.47 -16.87
N GLU C 294 -0.67 41.24 -16.13
CA GLU C 294 -0.57 40.74 -14.74
C GLU C 294 -1.90 40.19 -14.26
N LEU C 295 -1.86 39.36 -13.23
CA LEU C 295 -3.09 38.87 -12.60
C LEU C 295 -3.43 39.75 -11.40
N PRO C 296 -4.73 39.91 -11.09
CA PRO C 296 -5.10 40.53 -9.82
C PRO C 296 -4.83 39.57 -8.66
N GLU C 297 -4.97 40.06 -7.43
CA GLU C 297 -4.68 39.23 -6.26
C GLU C 297 -5.61 38.02 -6.25
N LEU C 298 -5.01 36.85 -6.03
CA LEU C 298 -5.72 35.59 -6.17
C LEU C 298 -6.48 35.27 -4.89
N PRO C 299 -7.73 34.79 -5.02
CA PRO C 299 -8.53 34.50 -3.82
C PRO C 299 -8.02 33.30 -3.01
N PRO C 300 -8.37 33.24 -1.71
CA PRO C 300 -7.87 32.22 -0.81
C PRO C 300 -8.20 30.78 -1.22
N ASN C 301 -9.29 30.57 -1.94
CA ASN C 301 -9.75 29.22 -2.28
C ASN C 301 -9.42 28.73 -3.70
N LEU C 302 -8.64 29.52 -4.46
CA LEU C 302 -8.31 29.19 -5.85
C LEU C 302 -7.42 27.93 -5.87
N SER C 303 -7.86 26.91 -6.59
CA SER C 303 -7.18 25.59 -6.61
C SER C 303 -6.59 25.20 -7.97
N TYR C 304 -7.15 25.75 -9.05
CA TYR C 304 -6.64 25.50 -10.39
C TYR C 304 -6.49 26.84 -11.10
N LEU C 305 -5.30 27.12 -11.62
CA LEU C 305 -5.02 28.35 -12.36
C LEU C 305 -4.26 28.06 -13.64
N ASP C 306 -4.85 28.46 -14.76
CA ASP C 306 -4.19 28.38 -16.06
C ASP C 306 -4.20 29.79 -16.66
N ALA C 307 -3.09 30.50 -16.48
CA ALA C 307 -2.90 31.81 -17.09
C ALA C 307 -1.81 31.75 -18.16
N SER C 308 -1.78 30.65 -18.91
CA SER C 308 -0.73 30.46 -19.92
C SER C 308 -0.96 31.34 -21.16
N ARG C 309 0.01 31.34 -22.08
CA ARG C 309 -0.10 32.05 -23.34
C ARG C 309 -0.59 33.48 -23.12
N ASN C 310 0.13 34.23 -22.29
CA ASN C 310 -0.17 35.63 -22.03
C ASN C 310 1.15 36.41 -22.12
N GLU C 311 1.20 37.61 -21.55
CA GLU C 311 2.45 38.34 -21.44
C GLU C 311 2.61 38.89 -20.03
N ILE C 312 2.51 38.00 -19.05
CA ILE C 312 2.65 38.34 -17.64
C ILE C 312 4.12 38.42 -17.29
N SER C 313 4.56 39.55 -16.74
CA SER C 313 5.96 39.73 -16.38
C SER C 313 6.22 39.47 -14.89
N SER C 314 5.18 39.55 -14.07
CA SER C 314 5.30 39.40 -12.63
C SER C 314 4.12 38.62 -12.07
N LEU C 315 4.41 37.58 -11.28
CA LEU C 315 3.37 36.74 -10.70
C LEU C 315 3.23 37.02 -9.21
N CYS C 316 2.03 37.45 -8.81
CA CYS C 316 1.75 37.82 -7.42
C CYS C 316 1.69 36.59 -6.48
N ASP C 317 1.45 36.84 -5.19
CA ASP C 317 1.38 35.78 -4.18
C ASP C 317 0.40 34.69 -4.55
N LEU C 318 0.82 33.44 -4.43
CA LEU C 318 -0.03 32.29 -4.73
C LEU C 318 -0.63 31.74 -3.44
N PRO C 319 -1.96 31.55 -3.42
CA PRO C 319 -2.61 31.09 -2.20
C PRO C 319 -2.34 29.61 -1.95
N PRO C 320 -2.39 29.18 -0.67
CA PRO C 320 -2.00 27.82 -0.27
C PRO C 320 -2.93 26.74 -0.81
N SER C 321 -4.17 27.13 -1.11
CA SER C 321 -5.17 26.24 -1.68
C SER C 321 -4.82 25.74 -3.10
N LEU C 322 -3.89 26.44 -3.77
CA LEU C 322 -3.51 26.13 -5.15
C LEU C 322 -2.86 24.75 -5.30
N VAL C 323 -3.32 24.00 -6.31
CA VAL C 323 -2.85 22.64 -6.59
C VAL C 323 -2.29 22.45 -7.99
N ASP C 324 -2.88 23.17 -8.95
CA ASP C 324 -2.53 23.04 -10.35
C ASP C 324 -2.26 24.43 -10.92
N LEU C 325 -1.00 24.69 -11.28
CA LEU C 325 -0.62 26.00 -11.79
C LEU C 325 0.05 25.87 -13.14
N ASN C 326 -0.44 26.67 -14.09
CA ASN C 326 0.13 26.72 -15.42
C ASN C 326 0.32 28.15 -15.88
N VAL C 327 1.57 28.53 -16.08
CA VAL C 327 1.91 29.86 -16.54
C VAL C 327 2.86 29.76 -17.73
N ARG C 328 2.67 28.73 -18.55
CA ARG C 328 3.49 28.57 -19.73
C ARG C 328 3.37 29.80 -20.63
N LYS C 329 4.49 30.19 -21.22
CA LYS C 329 4.52 31.23 -22.24
C LYS C 329 4.05 32.57 -21.69
N ASN C 330 4.93 33.17 -20.89
CA ASN C 330 4.75 34.53 -20.38
C ASN C 330 6.12 35.21 -20.33
N GLN C 331 6.23 36.34 -19.63
CA GLN C 331 7.47 37.10 -19.49
C GLN C 331 8.07 36.98 -18.08
N LEU C 332 7.97 35.81 -17.47
CA LEU C 332 8.42 35.64 -16.08
C LEU C 332 9.93 35.49 -15.93
N ILE C 333 10.51 36.27 -15.02
CA ILE C 333 11.94 36.16 -14.67
C ILE C 333 12.10 35.37 -13.37
N GLU C 334 11.05 35.31 -12.57
CA GLU C 334 11.06 34.57 -11.32
C GLU C 334 9.69 34.09 -10.92
N LEU C 335 9.62 32.93 -10.25
CA LEU C 335 8.36 32.49 -9.66
C LEU C 335 8.37 32.86 -8.18
N PRO C 336 7.20 33.14 -7.61
CA PRO C 336 7.12 33.37 -6.18
C PRO C 336 7.11 32.05 -5.42
N ALA C 337 7.01 32.11 -4.10
CA ALA C 337 7.02 30.91 -3.26
C ALA C 337 5.86 30.00 -3.64
N LEU C 338 6.16 28.75 -3.92
CA LEU C 338 5.16 27.79 -4.37
C LEU C 338 4.41 27.22 -3.18
N PRO C 339 3.07 27.26 -3.22
CA PRO C 339 2.28 26.78 -2.08
C PRO C 339 2.45 25.28 -1.84
N PRO C 340 2.29 24.84 -0.57
CA PRO C 340 2.64 23.47 -0.15
C PRO C 340 1.84 22.35 -0.84
N ASP C 341 0.57 22.59 -1.09
CA ASP C 341 -0.30 21.57 -1.68
C ASP C 341 -0.24 21.50 -3.21
N LEU C 342 0.73 22.18 -3.82
CA LEU C 342 0.88 22.19 -5.27
C LEU C 342 1.29 20.80 -5.78
N GLU C 343 0.65 20.35 -6.84
CA GLU C 343 0.88 19.01 -7.42
C GLU C 343 1.40 19.03 -8.85
N ARG C 344 0.90 19.96 -9.65
CA ARG C 344 1.36 20.14 -11.02
C ARG C 344 1.78 21.58 -11.25
N LEU C 345 3.03 21.78 -11.65
CA LEU C 345 3.54 23.08 -12.05
C LEU C 345 4.00 23.03 -13.50
N ILE C 346 3.50 23.96 -14.30
CA ILE C 346 3.96 24.15 -15.66
C ILE C 346 4.39 25.61 -15.78
N ALA C 347 5.70 25.84 -15.85
CA ALA C 347 6.25 27.19 -15.99
C ALA C 347 7.18 27.27 -17.19
N SER C 348 6.94 26.42 -18.19
CA SER C 348 7.76 26.40 -19.39
C SER C 348 7.61 27.68 -20.20
N PHE C 349 8.61 27.97 -21.03
CA PHE C 349 8.60 29.11 -21.94
C PHE C 349 8.44 30.42 -21.17
N ASN C 350 9.42 30.72 -20.33
CA ASN C 350 9.53 32.03 -19.70
C ASN C 350 11.01 32.42 -19.73
N HIS C 351 11.44 33.30 -18.83
CA HIS C 351 12.86 33.64 -18.70
C HIS C 351 13.36 33.38 -17.29
N LEU C 352 13.10 32.17 -16.79
CA LEU C 352 13.52 31.77 -15.46
C LEU C 352 15.00 31.38 -15.43
N ALA C 353 15.71 31.86 -14.42
CA ALA C 353 17.09 31.48 -14.17
C ALA C 353 17.17 30.37 -13.12
N GLU C 354 16.13 30.25 -12.29
CA GLU C 354 16.06 29.20 -11.27
C GLU C 354 14.65 29.04 -10.75
N LEU C 355 14.38 27.90 -10.11
CA LEU C 355 13.06 27.62 -9.55
C LEU C 355 13.09 27.83 -8.05
N PRO C 356 11.97 28.26 -7.46
CA PRO C 356 11.84 28.27 -6.01
C PRO C 356 11.94 26.87 -5.42
N GLU C 357 11.99 26.76 -4.10
CA GLU C 357 12.01 25.46 -3.46
C GLU C 357 10.74 24.73 -3.80
N LEU C 358 10.88 23.52 -4.36
CA LEU C 358 9.73 22.75 -4.80
C LEU C 358 9.01 22.14 -3.61
N PRO C 359 7.67 22.31 -3.55
CA PRO C 359 6.92 21.73 -2.43
C PRO C 359 6.93 20.21 -2.50
N PRO C 360 6.66 19.54 -1.36
CA PRO C 360 6.91 18.11 -1.22
C PRO C 360 5.81 17.21 -1.80
N ASN C 361 4.73 17.79 -2.32
CA ASN C 361 3.66 17.01 -2.93
C ASN C 361 3.64 17.13 -4.46
N LEU C 362 4.64 17.80 -5.03
CA LEU C 362 4.72 18.04 -6.46
C LEU C 362 4.99 16.75 -7.23
N SER C 363 4.07 16.36 -8.11
CA SER C 363 4.20 15.13 -8.89
C SER C 363 4.61 15.37 -10.35
N TYR C 364 4.24 16.53 -10.89
CA TYR C 364 4.54 16.86 -12.28
C TYR C 364 5.18 18.24 -12.34
N LEU C 365 6.32 18.33 -13.00
CA LEU C 365 7.03 19.60 -13.16
C LEU C 365 7.54 19.76 -14.57
N ASP C 366 7.10 20.83 -15.22
CA ASP C 366 7.58 21.20 -16.54
C ASP C 366 8.10 22.62 -16.51
N ALA C 367 9.42 22.76 -16.54
CA ALA C 367 10.08 24.06 -16.55
C ALA C 367 10.98 24.19 -17.77
N SER C 368 10.55 23.62 -18.90
CA SER C 368 11.36 23.64 -20.11
C SER C 368 11.37 25.01 -20.76
N ARG C 369 12.35 25.21 -21.64
CA ARG C 369 12.46 26.44 -22.42
C ARG C 369 12.50 27.65 -21.50
N ASN C 370 13.46 27.63 -20.58
CA ASN C 370 13.82 28.79 -19.80
C ASN C 370 15.33 28.96 -19.92
N GLU C 371 15.94 29.74 -19.02
CA GLU C 371 17.38 29.84 -18.96
C GLU C 371 17.83 29.43 -17.56
N ILE C 372 17.44 28.22 -17.17
CA ILE C 372 17.76 27.68 -15.85
C ILE C 372 19.15 27.06 -15.84
N SER C 373 20.00 27.52 -14.92
CA SER C 373 21.40 27.10 -14.86
C SER C 373 21.61 25.90 -13.94
N SER C 374 20.83 25.79 -12.88
CA SER C 374 20.84 24.57 -12.07
C SER C 374 19.49 24.31 -11.39
N LEU C 375 19.24 23.04 -11.08
CA LEU C 375 17.99 22.64 -10.46
C LEU C 375 18.15 22.47 -8.97
N CYS C 376 17.26 23.10 -8.21
CA CYS C 376 17.12 22.84 -6.79
C CYS C 376 16.75 21.37 -6.58
N ASP C 377 16.83 20.90 -5.34
CA ASP C 377 16.52 19.51 -5.00
C ASP C 377 15.09 19.15 -5.38
N LEU C 378 14.91 17.92 -5.85
CA LEU C 378 13.62 17.44 -6.32
C LEU C 378 12.95 16.61 -5.23
N PRO C 379 11.67 16.87 -4.96
CA PRO C 379 10.95 16.05 -3.96
C PRO C 379 10.70 14.62 -4.45
N PRO C 380 10.61 13.65 -3.51
CA PRO C 380 10.39 12.23 -3.84
C PRO C 380 9.02 11.94 -4.48
N SER C 381 8.06 12.83 -4.22
CA SER C 381 6.73 12.78 -4.83
C SER C 381 6.73 12.96 -6.35
N LEU C 382 7.84 13.44 -6.90
CA LEU C 382 7.93 13.77 -8.32
C LEU C 382 7.95 12.52 -9.20
N VAL C 383 7.05 12.50 -10.18
CA VAL C 383 6.91 11.38 -11.12
C VAL C 383 7.29 11.76 -12.56
N GLU C 384 7.05 13.02 -12.95
CA GLU C 384 7.36 13.50 -14.30
C GLU C 384 8.13 14.82 -14.27
N LEU C 385 9.30 14.84 -14.90
CA LEU C 385 10.16 16.03 -14.95
C LEU C 385 10.53 16.38 -16.38
N ASP C 386 10.20 17.59 -16.79
CA ASP C 386 10.59 18.10 -18.10
C ASP C 386 11.36 19.41 -17.95
N VAL C 387 12.64 19.38 -18.27
CA VAL C 387 13.50 20.56 -18.20
C VAL C 387 14.32 20.73 -19.47
N ARG C 388 13.78 20.32 -20.62
CA ARG C 388 14.49 20.47 -21.89
C ARG C 388 14.68 21.95 -22.18
N ASP C 389 15.71 22.24 -22.97
CA ASP C 389 15.99 23.62 -23.41
C ASP C 389 16.19 24.53 -22.21
N ASN C 390 17.31 24.33 -21.52
CA ASN C 390 17.71 25.15 -20.41
C ASN C 390 19.23 25.19 -20.39
N GLN C 391 19.79 25.86 -19.39
CA GLN C 391 21.24 26.01 -19.28
C GLN C 391 21.84 25.05 -18.24
N LEU C 392 21.41 23.80 -18.21
CA LEU C 392 21.89 22.87 -17.19
C LEU C 392 23.17 22.16 -17.60
N ILE C 393 24.11 22.03 -16.65
CA ILE C 393 25.29 21.17 -16.82
C ILE C 393 25.20 19.89 -15.99
N GLU C 394 24.32 19.87 -14.99
CA GLU C 394 24.09 18.65 -14.21
C GLU C 394 22.69 18.61 -13.62
N LEU C 395 22.21 17.40 -13.36
CA LEU C 395 20.92 17.22 -12.73
C LEU C 395 21.12 16.81 -11.28
N PRO C 396 20.23 17.24 -10.39
CA PRO C 396 20.33 16.77 -9.01
C PRO C 396 19.95 15.29 -8.91
N ALA C 397 20.17 14.70 -7.74
CA ALA C 397 19.77 13.32 -7.51
C ALA C 397 18.30 13.16 -7.86
N LEU C 398 17.99 12.08 -8.56
CA LEU C 398 16.65 11.87 -9.09
C LEU C 398 15.81 11.10 -8.09
N PRO C 399 14.60 11.58 -7.80
CA PRO C 399 13.73 10.83 -6.89
C PRO C 399 13.43 9.43 -7.42
N PRO C 400 13.16 8.48 -6.51
CA PRO C 400 13.07 7.08 -6.90
C PRO C 400 11.78 6.71 -7.63
N HIS C 401 10.72 7.52 -7.50
CA HIS C 401 9.44 7.22 -8.14
C HIS C 401 9.23 8.01 -9.43
N LEU C 402 10.33 8.52 -9.98
CA LEU C 402 10.29 9.23 -11.25
C LEU C 402 10.07 8.22 -12.37
N GLU C 403 9.11 8.53 -13.24
CA GLU C 403 8.79 7.69 -14.40
C GLU C 403 9.20 8.31 -15.73
N ARG C 404 9.23 9.63 -15.81
CA ARG C 404 9.60 10.33 -17.05
C ARG C 404 10.59 11.44 -16.80
N LEU C 405 11.74 11.37 -17.48
CA LEU C 405 12.77 12.41 -17.39
C LEU C 405 13.10 12.92 -18.79
N ILE C 406 12.77 14.18 -19.03
CA ILE C 406 13.07 14.83 -20.30
C ILE C 406 13.97 16.03 -20.02
N ALA C 407 15.23 15.91 -20.45
CA ALA C 407 16.23 16.93 -20.18
C ALA C 407 17.12 17.18 -21.39
N SER C 408 16.55 17.02 -22.58
CA SER C 408 17.28 17.22 -23.83
C SER C 408 17.51 18.71 -24.05
N LEU C 409 18.41 19.04 -24.97
CA LEU C 409 18.80 20.42 -25.26
C LEU C 409 19.23 21.15 -23.99
N ASN C 410 20.30 20.64 -23.39
CA ASN C 410 20.96 21.28 -22.24
C ASN C 410 22.45 21.11 -22.47
N HIS C 411 23.26 21.33 -21.45
CA HIS C 411 24.72 21.12 -21.53
C HIS C 411 25.20 20.01 -20.59
N LEU C 412 24.34 19.02 -20.35
CA LEU C 412 24.65 17.98 -19.35
C LEU C 412 25.94 17.24 -19.69
N ALA C 413 26.81 17.11 -18.70
CA ALA C 413 28.04 16.35 -18.83
C ALA C 413 27.83 14.88 -18.43
N GLU C 414 26.89 14.64 -17.51
CA GLU C 414 26.48 13.28 -17.18
C GLU C 414 25.10 13.29 -16.55
N VAL C 415 24.42 12.15 -16.60
CA VAL C 415 23.14 12.01 -15.93
C VAL C 415 23.30 11.24 -14.62
N PRO C 416 22.61 11.67 -13.56
CA PRO C 416 22.61 10.92 -12.31
C PRO C 416 22.19 9.47 -12.49
N GLU C 417 22.48 8.63 -11.51
CA GLU C 417 22.00 7.25 -11.52
C GLU C 417 20.48 7.27 -11.66
N LEU C 418 19.96 6.45 -12.57
CA LEU C 418 18.56 6.50 -12.93
C LEU C 418 17.71 5.60 -12.04
N PRO C 419 16.54 6.10 -11.61
CA PRO C 419 15.54 5.30 -10.89
C PRO C 419 15.22 3.99 -11.58
N GLN C 420 14.94 2.98 -10.77
CA GLN C 420 14.81 1.61 -11.26
C GLN C 420 13.47 1.34 -11.94
N ASN C 421 12.52 2.27 -11.81
CA ASN C 421 11.25 2.17 -12.49
C ASN C 421 10.96 3.37 -13.39
N LEU C 422 12.01 3.84 -14.06
CA LEU C 422 11.89 4.91 -15.04
C LEU C 422 11.33 4.34 -16.34
N LYS C 423 10.36 5.03 -16.93
CA LYS C 423 9.74 4.60 -18.18
C LYS C 423 10.31 5.31 -19.41
N GLN C 424 10.62 6.60 -19.27
CA GLN C 424 11.04 7.44 -20.39
C GLN C 424 12.25 8.30 -20.04
N LEU C 425 13.28 8.22 -20.87
CA LEU C 425 14.48 9.04 -20.73
C LEU C 425 14.83 9.73 -22.04
N HIS C 426 14.68 11.05 -22.07
CA HIS C 426 14.97 11.86 -23.24
C HIS C 426 16.05 12.88 -22.92
N VAL C 427 17.28 12.61 -23.38
CA VAL C 427 18.42 13.48 -23.09
C VAL C 427 19.29 13.74 -24.33
N GLU C 428 18.64 13.84 -25.49
CA GLU C 428 19.32 14.21 -26.73
C GLU C 428 19.87 15.63 -26.63
N HIS C 429 20.88 15.92 -27.44
CA HIS C 429 21.45 17.26 -27.51
C HIS C 429 21.96 17.75 -26.15
N ASN C 430 23.03 17.09 -25.69
CA ASN C 430 23.69 17.39 -24.43
C ASN C 430 25.17 17.16 -24.61
N ALA C 431 25.94 17.26 -23.53
CA ALA C 431 27.39 17.09 -23.60
C ALA C 431 27.87 15.84 -22.86
N LEU C 432 27.12 14.76 -22.93
CA LEU C 432 27.40 13.59 -22.09
C LEU C 432 28.75 12.95 -22.39
N ARG C 433 29.63 12.99 -21.40
CA ARG C 433 30.94 12.34 -21.47
C ARG C 433 30.81 10.84 -21.26
N GLU C 434 29.86 10.43 -20.43
CA GLU C 434 29.52 8.99 -20.35
C GLU C 434 28.00 8.83 -20.29
N PHE C 435 27.54 7.77 -20.95
CA PHE C 435 26.13 7.44 -20.96
C PHE C 435 25.81 6.59 -19.74
N PRO C 436 24.65 6.85 -19.11
CA PRO C 436 24.26 6.12 -17.91
C PRO C 436 23.83 4.71 -18.24
N ASP C 437 23.77 3.87 -17.21
CA ASP C 437 23.17 2.55 -17.34
C ASP C 437 21.68 2.71 -17.42
N ILE C 438 21.09 2.01 -18.38
CA ILE C 438 19.66 2.12 -18.66
C ILE C 438 18.93 0.96 -17.94
N PRO C 439 18.02 1.31 -17.00
CA PRO C 439 17.18 0.30 -16.36
C PRO C 439 16.38 -0.54 -17.38
N GLU C 440 16.02 -1.76 -16.99
CA GLU C 440 15.16 -2.63 -17.81
C GLU C 440 13.82 -1.92 -18.07
N SER C 441 13.40 -1.13 -17.09
CA SER C 441 12.08 -0.49 -17.09
C SER C 441 11.86 0.55 -18.18
N VAL C 442 12.93 1.20 -18.65
CA VAL C 442 12.82 2.30 -19.63
C VAL C 442 12.46 1.74 -21.00
N GLU C 443 11.34 2.19 -21.54
CA GLU C 443 10.81 1.69 -22.80
C GLU C 443 10.93 2.70 -23.92
N ASP C 444 11.02 3.99 -23.57
CA ASP C 444 11.17 5.07 -24.54
C ASP C 444 12.46 5.86 -24.27
N LEU C 445 13.52 5.49 -24.97
CA LEU C 445 14.83 6.09 -24.76
C LEU C 445 15.28 6.90 -25.96
N ARG C 446 15.69 8.14 -25.71
CA ARG C 446 16.35 8.98 -26.71
C ARG C 446 17.60 9.58 -26.10
N MET C 447 18.75 9.23 -26.62
CA MET C 447 19.96 9.92 -26.18
C MET C 447 21.07 10.02 -27.23
N ASP C 448 21.84 11.09 -27.09
CA ASP C 448 23.13 11.21 -27.80
C ASP C 448 23.88 9.89 -27.67
N LYS D 1 44.97 -44.11 26.48
CA LYS D 1 43.84 -45.06 26.41
C LYS D 1 43.61 -45.58 24.96
N SER D 2 43.22 -46.85 24.86
CA SER D 2 42.80 -47.43 23.58
C SER D 2 41.37 -47.00 23.25
N LYS D 3 40.88 -47.40 22.09
CA LYS D 3 39.56 -46.98 21.61
C LYS D 3 38.40 -47.50 22.47
N THR D 4 38.41 -48.80 22.79
CA THR D 4 37.33 -49.40 23.57
C THR D 4 37.38 -49.00 25.05
N GLU D 5 38.51 -48.48 25.51
CA GLU D 5 38.59 -47.95 26.88
C GLU D 5 37.76 -46.69 27.03
N TYR D 6 37.72 -45.86 25.99
CA TYR D 6 36.84 -44.69 25.94
C TYR D 6 35.37 -45.09 25.83
N TYR D 7 35.08 -46.07 24.97
CA TYR D 7 33.72 -46.56 24.81
C TYR D 7 33.10 -47.00 26.13
N ASN D 8 33.92 -47.60 26.99
CA ASN D 8 33.47 -48.04 28.31
C ASN D 8 33.18 -46.86 29.23
N ALA D 9 34.14 -45.97 29.35
CA ALA D 9 34.01 -44.79 30.19
C ALA D 9 32.78 -43.94 29.83
N TRP D 10 32.48 -43.86 28.53
CA TRP D 10 31.33 -43.07 28.04
C TRP D 10 29.99 -43.79 28.21
N SER D 11 29.98 -45.11 28.07
CA SER D 11 28.76 -45.89 28.33
C SER D 11 28.49 -45.99 29.83
N GLU D 12 29.54 -45.92 30.64
CA GLU D 12 29.37 -45.86 32.09
C GLU D 12 28.80 -44.51 32.53
N TRP D 13 29.35 -43.44 31.97
CA TRP D 13 28.87 -42.06 32.23
C TRP D 13 27.41 -41.89 31.76
N GLU D 14 27.03 -42.61 30.71
CA GLU D 14 25.68 -42.57 30.16
C GLU D 14 24.62 -43.18 31.10
N ARG D 15 25.03 -44.19 31.87
CA ARG D 15 24.07 -45.07 32.60
C ARG D 15 24.73 -45.69 33.86
N ASN D 16 24.57 -45.06 35.04
CA ASN D 16 23.76 -43.84 35.27
C ASN D 16 24.32 -42.60 34.57
N ALA D 17 23.60 -41.48 34.44
CA ALA D 17 22.50 -40.94 35.29
C ALA D 17 21.25 -41.78 35.48
N PRO D 18 20.54 -41.60 36.62
CA PRO D 18 19.35 -42.43 36.85
C PRO D 18 18.16 -42.12 35.90
N PRO D 19 17.32 -43.14 35.59
CA PRO D 19 16.35 -43.01 34.49
C PRO D 19 15.30 -41.91 34.65
N GLY D 20 15.33 -40.93 33.74
CA GLY D 20 14.30 -39.90 33.63
C GLY D 20 14.78 -38.61 34.24
N ASN D 21 15.57 -37.82 33.49
CA ASN D 21 16.20 -36.58 34.02
C ASN D 21 16.35 -35.38 33.06
N GLY D 22 16.19 -35.60 31.75
CA GLY D 22 16.20 -34.55 30.73
C GLY D 22 17.56 -34.33 30.10
N GLU D 23 18.54 -35.07 30.60
CA GLU D 23 19.89 -35.05 30.02
C GLU D 23 19.91 -35.94 28.79
N GLN D 24 20.44 -35.44 27.69
CA GLN D 24 20.53 -36.20 26.46
C GLN D 24 21.90 -36.86 26.33
N ARG D 25 22.28 -37.65 27.34
CA ARG D 25 23.58 -38.32 27.36
C ARG D 25 23.75 -39.32 26.22
N GLU D 26 22.67 -39.96 25.79
CA GLU D 26 22.72 -40.93 24.71
C GLU D 26 23.11 -40.26 23.39
N MET D 27 22.60 -39.05 23.17
CA MET D 27 22.96 -38.23 22.01
C MET D 27 24.41 -37.76 22.09
N ALA D 28 24.86 -37.47 23.31
CA ALA D 28 26.23 -37.00 23.56
C ALA D 28 27.28 -38.07 23.31
N VAL D 29 27.01 -39.28 23.81
CA VAL D 29 27.93 -40.41 23.61
C VAL D 29 27.97 -40.78 22.13
N SER D 30 26.86 -40.61 21.44
CA SER D 30 26.83 -40.81 20.00
C SER D 30 27.82 -39.90 19.27
N ARG D 31 27.87 -38.64 19.69
CA ARG D 31 28.79 -37.65 19.11
C ARG D 31 30.22 -37.84 19.56
N LEU D 32 30.41 -38.28 20.80
CA LEU D 32 31.75 -38.56 21.31
C LEU D 32 32.43 -39.69 20.53
N ARG D 33 31.66 -40.72 20.22
CA ARG D 33 32.16 -41.86 19.46
C ARG D 33 32.35 -41.52 17.97
N ASP D 34 31.41 -40.81 17.38
CA ASP D 34 31.55 -40.29 16.01
C ASP D 34 32.81 -39.42 15.87
N CYS D 35 33.07 -38.62 16.90
CA CYS D 35 34.25 -37.75 16.95
C CYS D 35 35.55 -38.55 17.04
N LEU D 36 35.55 -39.58 17.88
CA LEU D 36 36.73 -40.44 18.07
C LEU D 36 36.99 -41.31 16.84
N ASP D 37 35.94 -41.96 16.34
CA ASP D 37 36.02 -42.78 15.13
C ASP D 37 36.63 -42.03 13.95
N ARG D 38 36.14 -40.83 13.69
CA ARG D 38 36.60 -40.06 12.54
C ARG D 38 37.76 -39.10 12.82
N GLN D 39 38.29 -39.11 14.05
CA GLN D 39 39.36 -38.19 14.47
C GLN D 39 39.02 -36.74 14.14
N ALA D 40 37.76 -36.35 14.38
CA ALA D 40 37.27 -35.04 13.98
C ALA D 40 37.90 -33.97 14.83
N HIS D 41 37.96 -32.76 14.28
CA HIS D 41 38.58 -31.64 14.97
C HIS D 41 37.62 -31.05 16.02
N GLU D 42 36.36 -30.88 15.62
CA GLU D 42 35.34 -30.29 16.48
C GLU D 42 34.50 -31.35 17.21
N LEU D 43 34.01 -30.99 18.39
CA LEU D 43 33.01 -31.78 19.11
C LEU D 43 32.02 -30.80 19.74
N GLU D 44 30.78 -30.79 19.27
CA GLU D 44 29.76 -29.89 19.84
C GLU D 44 28.70 -30.66 20.60
N LEU D 45 28.53 -30.29 21.88
CA LEU D 45 27.62 -30.95 22.81
C LEU D 45 26.69 -29.92 23.46
N ASN D 46 26.41 -28.84 22.75
CA ASN D 46 25.62 -27.75 23.33
C ASN D 46 24.13 -28.02 23.26
N ASN D 47 23.39 -27.48 24.23
CA ASN D 47 21.93 -27.67 24.35
C ASN D 47 21.51 -29.12 24.54
N LEU D 48 22.25 -29.87 25.35
CA LEU D 48 21.89 -31.24 25.68
C LEU D 48 21.61 -31.42 27.18
N GLY D 49 21.70 -30.34 27.95
CA GLY D 49 21.35 -30.38 29.38
C GLY D 49 22.23 -31.29 30.22
N LEU D 50 23.55 -31.22 30.01
CA LEU D 50 24.47 -32.07 30.74
C LEU D 50 24.86 -31.43 32.08
N SER D 51 24.97 -32.26 33.11
CA SER D 51 25.47 -31.80 34.41
C SER D 51 26.98 -31.99 34.53
N SER D 52 27.53 -32.90 33.71
CA SER D 52 28.97 -33.16 33.69
C SER D 52 29.39 -33.68 32.31
N LEU D 53 30.70 -33.75 32.07
CA LEU D 53 31.24 -34.38 30.86
C LEU D 53 32.22 -35.49 31.26
N PRO D 54 32.30 -36.56 30.44
CA PRO D 54 33.26 -37.63 30.71
C PRO D 54 34.63 -37.27 30.13
N GLU D 55 35.60 -38.18 30.27
CA GLU D 55 36.90 -38.00 29.61
C GLU D 55 36.69 -37.65 28.14
N LEU D 56 37.38 -36.62 27.67
CA LEU D 56 37.21 -36.13 26.31
C LEU D 56 38.13 -36.88 25.35
N PRO D 57 37.71 -37.02 24.07
CA PRO D 57 38.59 -37.66 23.10
C PRO D 57 39.84 -36.83 22.85
N PRO D 58 41.04 -37.44 22.95
CA PRO D 58 42.23 -36.63 22.71
C PRO D 58 42.32 -36.34 21.23
N HIS D 59 43.28 -35.51 20.86
CA HIS D 59 43.45 -35.10 19.48
C HIS D 59 42.26 -34.30 18.95
N LEU D 60 41.53 -33.58 19.80
CA LEU D 60 40.54 -32.63 19.27
C LEU D 60 40.93 -31.20 19.55
N GLU D 61 40.57 -30.33 18.60
CA GLU D 61 41.00 -28.95 18.61
C GLU D 61 39.93 -28.01 19.16
N ARG D 62 38.66 -28.37 19.01
CA ARG D 62 37.56 -27.49 19.36
C ARG D 62 36.49 -28.22 20.18
N LEU D 63 36.23 -27.73 21.39
CA LEU D 63 35.19 -28.27 22.24
C LEU D 63 34.13 -27.20 22.48
N VAL D 64 32.94 -27.41 21.91
CA VAL D 64 31.78 -26.56 22.20
C VAL D 64 30.81 -27.32 23.09
N ALA D 65 30.58 -26.81 24.31
CA ALA D 65 29.64 -27.43 25.23
C ALA D 65 28.84 -26.36 25.97
N SER D 66 28.44 -25.33 25.22
CA SER D 66 27.73 -24.19 25.79
C SER D 66 26.26 -24.55 26.01
N CYS D 67 25.56 -23.71 26.76
CA CYS D 67 24.13 -23.90 27.04
C CYS D 67 23.82 -25.27 27.64
N ASN D 68 24.56 -25.63 28.69
CA ASN D 68 24.30 -26.84 29.46
C ASN D 68 24.28 -26.44 30.93
N SER D 69 24.33 -27.42 31.83
CA SER D 69 24.32 -27.15 33.27
C SER D 69 25.57 -27.68 33.95
N LEU D 70 26.72 -27.53 33.29
CA LEU D 70 27.99 -28.09 33.78
C LEU D 70 28.47 -27.37 35.04
N THR D 71 29.01 -28.13 35.98
CA THR D 71 29.53 -27.58 37.24
C THR D 71 31.05 -27.45 37.22
N GLU D 72 31.71 -28.43 36.59
CA GLU D 72 33.14 -28.36 36.32
C GLU D 72 33.43 -29.08 34.99
N LEU D 73 34.68 -29.07 34.56
CA LEU D 73 35.08 -29.76 33.33
C LEU D 73 36.09 -30.85 33.60
N PRO D 74 36.19 -31.84 32.70
CA PRO D 74 37.27 -32.82 32.78
C PRO D 74 38.55 -32.19 32.29
N GLU D 75 39.69 -32.82 32.54
CA GLU D 75 40.95 -32.28 32.04
C GLU D 75 40.89 -32.19 30.52
N LEU D 76 41.46 -31.12 29.98
CA LEU D 76 41.33 -30.81 28.57
C LEU D 76 42.49 -31.44 27.82
N PRO D 77 42.22 -31.99 26.63
CA PRO D 77 43.30 -32.58 25.84
C PRO D 77 44.30 -31.54 25.37
N GLN D 78 45.55 -31.96 25.23
CA GLN D 78 46.65 -31.05 24.91
C GLN D 78 46.57 -30.47 23.50
N SER D 79 45.86 -31.12 22.59
CA SER D 79 45.71 -30.64 21.22
C SER D 79 44.68 -29.50 21.10
N LEU D 80 44.02 -29.14 22.20
CA LEU D 80 42.87 -28.24 22.17
C LEU D 80 43.24 -26.79 21.85
N LYS D 81 42.59 -26.25 20.82
CA LYS D 81 42.83 -24.90 20.35
C LYS D 81 41.75 -23.91 20.78
N SER D 82 40.50 -24.36 20.93
CA SER D 82 39.40 -23.47 21.38
C SER D 82 38.43 -24.15 22.35
N LEU D 83 37.81 -23.34 23.20
CA LEU D 83 36.91 -23.82 24.24
C LEU D 83 35.71 -22.89 24.35
N GLU D 84 34.52 -23.43 24.08
CA GLU D 84 33.26 -22.70 24.20
C GLU D 84 32.36 -23.39 25.21
N VAL D 85 32.33 -22.86 26.44
CA VAL D 85 31.51 -23.44 27.49
C VAL D 85 30.73 -22.36 28.22
N TYR D 86 30.16 -21.43 27.45
CA TYR D 86 29.39 -20.34 28.03
C TYR D 86 27.99 -20.82 28.36
N GLU D 87 27.27 -20.02 29.17
CA GLU D 87 25.93 -20.37 29.63
C GLU D 87 25.96 -21.75 30.32
N ASN D 88 26.74 -21.82 31.39
CA ASN D 88 26.84 -23.03 32.22
C ASN D 88 26.87 -22.61 33.67
N ASN D 89 27.20 -23.54 34.58
CA ASN D 89 27.32 -23.23 36.00
C ASN D 89 28.73 -23.49 36.53
N LEU D 90 29.73 -23.20 35.70
CA LEU D 90 31.13 -23.46 36.06
C LEU D 90 31.57 -22.52 37.16
N LYS D 91 32.07 -23.10 38.25
CA LYS D 91 32.61 -22.32 39.38
C LYS D 91 34.11 -22.13 39.22
N ALA D 92 34.74 -23.01 38.44
CA ALA D 92 36.17 -22.92 38.11
C ALA D 92 36.49 -23.70 36.85
N LEU D 93 37.65 -23.42 36.25
CA LEU D 93 38.09 -24.13 35.04
C LEU D 93 39.24 -25.08 35.38
N PRO D 94 39.46 -26.10 34.53
CA PRO D 94 40.68 -26.91 34.67
C PRO D 94 41.89 -26.11 34.19
N ASP D 95 43.08 -26.68 34.31
CA ASP D 95 44.27 -26.07 33.73
C ASP D 95 44.13 -26.14 32.22
N LEU D 96 44.59 -25.10 31.54
CA LEU D 96 44.36 -24.96 30.11
C LEU D 96 45.58 -25.41 29.30
N PRO D 97 45.34 -26.12 28.18
CA PRO D 97 46.45 -26.63 27.36
C PRO D 97 47.21 -25.52 26.63
N PRO D 98 48.47 -25.81 26.22
CA PRO D 98 49.39 -24.80 25.67
C PRO D 98 49.00 -24.19 24.33
N LEU D 99 48.30 -24.95 23.50
CA LEU D 99 47.97 -24.52 22.12
C LEU D 99 46.70 -23.67 22.01
N LEU D 100 46.12 -23.32 23.15
CA LEU D 100 44.80 -22.66 23.20
C LEU D 100 44.82 -21.29 22.56
N VAL D 101 43.72 -20.95 21.89
CA VAL D 101 43.60 -19.73 21.10
C VAL D 101 42.36 -18.91 21.49
N ASP D 102 41.20 -19.56 21.58
CA ASP D 102 39.94 -18.93 22.04
C ASP D 102 39.55 -19.44 23.41
N LEU D 103 39.05 -18.55 24.26
CA LEU D 103 38.45 -18.95 25.52
C LEU D 103 37.13 -18.22 25.69
N ARG D 104 36.01 -18.96 25.57
CA ARG D 104 34.68 -18.41 25.76
C ARG D 104 34.01 -19.11 26.94
N VAL D 105 34.02 -18.42 28.07
CA VAL D 105 33.46 -18.96 29.30
C VAL D 105 32.51 -17.96 29.95
N PHE D 106 31.93 -17.08 29.14
CA PHE D 106 31.01 -16.07 29.69
C PHE D 106 29.72 -16.72 30.21
N ASN D 107 28.99 -15.98 31.04
CA ASN D 107 27.79 -16.49 31.71
C ASN D 107 28.05 -17.80 32.45
N ASN D 108 28.81 -17.69 33.54
CA ASN D 108 29.09 -18.81 34.44
C ASN D 108 29.23 -18.24 35.84
N GLN D 109 29.63 -19.05 36.83
CA GLN D 109 29.89 -18.54 38.18
C GLN D 109 31.39 -18.57 38.52
N LEU D 110 32.24 -18.34 37.53
CA LEU D 110 33.70 -18.46 37.75
C LEU D 110 34.17 -17.45 38.78
N GLU D 111 34.82 -17.95 39.83
CA GLU D 111 35.36 -17.09 40.89
C GLU D 111 36.83 -16.75 40.62
N GLU D 112 37.52 -17.58 39.86
CA GLU D 112 38.89 -17.34 39.44
C GLU D 112 39.12 -17.88 38.04
N LEU D 113 40.16 -17.42 37.37
CA LEU D 113 40.63 -18.05 36.13
C LEU D 113 41.96 -18.77 36.39
N PRO D 114 42.24 -19.84 35.63
CA PRO D 114 43.51 -20.54 35.78
C PRO D 114 44.67 -19.69 35.28
N GLU D 115 45.89 -20.15 35.48
CA GLU D 115 47.07 -19.42 35.06
C GLU D 115 47.08 -19.20 33.55
N LEU D 116 47.07 -17.93 33.13
CA LEU D 116 46.99 -17.59 31.71
C LEU D 116 48.32 -17.16 31.08
N GLN D 117 49.28 -16.74 31.90
CA GLN D 117 50.52 -16.13 31.38
C GLN D 117 51.38 -17.05 30.51
N ASN D 118 51.12 -18.35 30.53
CA ASN D 118 51.92 -19.32 29.77
C ASN D 118 51.21 -19.93 28.57
N LEU D 119 50.16 -19.26 28.09
CA LEU D 119 49.45 -19.70 26.89
C LEU D 119 49.71 -18.67 25.78
N PRO D 120 50.86 -18.76 25.11
CA PRO D 120 51.25 -17.76 24.11
C PRO D 120 50.35 -17.67 22.88
N PHE D 121 49.65 -18.76 22.54
CA PHE D 121 48.76 -18.75 21.37
C PHE D 121 47.37 -18.17 21.66
N LEU D 122 47.03 -18.06 22.95
CA LEU D 122 45.74 -17.52 23.39
C LEU D 122 45.59 -16.04 23.05
N THR D 123 44.71 -15.76 22.09
CA THR D 123 44.52 -14.41 21.56
C THR D 123 43.16 -13.76 21.89
N GLU D 124 42.20 -14.53 22.40
CA GLU D 124 40.84 -14.04 22.71
C GLU D 124 40.31 -14.66 23.98
N ILE D 125 39.95 -13.82 24.95
CA ILE D 125 39.28 -14.28 26.17
C ILE D 125 37.96 -13.52 26.35
N TYR D 126 36.86 -14.28 26.42
CA TYR D 126 35.54 -13.72 26.74
C TYR D 126 35.07 -14.40 28.02
N ALA D 127 35.36 -13.75 29.13
CA ALA D 127 35.03 -14.27 30.46
C ALA D 127 34.07 -13.31 31.15
N ASN D 128 33.29 -12.60 30.34
CA ASN D 128 32.33 -11.63 30.87
C ASN D 128 31.16 -12.31 31.56
N ASN D 129 30.53 -11.58 32.46
CA ASN D 129 29.41 -12.10 33.26
C ASN D 129 29.80 -13.36 34.05
N ASN D 130 30.62 -13.14 35.06
CA ASN D 130 31.06 -14.20 35.98
C ASN D 130 31.17 -13.57 37.36
N SER D 131 31.78 -14.28 38.32
CA SER D 131 31.98 -13.72 39.65
C SER D 131 33.45 -13.44 39.94
N LEU D 132 34.19 -13.01 38.91
CA LEU D 132 35.63 -12.79 39.05
C LEU D 132 35.92 -11.56 39.90
N LYS D 133 36.65 -11.77 40.98
CA LYS D 133 37.15 -10.65 41.80
C LYS D 133 38.49 -10.14 41.27
N THR D 134 39.23 -11.00 40.57
CA THR D 134 40.57 -10.69 40.11
C THR D 134 41.00 -11.49 38.87
N LEU D 135 41.84 -10.88 38.03
CA LEU D 135 42.40 -11.55 36.87
C LEU D 135 43.83 -11.99 37.13
N PRO D 136 44.16 -13.24 36.77
CA PRO D 136 45.58 -13.59 36.75
C PRO D 136 46.32 -12.82 35.65
N ASP D 137 47.64 -12.85 35.69
CA ASP D 137 48.45 -12.23 34.65
C ASP D 137 48.14 -12.83 33.28
N LEU D 138 48.06 -11.98 32.27
CA LEU D 138 47.46 -12.35 30.98
C LEU D 138 48.47 -12.94 29.99
N PRO D 139 47.99 -13.58 28.90
CA PRO D 139 48.88 -14.12 27.88
C PRO D 139 49.69 -13.04 27.16
N PRO D 140 50.90 -13.38 26.71
CA PRO D 140 51.77 -12.49 25.95
C PRO D 140 51.13 -11.87 24.70
N SER D 141 50.35 -12.65 23.96
CA SER D 141 49.84 -12.23 22.65
C SER D 141 48.34 -11.98 22.61
N LEU D 142 47.76 -11.60 23.75
CA LEU D 142 46.32 -11.40 23.85
C LEU D 142 45.85 -10.20 23.05
N VAL D 143 44.90 -10.43 22.15
CA VAL D 143 44.36 -9.42 21.26
C VAL D 143 43.01 -8.88 21.74
N ASP D 144 42.15 -9.75 22.26
CA ASP D 144 40.78 -9.41 22.62
C ASP D 144 40.44 -9.85 24.05
N LEU D 145 40.04 -8.92 24.90
CA LEU D 145 39.68 -9.25 26.26
C LEU D 145 38.31 -8.67 26.61
N ASN D 146 37.40 -9.52 27.05
CA ASN D 146 36.12 -9.09 27.57
C ASN D 146 35.88 -9.68 28.95
N VAL D 147 35.83 -8.82 29.96
CA VAL D 147 35.56 -9.23 31.34
C VAL D 147 34.53 -8.31 31.96
N ARG D 148 33.57 -7.88 31.17
CA ARG D 148 32.52 -7.01 31.67
C ARG D 148 31.61 -7.81 32.60
N GLU D 149 30.87 -7.11 33.45
CA GLU D 149 29.96 -7.73 34.42
C GLU D 149 30.67 -8.74 35.32
N ASN D 150 31.60 -8.23 36.11
CA ASN D 150 32.32 -9.03 37.09
C ASN D 150 32.50 -8.15 38.32
N TYR D 151 33.31 -8.60 39.28
CA TYR D 151 33.56 -7.81 40.48
C TYR D 151 35.04 -7.41 40.60
N LEU D 152 35.65 -7.05 39.48
CA LEU D 152 37.06 -6.66 39.46
C LEU D 152 37.25 -5.34 40.19
N THR D 153 38.30 -5.26 40.99
CA THR D 153 38.67 -4.01 41.66
C THR D 153 40.00 -3.44 41.13
N ALA D 154 40.73 -4.23 40.35
CA ALA D 154 41.98 -3.79 39.75
C ALA D 154 42.36 -4.65 38.53
N LEU D 155 43.30 -4.15 37.74
CA LEU D 155 43.70 -4.81 36.49
C LEU D 155 45.17 -5.18 36.48
N PRO D 156 45.49 -6.38 35.97
CA PRO D 156 46.89 -6.73 35.74
C PRO D 156 47.50 -5.90 34.61
N GLU D 157 48.78 -6.11 34.33
CA GLU D 157 49.42 -5.44 33.21
C GLU D 157 48.81 -5.94 31.91
N LEU D 158 48.57 -5.03 30.98
CA LEU D 158 47.97 -5.38 29.70
C LEU D 158 49.05 -5.51 28.63
N PRO D 159 48.98 -6.57 27.81
CA PRO D 159 49.92 -6.77 26.71
C PRO D 159 50.00 -5.65 25.68
N GLN D 160 51.15 -5.53 25.04
CA GLN D 160 51.33 -4.69 23.85
C GLN D 160 50.33 -5.06 22.77
N SER D 161 50.13 -6.36 22.61
CA SER D 161 49.29 -6.94 21.56
C SER D 161 47.81 -6.61 21.64
N LEU D 162 47.36 -6.15 22.81
CA LEU D 162 45.94 -5.91 23.06
C LEU D 162 45.32 -4.82 22.17
N ILE D 163 44.18 -5.15 21.57
CA ILE D 163 43.47 -4.27 20.64
C ILE D 163 42.10 -3.88 21.18
N PHE D 164 41.29 -4.87 21.58
CA PHE D 164 39.95 -4.65 22.09
C PHE D 164 39.87 -5.00 23.57
N LEU D 165 39.26 -4.14 24.37
CA LEU D 165 39.19 -4.33 25.82
C LEU D 165 37.86 -3.83 26.40
N ASP D 166 37.07 -4.77 26.94
CA ASP D 166 35.82 -4.43 27.62
C ASP D 166 35.95 -4.82 29.10
N ILE D 167 35.93 -3.81 29.95
CA ILE D 167 36.03 -3.99 31.40
C ILE D 167 34.88 -3.30 32.12
N SER D 168 33.79 -3.06 31.40
CA SER D 168 32.68 -2.30 31.93
C SER D 168 31.89 -3.08 32.97
N ASP D 169 31.18 -2.37 33.82
CA ASP D 169 30.32 -2.97 34.84
C ASP D 169 31.17 -3.83 35.78
N ASN D 170 32.14 -3.19 36.41
CA ASN D 170 33.00 -3.80 37.40
C ASN D 170 33.11 -2.84 38.58
N ILE D 171 34.09 -3.02 39.46
CA ILE D 171 34.29 -2.09 40.59
C ILE D 171 35.65 -1.41 40.48
N LEU D 172 35.98 -0.94 39.28
CA LEU D 172 37.24 -0.25 39.06
C LEU D 172 37.16 1.21 39.52
N SER D 173 38.24 1.72 40.08
CA SER D 173 38.32 3.14 40.50
C SER D 173 39.42 3.92 39.79
N GLY D 174 40.21 3.24 38.96
CA GLY D 174 41.27 3.89 38.21
C GLY D 174 41.78 2.93 37.15
N LEU D 175 42.53 3.44 36.19
CA LEU D 175 42.94 2.58 35.08
C LEU D 175 44.45 2.34 34.95
N SER D 176 44.84 1.06 35.03
CA SER D 176 46.24 0.67 34.85
C SER D 176 46.64 0.97 33.40
N GLU D 177 47.78 1.64 33.23
CA GLU D 177 48.19 2.23 31.95
C GLU D 177 47.83 1.37 30.75
N LEU D 178 47.28 2.00 29.73
CA LEU D 178 46.75 1.29 28.56
C LEU D 178 47.87 1.01 27.56
N PRO D 179 47.80 -0.13 26.86
CA PRO D 179 48.80 -0.42 25.82
C PRO D 179 48.66 0.47 24.60
N PRO D 180 49.74 0.60 23.81
CA PRO D 180 49.79 1.50 22.66
C PRO D 180 49.02 1.07 21.40
N ASN D 181 48.52 -0.16 21.35
CA ASN D 181 47.77 -0.62 20.18
C ASN D 181 46.26 -0.70 20.37
N LEU D 182 45.81 -0.45 21.59
CA LEU D 182 44.39 -0.49 21.93
C LEU D 182 43.60 0.41 20.98
N SER D 183 42.64 -0.16 20.25
CA SER D 183 41.79 0.62 19.34
C SER D 183 40.37 0.81 19.85
N CYS D 184 39.98 0.08 20.89
CA CYS D 184 38.61 0.10 21.38
C CYS D 184 38.53 -0.25 22.86
N LEU D 185 38.09 0.70 23.68
CA LEU D 185 37.99 0.52 25.13
C LEU D 185 36.58 0.85 25.64
N ASP D 186 35.99 -0.07 26.38
CA ASP D 186 34.75 0.15 27.09
C ASP D 186 35.03 -0.04 28.57
N ALA D 187 35.01 1.06 29.33
CA ALA D 187 35.14 1.00 30.78
C ALA D 187 33.96 1.67 31.47
N SER D 188 32.76 1.44 30.94
CA SER D 188 31.54 1.98 31.52
C SER D 188 31.20 1.39 32.88
N ARG D 189 30.29 2.04 33.59
CA ARG D 189 29.69 1.50 34.81
C ARG D 189 30.69 0.99 35.84
N ASN D 190 31.79 1.71 36.00
CA ASN D 190 32.73 1.46 37.08
C ASN D 190 32.65 2.66 38.02
N GLY D 191 33.61 2.79 38.93
CA GLY D 191 33.76 4.01 39.75
C GLY D 191 35.05 4.74 39.43
N ILE D 192 35.44 4.77 38.16
CA ILE D 192 36.71 5.35 37.74
C ILE D 192 36.71 6.84 38.05
N ARG D 193 37.79 7.32 38.67
CA ARG D 193 37.91 8.73 39.06
C ARG D 193 38.85 9.53 38.17
N SER D 194 39.62 8.84 37.34
CA SER D 194 40.64 9.49 36.53
C SER D 194 41.23 8.54 35.51
N LEU D 195 41.47 9.05 34.31
CA LEU D 195 42.20 8.35 33.27
C LEU D 195 43.55 9.01 33.18
N CYS D 196 44.56 8.26 32.79
CA CYS D 196 45.91 8.81 32.64
C CYS D 196 46.35 9.33 31.28
N ASP D 197 46.71 8.46 30.34
CA ASP D 197 46.90 8.77 28.93
C ASP D 197 46.17 7.74 28.12
N LEU D 198 45.61 8.20 27.00
CA LEU D 198 45.00 7.33 26.02
C LEU D 198 45.98 7.13 24.88
N PRO D 199 46.14 5.88 24.42
CA PRO D 199 47.04 5.63 23.31
C PRO D 199 46.52 6.22 22.01
N PRO D 200 47.42 6.63 21.10
CA PRO D 200 47.02 7.25 19.84
C PRO D 200 46.20 6.31 18.95
N SER D 201 46.42 5.01 19.09
CA SER D 201 45.69 3.99 18.34
C SER D 201 44.21 3.89 18.65
N LEU D 202 43.78 4.50 19.74
CA LEU D 202 42.41 4.44 20.21
C LEU D 202 41.42 5.12 19.26
N VAL D 203 40.32 4.44 18.97
CA VAL D 203 39.31 4.94 18.03
C VAL D 203 37.86 4.86 18.57
N TYR D 204 37.60 4.00 19.56
CA TYR D 204 36.32 3.96 20.25
C TYR D 204 36.59 4.01 21.75
N LEU D 205 35.98 4.97 22.44
CA LEU D 205 36.18 5.12 23.88
C LEU D 205 34.83 5.34 24.57
N ASP D 206 34.50 4.45 25.49
CA ASP D 206 33.25 4.51 26.23
C ASP D 206 33.54 4.46 27.73
N VAL D 207 33.31 5.59 28.39
CA VAL D 207 33.54 5.74 29.80
C VAL D 207 32.27 6.22 30.51
N ARG D 208 31.11 5.99 29.88
CA ARG D 208 29.80 6.24 30.47
C ARG D 208 29.73 5.81 31.93
N ASP D 209 29.12 6.63 32.79
CA ASP D 209 28.74 6.22 34.14
C ASP D 209 29.96 5.86 35.00
N ASN D 210 30.85 6.84 35.14
CA ASN D 210 31.99 6.76 36.05
C ASN D 210 32.00 8.03 36.89
N GLN D 211 33.15 8.43 37.45
CA GLN D 211 33.21 9.63 38.27
C GLN D 211 34.36 10.56 37.87
N LEU D 212 34.43 10.87 36.59
CA LEU D 212 35.47 11.74 36.06
C LEU D 212 35.15 13.23 36.25
N ILE D 213 36.20 14.03 36.46
CA ILE D 213 36.11 15.49 36.46
C ILE D 213 36.57 16.05 35.11
N GLU D 214 37.50 15.35 34.47
CA GLU D 214 38.02 15.76 33.16
C GLU D 214 38.52 14.56 32.39
N LEU D 215 38.76 14.74 31.10
CA LEU D 215 39.35 13.70 30.28
C LEU D 215 40.78 14.08 29.93
N PRO D 216 41.66 13.08 29.74
CA PRO D 216 42.98 13.38 29.17
C PRO D 216 42.87 13.87 27.73
N ALA D 217 43.98 14.25 27.14
CA ALA D 217 44.01 14.63 25.73
C ALA D 217 43.53 13.45 24.91
N LEU D 218 42.72 13.73 23.91
CA LEU D 218 42.15 12.69 23.07
C LEU D 218 43.02 12.48 21.84
N PRO D 219 43.23 11.22 21.44
CA PRO D 219 43.96 10.93 20.21
C PRO D 219 43.31 11.53 18.97
N SER D 220 44.11 11.92 17.98
CA SER D 220 43.57 12.43 16.73
C SER D 220 42.83 11.33 15.95
N GLY D 221 43.21 10.08 16.18
CA GLY D 221 42.54 8.93 15.57
C GLY D 221 41.12 8.66 16.06
N LEU D 222 40.82 9.13 17.28
CA LEU D 222 39.53 8.86 17.95
C LEU D 222 38.31 9.26 17.12
N GLU D 223 37.39 8.31 16.96
CA GLU D 223 36.18 8.48 16.13
C GLU D 223 34.89 8.62 16.94
N ARG D 224 34.71 7.78 17.96
CA ARG D 224 33.53 7.86 18.82
C ARG D 224 33.90 7.96 20.29
N LEU D 225 33.34 8.96 20.98
CA LEU D 225 33.56 9.17 22.40
C LEU D 225 32.22 9.17 23.14
N ILE D 226 32.08 8.27 24.11
CA ILE D 226 30.95 8.30 25.03
C ILE D 226 31.48 8.60 26.43
N ALA D 227 31.07 9.73 27.00
CA ALA D 227 31.51 10.12 28.34
C ALA D 227 30.35 10.60 29.19
N SER D 228 29.19 9.96 29.02
CA SER D 228 27.98 10.35 29.74
C SER D 228 28.06 10.01 31.22
N PHE D 229 27.14 10.58 32.00
CA PHE D 229 26.99 10.24 33.42
C PHE D 229 28.31 10.30 34.18
N ASN D 230 29.01 11.42 34.05
CA ASN D 230 30.21 11.69 34.85
C ASN D 230 30.02 13.07 35.49
N HIS D 231 31.10 13.67 35.99
CA HIS D 231 31.04 15.03 36.53
C HIS D 231 31.97 15.95 35.74
N LEU D 232 31.90 15.88 34.42
CA LEU D 232 32.78 16.67 33.57
C LEU D 232 32.43 18.15 33.62
N ALA D 233 33.45 18.97 33.89
CA ALA D 233 33.32 20.43 33.91
C ALA D 233 33.49 20.99 32.50
N GLU D 234 34.40 20.38 31.74
CA GLU D 234 34.61 20.76 30.35
C GLU D 234 35.19 19.58 29.60
N LEU D 235 35.07 19.61 28.27
CA LEU D 235 35.69 18.62 27.42
C LEU D 235 37.04 19.15 26.98
N PRO D 236 38.04 18.25 26.83
CA PRO D 236 39.26 18.70 26.17
C PRO D 236 39.03 18.97 24.69
N GLU D 237 40.04 19.47 24.01
CA GLU D 237 39.94 19.72 22.57
C GLU D 237 39.58 18.43 21.84
N LEU D 238 38.67 18.53 20.89
CA LEU D 238 38.15 17.35 20.19
C LEU D 238 38.93 17.12 18.90
N PRO D 239 39.29 15.87 18.61
CA PRO D 239 40.11 15.57 17.43
C PRO D 239 39.33 15.71 16.13
N PRO D 240 40.05 15.81 15.01
CA PRO D 240 39.42 16.08 13.71
C PRO D 240 38.77 14.87 13.04
N ASN D 241 38.89 13.68 13.63
CA ASN D 241 38.24 12.49 13.08
C ASN D 241 37.03 12.01 13.89
N LEU D 242 36.69 12.76 14.94
CA LEU D 242 35.58 12.40 15.83
C LEU D 242 34.25 12.64 15.12
N TYR D 243 33.46 11.58 14.98
CA TYR D 243 32.15 11.71 14.32
C TYR D 243 30.94 11.46 15.24
N TYR D 244 31.16 10.85 16.41
CA TYR D 244 30.08 10.64 17.38
C TYR D 244 30.53 11.07 18.78
N LEU D 245 29.81 11.99 19.41
CA LEU D 245 30.12 12.48 20.74
C LEU D 245 28.87 12.43 21.60
N ASP D 246 28.96 11.76 22.74
CA ASP D 246 27.91 11.77 23.76
C ASP D 246 28.54 12.16 25.10
N ALA D 247 28.28 13.40 25.52
CA ALA D 247 28.80 13.92 26.78
C ALA D 247 27.65 14.36 27.69
N SER D 248 26.53 13.65 27.61
CA SER D 248 25.34 14.00 28.37
C SER D 248 25.45 13.71 29.86
N ARG D 249 24.57 14.34 30.63
CA ARG D 249 24.49 14.15 32.07
C ARG D 249 25.86 14.36 32.74
N ASN D 250 26.40 15.54 32.51
CA ASN D 250 27.63 16.02 33.13
C ASN D 250 27.35 17.42 33.69
N GLU D 251 28.39 18.19 34.00
CA GLU D 251 28.24 19.56 34.45
C GLU D 251 29.03 20.52 33.56
N ILE D 252 28.83 20.41 32.26
CA ILE D 252 29.59 21.20 31.30
C ILE D 252 29.02 22.61 31.17
N SER D 253 29.89 23.61 31.34
CA SER D 253 29.50 25.02 31.31
C SER D 253 29.57 25.58 29.89
N SER D 254 30.54 25.10 29.11
CA SER D 254 30.62 25.47 27.70
C SER D 254 31.40 24.46 26.87
N LEU D 255 31.00 24.32 25.61
CA LEU D 255 31.68 23.45 24.67
C LEU D 255 32.84 24.19 24.00
N CYS D 256 33.92 23.47 23.71
CA CYS D 256 34.96 23.97 22.84
C CYS D 256 34.47 23.84 21.38
N ASP D 257 35.32 24.17 20.42
CA ASP D 257 34.94 24.07 19.00
C ASP D 257 34.66 22.63 18.62
N LEU D 258 33.72 22.45 17.71
CA LEU D 258 33.36 21.12 17.23
C LEU D 258 33.97 20.90 15.84
N PRO D 259 34.61 19.76 15.63
CA PRO D 259 35.23 19.50 14.34
C PRO D 259 34.21 19.28 13.23
N PRO D 260 34.58 19.54 11.96
CA PRO D 260 33.66 19.35 10.83
C PRO D 260 33.26 17.89 10.61
N SER D 261 34.07 16.96 11.10
CA SER D 261 33.78 15.53 10.99
C SER D 261 32.63 15.06 11.87
N LEU D 262 32.22 15.89 12.83
CA LEU D 262 31.17 15.52 13.79
C LEU D 262 29.80 15.40 13.13
N VAL D 263 29.19 14.23 13.29
CA VAL D 263 27.89 13.88 12.70
C VAL D 263 26.77 13.68 13.72
N ASP D 264 27.13 13.44 14.98
CA ASP D 264 26.17 13.12 16.02
C ASP D 264 26.65 13.65 17.37
N LEU D 265 25.91 14.60 17.92
CA LEU D 265 26.29 15.27 19.16
C LEU D 265 25.18 15.11 20.20
N ASN D 266 25.57 14.82 21.44
CA ASN D 266 24.63 14.76 22.55
C ASN D 266 25.21 15.37 23.81
N VAL D 267 24.66 16.51 24.20
CA VAL D 267 25.13 17.28 25.31
C VAL D 267 23.94 17.59 26.21
N ARG D 268 23.02 16.64 26.28
CA ARG D 268 21.85 16.72 27.13
C ARG D 268 22.23 16.81 28.62
N LYS D 269 21.42 17.52 29.39
CA LYS D 269 21.56 17.56 30.86
C LYS D 269 22.94 18.05 31.28
N ASN D 270 23.29 19.26 30.87
CA ASN D 270 24.51 19.93 31.27
C ASN D 270 24.18 21.34 31.73
N GLN D 271 25.19 22.20 31.85
CA GLN D 271 24.97 23.57 32.32
C GLN D 271 25.21 24.61 31.19
N LEU D 272 24.87 24.25 29.96
CA LEU D 272 25.16 25.13 28.82
C LEU D 272 24.26 26.35 28.74
N ILE D 273 24.87 27.50 28.46
CA ILE D 273 24.14 28.74 28.20
C ILE D 273 24.02 28.98 26.69
N GLU D 274 24.98 28.48 25.91
CA GLU D 274 24.91 28.54 24.44
C GLU D 274 25.71 27.42 23.81
N LEU D 275 25.39 27.09 22.56
CA LEU D 275 26.18 26.16 21.77
C LEU D 275 27.11 26.93 20.85
N PRO D 276 28.28 26.35 20.52
CA PRO D 276 29.15 26.94 19.50
C PRO D 276 28.67 26.58 18.10
N ALA D 277 29.35 27.09 17.08
CA ALA D 277 28.95 26.88 15.70
C ALA D 277 28.90 25.39 15.39
N LEU D 278 27.78 24.93 14.87
CA LEU D 278 27.60 23.52 14.55
C LEU D 278 28.29 23.22 13.23
N PRO D 279 28.91 22.03 13.13
CA PRO D 279 29.59 21.69 11.88
C PRO D 279 28.60 21.38 10.76
N PRO D 280 29.01 21.56 9.49
CA PRO D 280 28.12 21.40 8.35
C PRO D 280 27.50 20.01 8.23
N ASP D 281 28.26 18.97 8.55
CA ASP D 281 27.81 17.60 8.35
C ASP D 281 27.06 16.98 9.54
N LEU D 282 26.69 17.81 10.53
CA LEU D 282 25.94 17.34 11.68
C LEU D 282 24.54 16.88 11.27
N GLU D 283 24.14 15.70 11.74
CA GLU D 283 22.83 15.12 11.44
C GLU D 283 21.91 14.93 12.66
N ARG D 284 22.49 14.87 13.86
CA ARG D 284 21.72 14.56 15.08
C ARG D 284 22.23 15.43 16.23
N LEU D 285 21.40 16.35 16.71
CA LEU D 285 21.77 17.21 17.84
C LEU D 285 20.79 17.01 18.99
N ILE D 286 21.32 16.63 20.15
CA ILE D 286 20.54 16.55 21.38
C ILE D 286 21.16 17.56 22.33
N ALA D 287 20.42 18.61 22.67
CA ALA D 287 20.90 19.62 23.63
C ALA D 287 19.85 19.94 24.68
N SER D 288 19.14 18.91 25.14
CA SER D 288 18.05 19.07 26.10
C SER D 288 18.58 19.44 27.48
N PHE D 289 17.65 19.73 28.40
CA PHE D 289 17.98 19.97 29.80
C PHE D 289 19.22 20.83 29.98
N ASN D 290 19.23 22.01 29.38
CA ASN D 290 20.31 22.98 29.58
C ASN D 290 19.70 24.33 29.90
N HIS D 291 20.46 25.41 29.71
CA HIS D 291 19.94 26.76 29.89
C HIS D 291 20.18 27.59 28.63
N LEU D 292 19.76 27.04 27.50
CA LEU D 292 19.97 27.66 26.20
C LEU D 292 19.00 28.80 25.97
N ALA D 293 19.53 29.98 25.67
CA ALA D 293 18.74 31.15 25.30
C ALA D 293 18.35 31.10 23.81
N GLU D 294 19.20 30.48 22.99
CA GLU D 294 18.94 30.35 21.56
C GLU D 294 19.85 29.30 20.93
N LEU D 295 19.46 28.80 19.76
CA LEU D 295 20.32 27.90 19.02
C LEU D 295 21.11 28.67 17.98
N PRO D 296 22.34 28.22 17.65
CA PRO D 296 23.03 28.79 16.50
C PRO D 296 22.39 28.32 15.20
N GLU D 297 22.83 28.87 14.07
CA GLU D 297 22.21 28.52 12.79
C GLU D 297 22.42 27.02 12.55
N LEU D 298 21.35 26.35 12.14
CA LEU D 298 21.33 24.91 12.03
C LEU D 298 21.91 24.48 10.68
N PRO D 299 22.76 23.45 10.67
CA PRO D 299 23.37 23.01 9.41
C PRO D 299 22.38 22.37 8.43
N PRO D 300 22.73 22.37 7.12
CA PRO D 300 21.82 21.90 6.07
C PRO D 300 21.38 20.45 6.20
N ASN D 301 22.20 19.61 6.84
CA ASN D 301 21.91 18.17 6.89
C ASN D 301 21.33 17.68 8.21
N LEU D 302 21.00 18.59 9.12
CA LEU D 302 20.46 18.22 10.42
C LEU D 302 19.08 17.58 10.27
N SER D 303 18.92 16.37 10.80
CA SER D 303 17.69 15.58 10.63
C SER D 303 16.92 15.29 11.92
N TYR D 304 17.62 15.30 13.06
CA TYR D 304 16.98 15.11 14.36
C TYR D 304 17.48 16.21 15.30
N LEU D 305 16.55 16.94 15.91
CA LEU D 305 16.88 18.00 16.85
C LEU D 305 16.01 17.90 18.10
N ASP D 306 16.65 17.75 19.25
CA ASP D 306 15.98 17.80 20.55
C ASP D 306 16.65 18.89 21.38
N ALA D 307 16.03 20.07 21.38
CA ALA D 307 16.48 21.19 22.21
C ALA D 307 15.44 21.49 23.31
N SER D 308 14.84 20.44 23.86
CA SER D 308 13.79 20.61 24.86
C SER D 308 14.36 21.03 26.22
N ARG D 309 13.47 21.35 27.15
CA ARG D 309 13.85 21.69 28.53
C ARG D 309 14.99 22.72 28.54
N ASN D 310 14.77 23.85 27.89
CA ASN D 310 15.73 24.95 27.85
C ASN D 310 14.96 26.24 28.15
N GLU D 311 15.53 27.39 27.80
CA GLU D 311 14.80 28.65 27.85
C GLU D 311 15.00 29.43 26.56
N ILE D 312 14.70 28.78 25.45
CA ILE D 312 14.83 29.38 24.12
C ILE D 312 13.59 30.24 23.85
N SER D 313 13.79 31.51 23.51
CA SER D 313 12.67 32.41 23.26
C SER D 313 12.39 32.58 21.76
N SER D 314 13.37 32.26 20.92
CA SER D 314 13.26 32.45 19.49
C SER D 314 13.93 31.30 18.75
N LEU D 315 13.21 30.69 17.82
CA LEU D 315 13.73 29.56 17.05
C LEU D 315 14.07 29.99 15.62
N CYS D 316 15.34 29.85 15.26
CA CYS D 316 15.84 30.27 13.94
C CYS D 316 15.35 29.36 12.80
N ASP D 317 15.74 29.68 11.57
CA ASP D 317 15.32 28.92 10.38
C ASP D 317 15.63 27.43 10.49
N LEU D 318 14.66 26.59 10.18
CA LEU D 318 14.83 25.15 10.24
C LEU D 318 15.15 24.60 8.85
N PRO D 319 16.22 23.80 8.75
CA PRO D 319 16.61 23.30 7.44
C PRO D 319 15.67 22.20 6.95
N PRO D 320 15.56 22.04 5.62
CA PRO D 320 14.58 21.13 5.01
C PRO D 320 14.85 19.66 5.32
N SER D 321 16.09 19.34 5.62
CA SER D 321 16.50 17.98 5.98
C SER D 321 15.88 17.48 7.30
N LEU D 322 15.39 18.41 8.12
CA LEU D 322 14.83 18.10 9.44
C LEU D 322 13.59 17.20 9.38
N VAL D 323 13.57 16.17 10.20
CA VAL D 323 12.49 15.18 10.26
C VAL D 323 11.85 15.04 11.63
N ASP D 324 12.65 15.21 12.68
CA ASP D 324 12.21 15.01 14.06
C ASP D 324 12.61 16.23 14.88
N LEU D 325 11.64 17.01 15.34
CA LEU D 325 11.93 18.24 16.07
C LEU D 325 11.22 18.22 17.41
N ASN D 326 11.99 18.50 18.46
CA ASN D 326 11.45 18.60 19.81
C ASN D 326 11.96 19.84 20.52
N VAL D 327 11.05 20.74 20.84
CA VAL D 327 11.37 21.97 21.53
C VAL D 327 10.45 22.13 22.73
N ARG D 328 10.06 21.02 23.35
CA ARG D 328 9.22 21.07 24.52
C ARG D 328 9.87 21.91 25.61
N LYS D 329 9.05 22.68 26.31
CA LYS D 329 9.48 23.42 27.49
C LYS D 329 10.57 24.45 27.17
N ASN D 330 10.14 25.53 26.53
CA ASN D 330 10.98 26.68 26.24
C ASN D 330 10.11 27.94 26.37
N GLN D 331 10.60 29.08 25.87
CA GLN D 331 9.89 30.37 25.92
C GLN D 331 9.38 30.79 24.54
N LEU D 332 8.93 29.84 23.74
CA LEU D 332 8.54 30.16 22.35
C LEU D 332 7.16 30.81 22.27
N ILE D 333 7.07 31.91 21.53
CA ILE D 333 5.79 32.56 21.23
C ILE D 333 5.32 32.20 19.82
N GLU D 334 6.25 31.76 18.97
CA GLU D 334 5.93 31.34 17.62
C GLU D 334 6.92 30.34 17.09
N LEU D 335 6.45 29.42 16.23
CA LEU D 335 7.37 28.54 15.52
C LEU D 335 7.61 29.13 14.13
N PRO D 336 8.80 28.89 13.56
CA PRO D 336 9.04 29.29 12.18
C PRO D 336 8.44 28.29 11.21
N ALA D 337 8.63 28.52 9.90
CA ALA D 337 8.06 27.65 8.88
C ALA D 337 8.62 26.25 9.04
N LEU D 338 7.73 25.27 9.10
CA LEU D 338 8.12 23.89 9.34
C LEU D 338 8.55 23.24 8.04
N PRO D 339 9.73 22.61 8.03
CA PRO D 339 10.24 22.02 6.80
C PRO D 339 9.39 20.85 6.31
N PRO D 340 9.37 20.62 4.98
CA PRO D 340 8.42 19.71 4.34
C PRO D 340 8.53 18.24 4.79
N ASP D 341 9.75 17.77 5.01
CA ASP D 341 9.97 16.37 5.37
C ASP D 341 9.82 16.07 6.86
N LEU D 342 9.28 17.03 7.63
CA LEU D 342 9.07 16.84 9.06
C LEU D 342 8.01 15.77 9.32
N GLU D 343 8.30 14.88 10.27
CA GLU D 343 7.42 13.75 10.60
C GLU D 343 6.91 13.77 12.05
N ARG D 344 7.76 14.18 12.98
CA ARG D 344 7.40 14.33 14.39
C ARG D 344 7.72 15.72 14.88
N LEU D 345 6.69 16.43 15.35
CA LEU D 345 6.87 17.72 16.00
C LEU D 345 6.38 17.66 17.43
N ILE D 346 7.23 18.07 18.35
CA ILE D 346 6.86 18.23 19.75
C ILE D 346 7.19 19.66 20.14
N ALA D 347 6.15 20.48 20.30
CA ALA D 347 6.32 21.87 20.71
C ALA D 347 5.50 22.19 21.95
N SER D 348 5.26 21.17 22.77
CA SER D 348 4.46 21.34 23.98
C SER D 348 5.17 22.23 25.00
N PHE D 349 4.39 22.81 25.91
CA PHE D 349 4.92 23.63 27.00
C PHE D 349 5.73 24.82 26.48
N ASN D 350 5.07 25.69 25.74
CA ASN D 350 5.63 26.97 25.34
C ASN D 350 4.52 28.03 25.50
N HIS D 351 4.62 29.14 24.78
CA HIS D 351 3.55 30.14 24.77
C HIS D 351 3.06 30.40 23.37
N LEU D 352 2.72 29.33 22.68
CA LEU D 352 2.21 29.43 21.31
C LEU D 352 0.74 29.80 21.28
N ALA D 353 0.41 30.75 20.40
CA ALA D 353 -0.98 31.13 20.15
C ALA D 353 -1.54 30.40 18.93
N GLU D 354 -0.65 29.94 18.05
CA GLU D 354 -1.05 29.19 16.87
C GLU D 354 0.12 28.44 16.28
N LEU D 355 -0.17 27.45 15.44
CA LEU D 355 0.87 26.68 14.78
C LEU D 355 1.02 27.13 13.32
N PRO D 356 2.25 27.08 12.78
CA PRO D 356 2.43 27.28 11.35
C PRO D 356 1.70 26.22 10.53
N GLU D 357 1.66 26.40 9.21
CA GLU D 357 1.03 25.40 8.36
C GLU D 357 1.78 24.08 8.51
N LEU D 358 1.05 23.02 8.85
CA LEU D 358 1.66 21.72 9.08
C LEU D 358 2.06 21.06 7.77
N PRO D 359 3.30 20.58 7.67
CA PRO D 359 3.73 19.91 6.46
C PRO D 359 2.97 18.60 6.24
N PRO D 360 2.94 18.10 5.00
CA PRO D 360 2.03 17.01 4.62
C PRO D 360 2.53 15.61 4.96
N ASN D 361 3.71 15.50 5.54
CA ASN D 361 4.24 14.20 5.97
C ASN D 361 4.25 14.02 7.49
N LEU D 362 3.67 14.97 8.21
CA LEU D 362 3.66 14.97 9.67
C LEU D 362 2.74 13.86 10.21
N SER D 363 3.31 12.93 10.95
CA SER D 363 2.57 11.79 11.51
C SER D 363 2.25 11.95 13.01
N TYR D 364 3.12 12.66 13.72
CA TYR D 364 2.96 12.85 15.17
C TYR D 364 3.08 14.33 15.50
N LEU D 365 2.10 14.85 16.23
CA LEU D 365 2.10 16.24 16.63
C LEU D 365 1.67 16.38 18.07
N ASP D 366 2.53 16.97 18.87
CA ASP D 366 2.23 17.29 20.26
C ASP D 366 2.47 18.77 20.50
N ALA D 367 1.37 19.52 20.61
CA ALA D 367 1.44 20.95 20.89
C ALA D 367 0.65 21.28 22.16
N SER D 368 0.70 20.39 23.13
CA SER D 368 -0.05 20.58 24.36
C SER D 368 0.58 21.65 25.26
N ARG D 369 -0.21 22.14 26.21
CA ARG D 369 0.25 23.10 27.19
C ARG D 369 0.84 24.32 26.49
N ASN D 370 0.03 24.92 25.62
CA ASN D 370 0.32 26.24 25.07
C ASN D 370 -0.93 27.11 25.29
N GLU D 371 -1.03 28.21 24.57
CA GLU D 371 -2.25 29.02 24.59
C GLU D 371 -2.79 29.13 23.18
N ILE D 372 -3.01 27.97 22.56
CA ILE D 372 -3.48 27.89 21.18
C ILE D 372 -4.99 28.03 21.14
N SER D 373 -5.48 29.01 20.36
CA SER D 373 -6.89 29.34 20.31
C SER D 373 -7.64 28.59 19.21
N SER D 374 -6.95 28.29 18.10
CA SER D 374 -7.51 27.38 17.10
C SER D 374 -6.43 26.63 16.32
N LEU D 375 -6.81 25.48 15.77
CA LEU D 375 -5.88 24.64 15.03
C LEU D 375 -6.04 24.83 13.53
N CYS D 376 -4.91 25.07 12.87
CA CYS D 376 -4.86 25.04 11.41
C CYS D 376 -5.25 23.64 10.94
N ASP D 377 -5.50 23.50 9.63
CA ASP D 377 -5.87 22.22 9.05
C ASP D 377 -4.81 21.15 9.30
N LEU D 378 -5.27 19.93 9.53
CA LEU D 378 -4.41 18.81 9.84
C LEU D 378 -4.18 17.97 8.60
N PRO D 379 -2.91 17.61 8.30
CA PRO D 379 -2.64 16.75 7.14
C PRO D 379 -3.14 15.32 7.36
N PRO D 380 -3.51 14.62 6.25
CA PRO D 380 -4.01 13.24 6.31
C PRO D 380 -2.98 12.22 6.83
N SER D 381 -1.70 12.56 6.69
CA SER D 381 -0.60 11.74 7.21
C SER D 381 -0.57 11.63 8.74
N LEU D 382 -1.33 12.48 9.42
CA LEU D 382 -1.31 12.55 10.87
C LEU D 382 -1.98 11.34 11.51
N VAL D 383 -1.25 10.71 12.44
CA VAL D 383 -1.70 9.54 13.19
C VAL D 383 -1.94 9.81 14.67
N GLU D 384 -1.13 10.69 15.27
CA GLU D 384 -1.22 10.99 16.69
C GLU D 384 -1.24 12.50 16.94
N LEU D 385 -2.29 12.97 17.61
CA LEU D 385 -2.47 14.39 17.89
C LEU D 385 -2.69 14.62 19.39
N ASP D 386 -1.82 15.43 19.99
CA ASP D 386 -1.96 15.82 21.38
C ASP D 386 -1.98 17.34 21.51
N VAL D 387 -3.15 17.87 21.88
CA VAL D 387 -3.31 19.31 22.06
C VAL D 387 -4.00 19.63 23.38
N ARG D 388 -3.79 18.80 24.41
CA ARG D 388 -4.38 19.04 25.71
C ARG D 388 -3.86 20.35 26.27
N ASP D 389 -4.65 20.97 27.15
CA ASP D 389 -4.24 22.21 27.83
C ASP D 389 -3.91 23.31 26.82
N ASN D 390 -4.96 23.80 26.16
CA ASN D 390 -4.86 24.90 25.23
C ASN D 390 -6.17 25.67 25.30
N GLN D 391 -6.30 26.70 24.46
CA GLN D 391 -7.48 27.54 24.44
C GLN D 391 -8.43 27.21 23.29
N LEU D 392 -8.66 25.93 23.02
CA LEU D 392 -9.47 25.54 21.88
C LEU D 392 -10.95 25.47 22.22
N ILE D 393 -11.79 25.98 21.30
CA ILE D 393 -13.24 25.79 21.38
C ILE D 393 -13.75 24.80 20.34
N GLU D 394 -12.95 24.54 19.31
CA GLU D 394 -13.30 23.52 18.33
C GLU D 394 -12.07 22.92 17.67
N LEU D 395 -12.23 21.70 17.17
CA LEU D 395 -11.17 21.03 16.45
C LEU D 395 -11.48 21.03 14.97
N PRO D 396 -10.45 21.12 14.12
CA PRO D 396 -10.71 21.00 12.69
C PRO D 396 -11.08 19.58 12.31
N ALA D 397 -11.51 19.38 11.07
CA ALA D 397 -11.84 18.06 10.57
C ALA D 397 -10.65 17.16 10.82
N LEU D 398 -10.93 15.96 11.30
CA LEU D 398 -9.89 15.04 11.72
C LEU D 398 -9.48 14.15 10.55
N PRO D 399 -8.17 14.03 10.29
CA PRO D 399 -7.74 13.12 9.22
C PRO D 399 -8.19 11.69 9.48
N PRO D 400 -8.37 10.90 8.41
CA PRO D 400 -8.98 9.58 8.54
C PRO D 400 -8.07 8.51 9.14
N HIS D 401 -6.75 8.72 9.09
CA HIS D 401 -5.80 7.74 9.60
C HIS D 401 -5.30 8.07 11.01
N LEU D 402 -6.03 8.94 11.69
CA LEU D 402 -5.72 9.30 13.06
C LEU D 402 -6.05 8.12 13.96
N GLU D 403 -5.11 7.77 14.83
CA GLU D 403 -5.30 6.70 15.80
C GLU D 403 -5.43 7.19 17.23
N ARG D 404 -4.80 8.32 17.57
CA ARG D 404 -4.83 8.86 18.93
C ARG D 404 -5.15 10.36 18.92
N LEU D 405 -6.21 10.73 19.64
CA LEU D 405 -6.61 12.13 19.79
C LEU D 405 -6.72 12.49 21.25
N ILE D 406 -5.83 13.36 21.70
CA ILE D 406 -5.82 13.82 23.09
C ILE D 406 -6.01 15.33 23.08
N ALA D 407 -7.18 15.76 23.54
CA ALA D 407 -7.55 17.18 23.51
C ALA D 407 -8.26 17.59 24.78
N SER D 408 -7.89 16.96 25.89
CA SER D 408 -8.48 17.27 27.17
C SER D 408 -7.98 18.62 27.67
N LEU D 409 -8.65 19.18 28.68
CA LEU D 409 -8.32 20.51 29.22
C LEU D 409 -8.30 21.56 28.14
N ASN D 410 -9.44 21.74 27.50
CA ASN D 410 -9.65 22.82 26.53
C ASN D 410 -11.05 23.35 26.80
N HIS D 411 -11.61 24.12 25.86
CA HIS D 411 -12.97 24.63 26.00
C HIS D 411 -13.87 24.10 24.88
N LEU D 412 -13.60 22.88 24.42
CA LEU D 412 -14.34 22.32 23.30
C LEU D 412 -15.84 22.24 23.56
N ALA D 413 -16.62 22.73 22.61
CA ALA D 413 -18.08 22.65 22.68
C ALA D 413 -18.60 21.38 22.01
N GLU D 414 -17.85 20.89 21.03
CA GLU D 414 -18.13 19.58 20.41
C GLU D 414 -16.91 19.03 19.71
N VAL D 415 -16.89 17.72 19.52
CA VAL D 415 -15.80 17.06 18.82
C VAL D 415 -16.26 16.72 17.39
N PRO D 416 -15.39 16.94 16.39
CA PRO D 416 -15.69 16.54 15.03
C PRO D 416 -16.05 15.07 14.92
N GLU D 417 -16.65 14.67 13.81
CA GLU D 417 -16.91 13.26 13.56
C GLU D 417 -15.59 12.52 13.62
N LEU D 418 -15.57 11.40 14.35
CA LEU D 418 -14.33 10.68 14.64
C LEU D 418 -13.99 9.65 13.56
N PRO D 419 -12.71 9.59 13.16
CA PRO D 419 -12.20 8.57 12.26
C PRO D 419 -12.57 7.17 12.68
N GLN D 420 -12.77 6.30 11.69
CA GLN D 420 -13.36 4.98 11.92
C GLN D 420 -12.35 3.98 12.48
N ASN D 421 -11.07 4.34 12.47
CA ASN D 421 -10.04 3.50 13.06
C ASN D 421 -9.24 4.24 14.15
N LEU D 422 -9.96 5.02 14.95
CA LEU D 422 -9.38 5.71 16.10
C LEU D 422 -9.23 4.72 17.25
N LYS D 423 -8.09 4.75 17.91
CA LYS D 423 -7.81 3.84 19.03
C LYS D 423 -8.02 4.50 20.39
N GLN D 424 -7.65 5.78 20.49
CA GLN D 424 -7.65 6.50 21.76
C GLN D 424 -8.28 7.88 21.63
N LEU D 425 -9.26 8.17 22.48
CA LEU D 425 -9.90 9.48 22.55
C LEU D 425 -9.93 10.00 23.97
N HIS D 426 -9.15 11.05 24.23
CA HIS D 426 -9.06 11.68 25.54
C HIS D 426 -9.49 13.14 25.46
N VAL D 427 -10.70 13.41 25.94
CA VAL D 427 -11.27 14.76 25.87
C VAL D 427 -11.96 15.18 27.17
N GLU D 428 -11.40 14.74 28.30
CA GLU D 428 -11.85 15.17 29.61
C GLU D 428 -11.64 16.67 29.79
N HIS D 429 -12.41 17.26 30.70
CA HIS D 429 -12.26 18.68 31.03
C HIS D 429 -12.41 19.57 29.79
N ASN D 430 -13.64 19.62 29.30
CA ASN D 430 -14.00 20.43 28.14
C ASN D 430 -15.42 20.92 28.35
N ALA D 431 -16.00 21.59 27.35
CA ALA D 431 -17.35 22.13 27.45
C ALA D 431 -18.33 21.42 26.53
N LEU D 432 -18.21 20.10 26.38
CA LEU D 432 -18.98 19.41 25.36
C LEU D 432 -20.48 19.47 25.63
N ARG D 433 -21.20 20.11 24.72
CA ARG D 433 -22.65 20.16 24.74
C ARG D 433 -23.26 18.85 24.24
N GLU D 434 -22.59 18.21 23.29
CA GLU D 434 -22.98 16.91 22.78
C GLU D 434 -21.77 15.99 22.72
N PHE D 435 -21.92 14.75 23.17
CA PHE D 435 -20.86 13.76 23.04
C PHE D 435 -20.92 13.08 21.68
N PRO D 436 -19.75 12.85 21.05
CA PRO D 436 -19.70 12.24 19.73
C PRO D 436 -20.02 10.76 19.76
N ASP D 437 -20.33 10.21 18.60
CA ASP D 437 -20.47 8.76 18.46
C ASP D 437 -19.09 8.16 18.50
N ILE D 438 -18.95 7.10 19.29
CA ILE D 438 -17.67 6.45 19.52
C ILE D 438 -17.55 5.24 18.58
N PRO D 439 -16.55 5.26 17.67
CA PRO D 439 -16.28 4.11 16.82
C PRO D 439 -16.02 2.84 17.61
N GLU D 440 -16.30 1.69 17.00
CA GLU D 440 -16.04 0.41 17.67
C GLU D 440 -14.54 0.26 17.92
N SER D 441 -13.74 0.90 17.08
CA SER D 441 -12.28 0.81 17.13
C SER D 441 -11.63 1.38 18.39
N VAL D 442 -12.28 2.35 19.02
CA VAL D 442 -11.70 3.04 20.18
C VAL D 442 -11.69 2.11 21.39
N GLU D 443 -10.52 1.90 21.95
CA GLU D 443 -10.34 0.99 23.08
C GLU D 443 -9.99 1.73 24.37
N ASP D 444 -9.45 2.95 24.25
CA ASP D 444 -9.10 3.77 25.41
C ASP D 444 -9.84 5.12 25.36
N LEU D 445 -10.98 5.20 26.03
CA LEU D 445 -11.82 6.40 26.00
C LEU D 445 -11.88 7.09 27.35
N ARG D 446 -11.61 8.39 27.34
CA ARG D 446 -11.82 9.24 28.51
C ARG D 446 -12.58 10.47 28.07
N MET D 447 -13.79 10.65 28.57
CA MET D 447 -14.48 11.90 28.34
C MET D 447 -15.42 12.33 29.47
N ASP D 448 -15.46 13.63 29.70
CA ASP D 448 -16.20 14.14 30.86
C ASP D 448 -17.69 14.32 30.58
#